data_8UNH
#
_entry.id   8UNH
#
_cell.length_a   1.00
_cell.length_b   1.00
_cell.length_c   1.00
_cell.angle_alpha   90.00
_cell.angle_beta   90.00
_cell.angle_gamma   90.00
#
_symmetry.space_group_name_H-M   'P 1'
#
loop_
_entity.id
_entity.type
_entity.pdbx_description
1 polymer 'Sliding-clamp-loader large subunit'
2 polymer 'Sliding-clamp-loader small subunit'
3 polymer 'Sliding clamp'
4 non-polymer 'PHOSPHOTHIOPHOSPHORIC ACID-ADENYLATE ESTER'
5 non-polymer 'MAGNESIUM ION'
#
loop_
_entity_poly.entity_id
_entity_poly.type
_entity_poly.pdbx_seq_one_letter_code
_entity_poly.pdbx_strand_id
1 'polypeptide(L)'
;MITVNEKEHILEQKYRPSTIDECILPAFDKETFKSITSKGKIPHIILHSPSPGTGKTTVAKALCHDVNADMMFVNGSDCK
IDFVRGPLTNFASAASFDGRQKVIVIDEFDRSGLAESQRHLRSFMEAYSSNCSIIITANNIDGIIKPLQSRCRVITFGQP
TDEDKIEMMKQMIRRLTEICKHEGIAIADMKVVAALVKKNFPDFRKTIGELDSYSSKGVLDAGILSLVTNDRGAIDDVLE
SLKNKDVKQLRALAPKYAADYSWFVGKLAEEIYSRVTPQSIIRMYEIVGENNQYHGIAANTELHLAYLFIQLACEMQWK
;
B,E,C,D
2 'polypeptide(L)'
;MSLFKDDIQLNEHQVAWYSKDWTAVQSAADSFKEKAENEFFEIIGAINNKTKCSIAQKDYSKFMVENALSQFPECMPAVY
AMNLIGSGLSDEAHFNYLMAAVPRGKRYGKWAKLVEDSTEVLIIKLLAKRYQVNTNDAINYKSILTKNGKLPLVLKELKG
LVTDDFLKEVTKNVKEQKQLKKLALEW
;
A
3 'polypeptide(L)'
;MKLSKDTTALLKNFATINSGIMLKSGQFIMTRAVNGTTYAEANISDVIDFDVAIYDLNGFLGILSLVNDDAEISQSEDGN
IKIADARSTIFWPAADPSTVVAPNKPIPFPVASAVTEIKAEDLQQLLRVSRGLQIDTIAITVKEGKIVINGFNKVEDSAL
TRVKYSLTLGDYDGENTFNFIINMANMKMQPGNYKLLLWAKGKQGAAKFEGEHANYVVALEADSTHDF
;
G,H,F
#
loop_
_chem_comp.id
_chem_comp.type
_chem_comp.name
_chem_comp.formula
AGS non-polymer 'PHOSPHOTHIOPHOSPHORIC ACID-ADENYLATE ESTER' 'C10 H16 N5 O12 P3 S'
MG non-polymer 'MAGNESIUM ION' 'Mg 2'
#
# COMPACT_ATOMS: atom_id res chain seq x y z
N MET A 1 -31.66 -31.59 -33.80
CA MET A 1 -31.51 -30.17 -34.08
C MET A 1 -30.56 -29.51 -33.09
N ILE A 2 -29.70 -30.32 -32.47
CA ILE A 2 -28.75 -29.80 -31.50
C ILE A 2 -27.65 -29.04 -32.22
N THR A 3 -27.41 -27.80 -31.79
CA THR A 3 -26.40 -26.94 -32.40
C THR A 3 -25.05 -27.26 -31.77
N VAL A 4 -24.12 -27.75 -32.58
CA VAL A 4 -22.80 -28.14 -32.10
C VAL A 4 -21.81 -27.02 -32.42
N ASN A 5 -21.10 -26.55 -31.40
CA ASN A 5 -20.12 -25.49 -31.61
C ASN A 5 -19.00 -25.97 -32.53
N GLU A 6 -18.54 -27.21 -32.36
CA GLU A 6 -17.55 -27.85 -33.21
C GLU A 6 -16.17 -27.22 -33.11
N LYS A 7 -15.92 -26.37 -32.10
CA LYS A 7 -14.63 -25.72 -31.97
C LYS A 7 -14.13 -25.66 -30.53
N GLU A 8 -14.59 -26.57 -29.67
CA GLU A 8 -14.17 -26.57 -28.27
C GLU A 8 -13.84 -28.00 -27.86
N HIS A 9 -12.98 -28.11 -26.83
CA HIS A 9 -12.58 -29.39 -26.28
C HIS A 9 -13.46 -29.83 -25.12
N ILE A 10 -14.51 -29.07 -24.81
CA ILE A 10 -15.43 -29.39 -23.72
C ILE A 10 -16.82 -29.56 -24.31
N LEU A 11 -17.53 -30.61 -23.88
CA LEU A 11 -18.86 -30.85 -24.40
C LEU A 11 -19.81 -29.70 -24.09
N GLU A 12 -19.69 -29.12 -22.89
CA GLU A 12 -20.62 -28.05 -22.52
C GLU A 12 -20.58 -26.91 -23.51
N GLN A 13 -19.37 -26.45 -23.86
CA GLN A 13 -19.25 -25.41 -24.88
C GLN A 13 -19.49 -25.97 -26.28
N LYS A 14 -19.23 -27.26 -26.47
CA LYS A 14 -19.44 -27.86 -27.79
C LYS A 14 -20.92 -27.95 -28.13
N TYR A 15 -21.75 -28.27 -27.15
CA TYR A 15 -23.17 -28.50 -27.40
C TYR A 15 -24.04 -27.48 -26.66
N ARG A 16 -23.50 -26.31 -26.38
CA ARG A 16 -24.28 -25.28 -25.70
C ARG A 16 -25.45 -24.86 -26.58
N PRO A 17 -26.61 -24.58 -25.98
CA PRO A 17 -27.77 -24.20 -26.80
C PRO A 17 -27.49 -22.95 -27.60
N SER A 18 -28.02 -22.92 -28.82
CA SER A 18 -27.82 -21.79 -29.73
C SER A 18 -29.01 -20.85 -29.77
N THR A 19 -30.10 -21.18 -29.08
CA THR A 19 -31.31 -20.35 -29.12
C THR A 19 -32.14 -20.65 -27.88
N ILE A 20 -33.11 -19.77 -27.62
CA ILE A 20 -34.00 -19.96 -26.49
C ILE A 20 -34.91 -21.15 -26.72
N ASP A 21 -35.35 -21.36 -27.96
CA ASP A 21 -36.24 -22.48 -28.25
C ASP A 21 -35.58 -23.81 -27.91
N GLU A 22 -34.33 -23.99 -28.34
CA GLU A 22 -33.59 -25.21 -28.05
C GLU A 22 -32.79 -25.08 -26.76
N CYS A 23 -33.45 -24.63 -25.70
CA CYS A 23 -32.80 -24.34 -24.44
C CYS A 23 -33.43 -25.05 -23.24
N ILE A 24 -34.62 -25.63 -23.39
CA ILE A 24 -35.28 -26.41 -22.35
C ILE A 24 -35.29 -25.65 -21.01
N LEU A 25 -36.45 -25.13 -20.64
CA LEU A 25 -36.58 -24.40 -19.39
C LEU A 25 -38.03 -24.51 -18.89
N PRO A 26 -38.32 -23.99 -17.70
CA PRO A 26 -39.73 -23.92 -17.28
C PRO A 26 -40.54 -23.11 -18.27
N ALA A 27 -41.80 -23.50 -18.45
CA ALA A 27 -42.62 -22.91 -19.49
C ALA A 27 -42.76 -21.41 -19.32
N PHE A 28 -42.99 -20.95 -18.09
CA PHE A 28 -43.19 -19.53 -17.86
C PHE A 28 -41.95 -18.72 -18.24
N ASP A 29 -40.78 -19.19 -17.82
CA ASP A 29 -39.54 -18.47 -18.14
C ASP A 29 -39.27 -18.47 -19.63
N LYS A 30 -39.49 -19.60 -20.30
CA LYS A 30 -39.28 -19.66 -21.74
C LYS A 30 -40.24 -18.73 -22.47
N GLU A 31 -41.49 -18.67 -22.03
CA GLU A 31 -42.45 -17.75 -22.63
C GLU A 31 -42.02 -16.30 -22.42
N THR A 32 -41.54 -15.98 -21.22
CA THR A 32 -41.07 -14.62 -20.96
C THR A 32 -39.90 -14.26 -21.86
N PHE A 33 -38.94 -15.18 -22.01
CA PHE A 33 -37.79 -14.93 -22.89
C PHE A 33 -38.24 -14.79 -24.34
N LYS A 34 -39.21 -15.61 -24.77
CA LYS A 34 -39.73 -15.49 -26.12
C LYS A 34 -40.38 -14.13 -26.35
N SER A 35 -41.15 -13.65 -25.37
CA SER A 35 -41.76 -12.33 -25.50
C SER A 35 -40.68 -11.25 -25.56
N ILE A 36 -39.65 -11.38 -24.72
CA ILE A 36 -38.56 -10.40 -24.72
C ILE A 36 -37.92 -10.33 -26.10
N THR A 37 -37.63 -11.49 -26.68
CA THR A 37 -37.03 -11.51 -28.01
C THR A 37 -37.99 -10.99 -29.07
N SER A 38 -39.28 -11.30 -28.93
CA SER A 38 -40.26 -10.85 -29.92
C SER A 38 -40.42 -9.34 -29.92
N LYS A 39 -40.26 -8.70 -28.75
CA LYS A 39 -40.34 -7.25 -28.72
C LYS A 39 -39.24 -6.59 -29.54
N GLY A 40 -38.19 -7.33 -29.89
CA GLY A 40 -37.16 -6.81 -30.77
C GLY A 40 -35.98 -6.19 -30.04
N LYS A 41 -36.25 -5.27 -29.12
CA LYS A 41 -35.20 -4.58 -28.38
C LYS A 41 -34.99 -5.28 -27.05
N ILE A 42 -33.75 -5.67 -26.77
CA ILE A 42 -33.39 -6.30 -25.51
C ILE A 42 -33.04 -5.18 -24.52
N PRO A 43 -33.82 -4.99 -23.47
CA PRO A 43 -33.51 -3.94 -22.49
C PRO A 43 -32.45 -4.43 -21.52
N HIS A 44 -32.14 -3.60 -20.53
CA HIS A 44 -31.25 -4.02 -19.47
C HIS A 44 -31.90 -5.16 -18.70
N ILE A 45 -31.14 -6.22 -18.45
CA ILE A 45 -31.66 -7.41 -17.80
C ILE A 45 -30.59 -7.97 -16.87
N ILE A 46 -31.01 -8.41 -15.68
CA ILE A 46 -30.15 -9.15 -14.77
C ILE A 46 -30.72 -10.56 -14.69
N LEU A 47 -29.97 -11.53 -15.20
CA LEU A 47 -30.44 -12.91 -15.24
C LEU A 47 -30.14 -13.57 -13.90
N HIS A 48 -31.16 -13.79 -13.10
CA HIS A 48 -31.02 -14.34 -11.77
C HIS A 48 -31.37 -15.82 -11.79
N SER A 49 -30.42 -16.66 -11.41
CA SER A 49 -30.59 -18.12 -11.36
C SER A 49 -30.19 -18.60 -9.97
N PRO A 50 -31.13 -18.63 -9.02
CA PRO A 50 -30.76 -19.03 -7.65
C PRO A 50 -30.14 -20.42 -7.58
N SER A 51 -30.61 -21.36 -8.40
CA SER A 51 -30.09 -22.72 -8.38
C SER A 51 -28.91 -22.81 -9.34
N PRO A 52 -27.70 -23.07 -8.85
CA PRO A 52 -26.54 -23.10 -9.76
C PRO A 52 -26.63 -24.24 -10.76
N GLY A 53 -26.00 -24.01 -11.91
CA GLY A 53 -25.98 -24.99 -12.98
C GLY A 53 -27.14 -24.93 -13.93
N THR A 54 -28.21 -24.22 -13.60
CA THR A 54 -29.37 -24.18 -14.49
C THR A 54 -29.03 -23.51 -15.81
N GLY A 55 -28.07 -22.60 -15.81
CA GLY A 55 -27.60 -21.96 -17.02
C GLY A 55 -28.16 -20.58 -17.23
N LYS A 56 -27.39 -19.56 -16.88
CA LYS A 56 -27.77 -18.17 -17.13
C LYS A 56 -26.92 -17.57 -18.23
N THR A 57 -25.65 -17.95 -18.30
CA THR A 57 -24.81 -17.54 -19.43
C THR A 57 -25.39 -18.04 -20.74
N THR A 58 -25.84 -19.30 -20.76
CA THR A 58 -26.45 -19.84 -21.97
C THR A 58 -27.71 -19.07 -22.34
N VAL A 59 -28.53 -18.72 -21.36
CA VAL A 59 -29.76 -18.00 -21.66
C VAL A 59 -29.46 -16.60 -22.18
N ALA A 60 -28.46 -15.92 -21.60
CA ALA A 60 -28.10 -14.59 -22.07
C ALA A 60 -27.58 -14.64 -23.50
N LYS A 61 -26.66 -15.57 -23.78
CA LYS A 61 -26.16 -15.70 -25.14
C LYS A 61 -27.26 -16.09 -26.11
N ALA A 62 -28.18 -16.95 -25.67
CA ALA A 62 -29.31 -17.34 -26.51
C ALA A 62 -30.20 -16.15 -26.83
N LEU A 63 -30.46 -15.30 -25.84
CA LEU A 63 -31.24 -14.08 -26.10
C LEU A 63 -30.54 -13.20 -27.11
N CYS A 64 -29.23 -12.99 -26.92
CA CYS A 64 -28.50 -12.10 -27.82
C CYS A 64 -28.50 -12.65 -29.24
N HIS A 65 -28.30 -13.96 -29.40
CA HIS A 65 -28.32 -14.56 -30.73
C HIS A 65 -29.72 -14.50 -31.34
N ASP A 66 -30.73 -14.83 -30.55
CA ASP A 66 -32.10 -14.89 -31.06
C ASP A 66 -32.58 -13.53 -31.51
N VAL A 67 -32.20 -12.46 -30.80
CA VAL A 67 -32.57 -11.11 -31.21
C VAL A 67 -31.58 -10.52 -32.21
N ASN A 68 -30.56 -11.27 -32.60
CA ASN A 68 -29.54 -10.84 -33.56
C ASN A 68 -28.67 -9.72 -33.01
N ALA A 69 -28.69 -9.49 -31.70
CA ALA A 69 -27.93 -8.39 -31.12
C ALA A 69 -26.43 -8.62 -31.30
N ASP A 70 -25.69 -7.52 -31.30
CA ASP A 70 -24.23 -7.56 -31.45
C ASP A 70 -23.60 -7.83 -30.08
N MET A 71 -23.70 -9.09 -29.66
CA MET A 71 -23.25 -9.48 -28.34
C MET A 71 -21.76 -9.24 -28.16
N MET A 72 -21.39 -8.77 -26.96
CA MET A 72 -20.00 -8.62 -26.54
C MET A 72 -19.88 -9.28 -25.17
N PHE A 73 -19.59 -10.58 -25.14
CA PHE A 73 -19.53 -11.32 -23.90
C PHE A 73 -18.25 -11.00 -23.15
N VAL A 74 -18.39 -10.57 -21.90
CA VAL A 74 -17.25 -10.29 -21.03
C VAL A 74 -17.48 -11.00 -19.70
N ASN A 75 -16.49 -11.77 -19.27
CA ASN A 75 -16.60 -12.46 -17.99
C ASN A 75 -16.65 -11.46 -16.86
N GLY A 76 -17.51 -11.73 -15.87
CA GLY A 76 -17.71 -10.77 -14.79
C GLY A 76 -16.42 -10.43 -14.07
N SER A 77 -15.64 -11.46 -13.72
CA SER A 77 -14.38 -11.21 -13.02
C SER A 77 -13.41 -10.42 -13.88
N ASP A 78 -13.55 -10.50 -15.21
CA ASP A 78 -12.70 -9.76 -16.13
C ASP A 78 -13.22 -8.37 -16.42
N CYS A 79 -14.41 -8.02 -15.92
CA CYS A 79 -14.97 -6.68 -16.11
C CYS A 79 -14.48 -5.74 -15.01
N LYS A 80 -13.17 -5.51 -15.00
CA LYS A 80 -12.58 -4.59 -14.06
C LYS A 80 -12.92 -3.15 -14.44
N ILE A 81 -12.49 -2.22 -13.59
CA ILE A 81 -12.75 -0.81 -13.85
C ILE A 81 -12.15 -0.39 -15.19
N ASP A 82 -10.92 -0.82 -15.46
CA ASP A 82 -10.26 -0.45 -16.70
C ASP A 82 -10.99 -1.04 -17.90
N PHE A 83 -11.51 -2.26 -17.76
CA PHE A 83 -12.27 -2.85 -18.85
C PHE A 83 -13.51 -2.04 -19.17
N VAL A 84 -14.23 -1.59 -18.13
CA VAL A 84 -15.42 -0.77 -18.36
C VAL A 84 -15.03 0.54 -19.02
N ARG A 85 -13.95 1.17 -18.55
CA ARG A 85 -13.56 2.46 -19.13
C ARG A 85 -13.04 2.30 -20.56
N GLY A 86 -12.49 1.15 -20.89
CA GLY A 86 -11.88 0.95 -22.19
C GLY A 86 -12.77 0.19 -23.14
N PRO A 87 -12.56 -1.12 -23.24
CA PRO A 87 -13.29 -1.91 -24.24
C PRO A 87 -14.80 -1.74 -24.18
N LEU A 88 -15.39 -1.61 -22.99
CA LEU A 88 -16.84 -1.44 -22.91
C LEU A 88 -17.29 -0.16 -23.60
N THR A 89 -16.62 0.95 -23.31
CA THR A 89 -16.96 2.21 -23.96
C THR A 89 -16.66 2.17 -25.45
N ASN A 90 -15.55 1.54 -25.84
CA ASN A 90 -15.21 1.43 -27.25
C ASN A 90 -16.28 0.65 -28.01
N PHE A 91 -16.85 -0.37 -27.37
CA PHE A 91 -17.90 -1.14 -28.02
C PHE A 91 -19.22 -0.37 -28.03
N ALA A 92 -19.54 0.31 -26.93
CA ALA A 92 -20.82 1.00 -26.85
C ALA A 92 -20.86 2.27 -27.68
N SER A 93 -19.70 2.81 -28.07
CA SER A 93 -19.61 4.03 -28.86
C SER A 93 -19.04 3.75 -30.25
N ALA A 94 -19.45 2.63 -30.85
CA ALA A 94 -19.04 2.27 -32.19
C ALA A 94 -20.27 2.26 -33.10
N ALA A 95 -20.12 2.85 -34.28
CA ALA A 95 -21.24 2.98 -35.20
C ALA A 95 -21.81 1.61 -35.56
N SER A 96 -23.06 1.35 -35.16
CA SER A 96 -23.73 0.10 -35.48
C SER A 96 -24.42 0.29 -36.84
N PHE A 97 -23.65 0.06 -37.91
CA PHE A 97 -24.14 0.25 -39.27
C PHE A 97 -24.78 -1.02 -39.85
N ASP A 98 -25.17 -1.95 -38.99
CA ASP A 98 -25.86 -3.17 -39.43
C ASP A 98 -27.25 -3.30 -38.87
N GLY A 99 -27.71 -2.34 -38.05
CA GLY A 99 -29.00 -2.45 -37.42
C GLY A 99 -29.07 -3.42 -36.27
N ARG A 100 -27.93 -3.97 -35.84
CA ARG A 100 -27.89 -4.92 -34.74
C ARG A 100 -27.67 -4.16 -33.44
N GLN A 101 -28.57 -4.35 -32.48
CA GLN A 101 -28.41 -3.74 -31.18
C GLN A 101 -27.12 -4.23 -30.53
N LYS A 102 -26.38 -3.31 -29.93
CA LYS A 102 -25.17 -3.67 -29.19
C LYS A 102 -25.57 -4.10 -27.79
N VAL A 103 -25.29 -5.34 -27.44
CA VAL A 103 -25.67 -5.91 -26.14
C VAL A 103 -24.41 -6.38 -25.43
N ILE A 104 -24.14 -5.80 -24.27
CA ILE A 104 -23.06 -6.27 -23.42
C ILE A 104 -23.61 -7.30 -22.46
N VAL A 105 -22.97 -8.47 -22.41
CA VAL A 105 -23.39 -9.56 -21.55
C VAL A 105 -22.32 -9.74 -20.49
N ILE A 106 -22.52 -9.13 -19.33
CA ILE A 106 -21.57 -9.25 -18.23
C ILE A 106 -21.97 -10.48 -17.42
N ASP A 107 -21.20 -11.56 -17.56
CA ASP A 107 -21.55 -12.83 -16.96
C ASP A 107 -20.98 -12.96 -15.56
N GLU A 108 -21.76 -13.53 -14.65
CA GLU A 108 -21.35 -13.74 -13.26
C GLU A 108 -20.80 -12.45 -12.67
N PHE A 109 -21.69 -11.46 -12.60
CA PHE A 109 -21.33 -10.11 -12.16
C PHE A 109 -21.51 -9.92 -10.66
N ASP A 110 -22.02 -10.92 -9.96
CA ASP A 110 -22.18 -10.86 -8.51
C ASP A 110 -21.00 -11.48 -7.78
N ARG A 111 -19.79 -11.04 -8.14
CA ARG A 111 -18.59 -11.55 -7.50
C ARG A 111 -18.28 -10.73 -6.26
N SER A 112 -17.08 -10.89 -5.71
CA SER A 112 -16.73 -10.24 -4.44
C SER A 112 -16.27 -8.81 -4.65
N GLY A 113 -15.19 -8.61 -5.40
CA GLY A 113 -14.65 -7.28 -5.58
C GLY A 113 -15.33 -6.43 -6.61
N LEU A 114 -16.38 -6.94 -7.25
CA LEU A 114 -17.05 -6.24 -8.35
C LEU A 114 -18.12 -5.30 -7.79
N ALA A 115 -17.65 -4.25 -7.12
CA ALA A 115 -18.52 -3.18 -6.64
C ALA A 115 -18.17 -1.85 -7.30
N GLU A 116 -16.91 -1.44 -7.26
CA GLU A 116 -16.49 -0.25 -7.96
C GLU A 116 -16.63 -0.39 -9.46
N SER A 117 -16.76 -1.62 -9.97
CA SER A 117 -17.06 -1.84 -11.37
C SER A 117 -18.56 -1.96 -11.61
N GLN A 118 -19.31 -2.46 -10.63
CA GLN A 118 -20.77 -2.55 -10.80
C GLN A 118 -21.40 -1.17 -10.82
N ARG A 119 -21.05 -0.31 -9.86
CA ARG A 119 -21.60 1.03 -9.86
C ARG A 119 -21.07 1.84 -11.04
N HIS A 120 -19.84 1.53 -11.46
CA HIS A 120 -19.29 2.17 -12.66
C HIS A 120 -20.07 1.78 -13.90
N LEU A 121 -20.45 0.51 -14.01
CA LEU A 121 -21.30 0.07 -15.11
C LEU A 121 -22.70 0.63 -15.01
N ARG A 122 -23.17 0.91 -13.80
CA ARG A 122 -24.45 1.61 -13.66
C ARG A 122 -24.35 3.02 -14.23
N SER A 123 -23.26 3.72 -13.91
CA SER A 123 -23.05 5.02 -14.54
C SER A 123 -22.96 4.88 -16.05
N PHE A 124 -22.26 3.85 -16.53
CA PHE A 124 -22.19 3.58 -17.95
C PHE A 124 -23.57 3.45 -18.56
N MET A 125 -24.41 2.60 -17.97
CA MET A 125 -25.79 2.46 -18.43
C MET A 125 -26.51 3.79 -18.43
N GLU A 126 -26.14 4.68 -17.49
CA GLU A 126 -26.69 6.03 -17.52
C GLU A 126 -26.24 6.78 -18.77
N ALA A 127 -24.98 6.59 -19.17
CA ALA A 127 -24.47 7.30 -20.34
C ALA A 127 -24.87 6.61 -21.64
N TYR A 128 -24.41 5.39 -21.86
CA TYR A 128 -24.70 4.65 -23.09
C TYR A 128 -25.90 3.72 -22.91
N SER A 129 -27.03 4.32 -22.54
CA SER A 129 -28.26 3.55 -22.41
C SER A 129 -28.97 3.40 -23.74
N SER A 130 -28.83 4.38 -24.62
CA SER A 130 -29.45 4.33 -25.95
C SER A 130 -28.50 3.80 -27.00
N ASN A 131 -27.30 3.36 -26.63
CA ASN A 131 -26.34 2.79 -27.56
C ASN A 131 -26.17 1.28 -27.38
N CYS A 132 -26.21 0.78 -26.15
CA CYS A 132 -26.02 -0.64 -25.89
C CYS A 132 -26.85 -1.03 -24.68
N SER A 133 -27.37 -2.26 -24.71
CA SER A 133 -28.17 -2.81 -23.63
C SER A 133 -27.37 -3.87 -22.90
N ILE A 134 -27.38 -3.81 -21.58
CA ILE A 134 -26.58 -4.69 -20.73
C ILE A 134 -27.47 -5.82 -20.21
N ILE A 135 -26.93 -7.03 -20.25
CA ILE A 135 -27.63 -8.22 -19.74
C ILE A 135 -26.71 -8.86 -18.71
N ILE A 136 -26.87 -8.49 -17.46
CA ILE A 136 -26.03 -9.01 -16.39
C ILE A 136 -26.60 -10.33 -15.90
N THR A 137 -25.72 -11.28 -15.59
CA THR A 137 -26.12 -12.58 -15.06
C THR A 137 -25.47 -12.77 -13.69
N ALA A 138 -26.29 -12.96 -12.67
CA ALA A 138 -25.80 -13.08 -11.30
C ALA A 138 -26.46 -14.27 -10.62
N ASN A 139 -25.66 -15.08 -9.92
CA ASN A 139 -26.21 -16.18 -9.14
C ASN A 139 -26.93 -15.66 -7.90
N ASN A 140 -26.30 -14.73 -7.18
CA ASN A 140 -26.83 -14.17 -5.94
C ASN A 140 -27.30 -12.74 -6.23
N ILE A 141 -28.61 -12.56 -6.30
CA ILE A 141 -29.14 -11.23 -6.62
C ILE A 141 -28.74 -10.22 -5.56
N ASP A 142 -28.58 -10.67 -4.31
CA ASP A 142 -28.12 -9.76 -3.26
C ASP A 142 -26.70 -9.28 -3.51
N GLY A 143 -25.96 -9.93 -4.39
CA GLY A 143 -24.62 -9.53 -4.73
C GLY A 143 -24.49 -8.48 -5.80
N ILE A 144 -25.62 -7.95 -6.28
CA ILE A 144 -25.63 -6.88 -7.28
C ILE A 144 -26.16 -5.62 -6.61
N ILE A 145 -25.39 -4.54 -6.70
CA ILE A 145 -25.73 -3.34 -5.95
C ILE A 145 -27.15 -2.89 -6.30
N LYS A 146 -27.75 -2.15 -5.37
CA LYS A 146 -29.16 -1.77 -5.53
C LYS A 146 -29.41 -0.95 -6.78
N PRO A 147 -28.61 0.05 -7.14
CA PRO A 147 -28.90 0.81 -8.35
C PRO A 147 -28.93 -0.05 -9.60
N LEU A 148 -28.06 -1.04 -9.69
CA LEU A 148 -28.02 -1.91 -10.86
C LEU A 148 -29.27 -2.76 -10.97
N GLN A 149 -29.99 -2.96 -9.86
CA GLN A 149 -31.27 -3.66 -9.89
C GLN A 149 -32.44 -2.72 -10.09
N SER A 150 -32.31 -1.47 -9.65
CA SER A 150 -33.36 -0.49 -9.89
C SER A 150 -33.40 -0.09 -11.36
N ARG A 151 -32.26 -0.06 -12.03
CA ARG A 151 -32.24 0.25 -13.46
C ARG A 151 -32.56 -1.00 -14.30
N CYS A 152 -31.73 -2.02 -14.19
CA CYS A 152 -32.00 -3.26 -14.91
C CYS A 152 -33.21 -3.96 -14.32
N ARG A 153 -33.89 -4.74 -15.15
CA ARG A 153 -35.04 -5.52 -14.71
C ARG A 153 -34.57 -6.91 -14.32
N VAL A 154 -34.69 -7.24 -13.04
CA VAL A 154 -34.23 -8.53 -12.54
C VAL A 154 -35.16 -9.63 -13.04
N ILE A 155 -34.58 -10.72 -13.53
CA ILE A 155 -35.32 -11.86 -14.03
C ILE A 155 -34.82 -13.11 -13.33
N THR A 156 -35.74 -13.91 -12.79
CA THR A 156 -35.43 -15.16 -12.12
C THR A 156 -36.14 -16.30 -12.84
N PHE A 157 -35.42 -17.39 -13.08
CA PHE A 157 -35.99 -18.48 -13.87
C PHE A 157 -35.66 -19.87 -13.35
N GLY A 158 -35.06 -19.99 -12.16
CA GLY A 158 -34.72 -21.30 -11.64
C GLY A 158 -35.75 -21.90 -10.71
N GLN A 159 -36.95 -22.16 -11.21
CA GLN A 159 -38.03 -22.72 -10.40
C GLN A 159 -39.01 -23.48 -11.29
N PRO A 160 -38.70 -24.74 -11.62
CA PRO A 160 -39.61 -25.53 -12.45
C PRO A 160 -40.96 -25.72 -11.76
N THR A 161 -42.03 -25.61 -12.56
CA THR A 161 -43.40 -25.66 -12.04
C THR A 161 -44.00 -27.06 -12.24
N ASP A 162 -43.42 -28.04 -11.57
CA ASP A 162 -44.00 -29.38 -11.52
C ASP A 162 -44.18 -29.98 -12.90
N GLU A 163 -45.31 -29.70 -13.55
CA GLU A 163 -45.55 -30.24 -14.89
C GLU A 163 -44.51 -29.72 -15.88
N ASP A 164 -44.16 -28.44 -15.79
CA ASP A 164 -43.02 -27.96 -16.56
C ASP A 164 -41.75 -28.68 -16.16
N LYS A 165 -41.64 -29.06 -14.89
CA LYS A 165 -40.48 -29.83 -14.44
C LYS A 165 -40.38 -31.14 -15.21
N ILE A 166 -41.50 -31.87 -15.34
CA ILE A 166 -41.46 -33.15 -16.03
C ILE A 166 -41.25 -32.95 -17.53
N GLU A 167 -41.91 -31.93 -18.11
CA GLU A 167 -41.72 -31.67 -19.54
C GLU A 167 -40.25 -31.42 -19.84
N MET A 168 -39.60 -30.55 -19.06
CA MET A 168 -38.18 -30.28 -19.24
C MET A 168 -37.30 -31.44 -18.81
N MET A 169 -37.78 -32.33 -17.93
CA MET A 169 -37.08 -33.57 -17.66
C MET A 169 -36.96 -34.42 -18.94
N LYS A 170 -38.10 -34.65 -19.59
CA LYS A 170 -38.07 -35.39 -20.85
C LYS A 170 -37.24 -34.67 -21.90
N GLN A 171 -37.37 -33.34 -21.98
CA GLN A 171 -36.59 -32.58 -22.94
C GLN A 171 -35.09 -32.76 -22.70
N MET A 172 -34.66 -32.67 -21.44
CA MET A 172 -33.25 -32.83 -21.13
C MET A 172 -32.77 -34.24 -21.40
N ILE A 173 -33.57 -35.25 -21.09
CA ILE A 173 -33.16 -36.62 -21.37
C ILE A 173 -32.98 -36.82 -22.87
N ARG A 174 -33.93 -36.32 -23.68
CA ARG A 174 -33.80 -36.45 -25.13
C ARG A 174 -32.56 -35.70 -25.63
N ARG A 175 -32.33 -34.49 -25.13
CA ARG A 175 -31.19 -33.71 -25.59
C ARG A 175 -29.88 -34.39 -25.22
N LEU A 176 -29.79 -34.94 -24.01
CA LEU A 176 -28.57 -35.64 -23.61
C LEU A 176 -28.35 -36.88 -24.47
N THR A 177 -29.43 -37.62 -24.78
CA THR A 177 -29.30 -38.77 -25.65
C THR A 177 -28.80 -38.36 -27.03
N GLU A 178 -29.35 -37.29 -27.59
CA GLU A 178 -28.93 -36.84 -28.91
C GLU A 178 -27.48 -36.38 -28.90
N ILE A 179 -27.06 -35.67 -27.86
CA ILE A 179 -25.67 -35.21 -27.78
C ILE A 179 -24.72 -36.40 -27.65
N CYS A 180 -25.12 -37.40 -26.87
CA CYS A 180 -24.30 -38.61 -26.77
C CYS A 180 -24.19 -39.31 -28.11
N LYS A 181 -25.30 -39.42 -28.84
CA LYS A 181 -25.27 -40.06 -30.14
C LYS A 181 -24.36 -39.30 -31.11
N HIS A 182 -24.47 -37.97 -31.11
CA HIS A 182 -23.62 -37.17 -31.99
C HIS A 182 -22.15 -37.30 -31.61
N GLU A 183 -21.85 -37.33 -30.31
CA GLU A 183 -20.47 -37.42 -29.86
C GLU A 183 -19.83 -38.73 -30.32
N GLY A 184 -20.58 -39.83 -30.24
CA GLY A 184 -20.05 -41.13 -30.60
C GLY A 184 -20.02 -42.09 -29.43
N ILE A 185 -20.89 -41.85 -28.45
CA ILE A 185 -20.99 -42.68 -27.26
C ILE A 185 -22.36 -43.35 -27.27
N ALA A 186 -22.35 -44.69 -27.30
CA ALA A 186 -23.59 -45.44 -27.31
C ALA A 186 -24.26 -45.40 -25.93
N ILE A 187 -25.59 -45.42 -25.94
CA ILE A 187 -26.38 -45.39 -24.71
C ILE A 187 -26.52 -46.84 -24.25
N ALA A 188 -25.51 -47.33 -23.53
CA ALA A 188 -25.51 -48.72 -23.09
C ALA A 188 -26.67 -49.00 -22.15
N ASP A 189 -26.93 -48.10 -21.20
CA ASP A 189 -27.98 -48.27 -20.20
C ASP A 189 -29.02 -47.19 -20.38
N MET A 190 -30.27 -47.59 -20.61
CA MET A 190 -31.35 -46.63 -20.74
C MET A 190 -31.67 -45.95 -19.41
N LYS A 191 -31.55 -46.69 -18.30
CA LYS A 191 -31.88 -46.13 -17.00
C LYS A 191 -30.79 -45.18 -16.52
N VAL A 192 -29.58 -45.32 -17.06
CA VAL A 192 -28.45 -44.52 -16.57
C VAL A 192 -28.66 -43.04 -16.87
N VAL A 193 -29.17 -42.71 -18.06
CA VAL A 193 -29.39 -41.32 -18.40
C VAL A 193 -30.40 -40.68 -17.46
N ALA A 194 -31.52 -41.38 -17.20
CA ALA A 194 -32.52 -40.86 -16.30
C ALA A 194 -31.98 -40.73 -14.88
N ALA A 195 -31.21 -41.72 -14.42
CA ALA A 195 -30.64 -41.64 -13.08
C ALA A 195 -29.68 -40.46 -12.95
N LEU A 196 -28.84 -40.24 -13.96
CA LEU A 196 -27.93 -39.10 -13.91
C LEU A 196 -28.69 -37.79 -13.94
N VAL A 197 -29.77 -37.72 -14.74
CA VAL A 197 -30.60 -36.52 -14.77
C VAL A 197 -31.19 -36.25 -13.40
N LYS A 198 -31.67 -37.30 -12.72
CA LYS A 198 -32.27 -37.12 -11.39
C LYS A 198 -31.23 -36.73 -10.35
N LYS A 199 -30.02 -37.30 -10.43
CA LYS A 199 -29.05 -37.13 -9.36
C LYS A 199 -28.73 -35.66 -9.12
N ASN A 200 -28.43 -34.92 -10.19
CA ASN A 200 -28.26 -33.47 -10.14
C ASN A 200 -29.01 -32.92 -11.34
N PHE A 201 -30.32 -32.69 -11.17
CA PHE A 201 -31.12 -32.27 -12.31
C PHE A 201 -30.91 -30.79 -12.62
N PRO A 202 -31.18 -29.88 -11.67
CA PRO A 202 -30.97 -28.45 -11.96
C PRO A 202 -29.50 -28.07 -11.85
N ASP A 203 -28.64 -28.93 -12.39
CA ASP A 203 -27.20 -28.70 -12.49
C ASP A 203 -26.71 -29.13 -13.87
N PHE A 204 -27.44 -28.72 -14.90
CA PHE A 204 -27.19 -29.24 -16.25
C PHE A 204 -25.72 -29.08 -16.64
N ARG A 205 -25.10 -27.98 -16.20
CA ARG A 205 -23.68 -27.81 -16.49
C ARG A 205 -22.86 -28.94 -15.87
N LYS A 206 -23.15 -29.27 -14.61
CA LYS A 206 -22.42 -30.35 -13.95
C LYS A 206 -22.71 -31.69 -14.63
N THR A 207 -23.97 -31.93 -15.02
CA THR A 207 -24.29 -33.19 -15.68
C THR A 207 -23.53 -33.33 -17.00
N ILE A 208 -23.47 -32.25 -17.78
CA ILE A 208 -22.75 -32.31 -19.05
C ILE A 208 -21.25 -32.49 -18.81
N GLY A 209 -20.72 -31.82 -17.79
CA GLY A 209 -19.31 -32.01 -17.46
C GLY A 209 -19.00 -33.44 -17.07
N GLU A 210 -19.86 -34.05 -16.25
CA GLU A 210 -19.67 -35.44 -15.86
C GLU A 210 -19.80 -36.37 -17.05
N LEU A 211 -20.75 -36.09 -17.95
CA LEU A 211 -20.89 -36.89 -19.16
C LEU A 211 -19.62 -36.83 -20.00
N ASP A 212 -19.05 -35.63 -20.14
CA ASP A 212 -17.78 -35.50 -20.85
C ASP A 212 -16.68 -36.29 -20.15
N SER A 213 -16.61 -36.19 -18.82
CA SER A 213 -15.55 -36.87 -18.09
C SER A 213 -15.63 -38.38 -18.27
N TYR A 214 -16.84 -38.94 -18.17
CA TYR A 214 -17.00 -40.39 -18.29
C TYR A 214 -17.06 -40.88 -19.73
N SER A 215 -17.27 -39.98 -20.69
CA SER A 215 -17.29 -40.37 -22.09
C SER A 215 -15.91 -40.47 -22.71
N SER A 216 -14.87 -39.94 -22.05
CA SER A 216 -13.53 -39.98 -22.61
C SER A 216 -13.04 -41.42 -22.76
N LYS A 217 -13.25 -42.24 -21.73
CA LYS A 217 -12.78 -43.63 -21.79
C LYS A 217 -13.50 -44.41 -22.88
N GLY A 218 -14.79 -44.13 -23.10
CA GLY A 218 -15.53 -44.83 -24.12
C GLY A 218 -16.98 -44.40 -24.13
N VAL A 219 -17.79 -45.14 -24.86
CA VAL A 219 -19.22 -44.84 -24.95
C VAL A 219 -19.85 -44.91 -23.56
N LEU A 220 -19.57 -45.98 -22.82
CA LEU A 220 -20.02 -46.13 -21.44
C LEU A 220 -21.50 -45.80 -21.30
N ASP A 221 -21.81 -44.64 -20.73
CA ASP A 221 -23.18 -44.22 -20.47
C ASP A 221 -23.90 -45.19 -19.54
N ALA A 222 -23.17 -45.76 -18.58
CA ALA A 222 -23.75 -46.69 -17.63
C ALA A 222 -22.79 -46.86 -16.45
N GLY A 223 -23.37 -47.05 -15.27
CA GLY A 223 -22.57 -47.29 -14.08
C GLY A 223 -22.27 -46.04 -13.28
N ILE A 224 -21.00 -45.63 -13.29
CA ILE A 224 -20.58 -44.46 -12.51
C ILE A 224 -21.27 -43.20 -13.01
N LEU A 225 -21.78 -43.21 -14.24
CA LEU A 225 -22.51 -42.05 -14.76
C LEU A 225 -23.66 -41.68 -13.83
N SER A 226 -24.48 -42.66 -13.47
CA SER A 226 -25.57 -42.45 -12.52
C SER A 226 -25.17 -42.76 -11.09
N LEU A 227 -23.98 -43.32 -10.87
CA LEU A 227 -23.50 -43.65 -9.52
C LEU A 227 -22.51 -42.58 -9.09
N VAL A 228 -22.88 -41.81 -8.06
CA VAL A 228 -22.06 -40.75 -7.50
C VAL A 228 -21.38 -39.96 -8.61
N THR A 229 -20.13 -39.54 -8.37
CA THR A 229 -19.38 -38.76 -9.33
C THR A 229 -17.89 -39.05 -9.13
N ASN A 230 -17.05 -38.24 -9.77
CA ASN A 230 -15.61 -38.39 -9.62
C ASN A 230 -14.88 -37.05 -9.50
N ASP A 231 -15.60 -35.95 -9.38
CA ASP A 231 -14.95 -34.64 -9.31
C ASP A 231 -14.00 -34.59 -8.12
N ARG A 232 -12.74 -34.24 -8.40
CA ARG A 232 -11.74 -34.15 -7.34
C ARG A 232 -11.92 -32.89 -6.51
N GLY A 233 -12.31 -31.78 -7.14
CA GLY A 233 -12.45 -30.52 -6.43
C GLY A 233 -11.12 -29.92 -6.03
N ALA A 234 -11.07 -28.60 -5.89
CA ALA A 234 -9.82 -27.95 -5.50
C ALA A 234 -9.39 -28.38 -4.10
N ILE A 235 -10.33 -28.47 -3.17
CA ILE A 235 -10.04 -28.86 -1.80
C ILE A 235 -11.02 -29.95 -1.37
N ASP A 236 -11.74 -30.51 -2.35
CA ASP A 236 -12.73 -31.54 -2.04
C ASP A 236 -12.08 -32.79 -1.45
N ASP A 237 -10.89 -33.14 -1.92
CA ASP A 237 -10.19 -34.29 -1.35
C ASP A 237 -9.89 -34.07 0.13
N VAL A 238 -9.41 -32.87 0.48
CA VAL A 238 -9.12 -32.58 1.88
C VAL A 238 -10.40 -32.54 2.71
N LEU A 239 -11.48 -32.00 2.13
CA LEU A 239 -12.76 -31.99 2.84
C LEU A 239 -13.22 -33.41 3.14
N GLU A 240 -13.12 -34.31 2.15
CA GLU A 240 -13.51 -35.69 2.37
C GLU A 240 -12.61 -36.36 3.41
N SER A 241 -11.29 -36.08 3.35
CA SER A 241 -10.38 -36.65 4.33
C SER A 241 -10.73 -36.21 5.74
N LEU A 242 -11.02 -34.92 5.92
CA LEU A 242 -11.40 -34.43 7.23
C LEU A 242 -12.72 -35.05 7.69
N LYS A 243 -13.68 -35.20 6.76
CA LYS A 243 -14.95 -35.80 7.12
C LYS A 243 -14.77 -37.24 7.58
N ASN A 244 -13.92 -38.00 6.89
CA ASN A 244 -13.67 -39.39 7.25
C ASN A 244 -12.83 -39.54 8.51
N LYS A 245 -12.18 -38.47 8.97
CA LYS A 245 -11.32 -38.47 10.15
C LYS A 245 -9.99 -39.17 9.91
N ASP A 246 -9.70 -39.57 8.67
CA ASP A 246 -8.42 -40.19 8.37
C ASP A 246 -7.28 -39.24 8.72
N VAL A 247 -6.22 -39.77 9.30
CA VAL A 247 -5.09 -38.99 9.75
C VAL A 247 -3.90 -39.11 8.80
N LYS A 248 -3.70 -40.30 8.21
CA LYS A 248 -2.56 -40.49 7.32
C LYS A 248 -2.63 -39.55 6.13
N GLN A 249 -3.81 -39.44 5.51
CA GLN A 249 -3.96 -38.59 4.34
C GLN A 249 -3.68 -37.14 4.68
N LEU A 250 -4.14 -36.69 5.85
CA LEU A 250 -3.98 -35.29 6.22
C LEU A 250 -2.50 -34.91 6.31
N ARG A 251 -1.72 -35.71 7.04
CA ARG A 251 -0.29 -35.45 7.14
C ARG A 251 0.38 -35.59 5.78
N ALA A 252 -0.07 -36.57 4.98
CA ALA A 252 0.54 -36.77 3.66
C ALA A 252 0.36 -35.54 2.78
N LEU A 253 -0.83 -34.96 2.78
CA LEU A 253 -1.13 -33.84 1.88
C LEU A 253 -0.80 -32.48 2.47
N ALA A 254 -0.53 -32.39 3.77
CA ALA A 254 -0.17 -31.10 4.36
C ALA A 254 0.99 -30.42 3.64
N PRO A 255 2.09 -31.09 3.32
CA PRO A 255 3.16 -30.43 2.56
C PRO A 255 2.73 -29.99 1.18
N LYS A 256 1.72 -30.64 0.60
CA LYS A 256 1.26 -30.25 -0.74
C LYS A 256 0.70 -28.83 -0.72
N TYR A 257 -0.12 -28.50 0.27
CA TYR A 257 -0.72 -27.18 0.38
C TYR A 257 0.12 -26.21 1.20
N ALA A 258 1.14 -26.69 1.91
CA ALA A 258 1.96 -25.80 2.71
C ALA A 258 2.68 -24.75 1.89
N ALA A 259 2.81 -24.96 0.58
CA ALA A 259 3.53 -24.00 -0.26
C ALA A 259 2.85 -22.63 -0.23
N ASP A 260 1.53 -22.61 -0.38
CA ASP A 260 0.74 -21.38 -0.32
C ASP A 260 -0.41 -21.63 0.64
N TYR A 261 -0.13 -21.46 1.93
CA TYR A 261 -1.12 -21.68 3.03
C TYR A 261 -2.27 -20.67 2.98
N SER A 262 -1.99 -19.41 2.66
CA SER A 262 -3.01 -18.37 2.74
C SER A 262 -4.19 -18.67 1.81
N TRP A 263 -3.90 -18.92 0.53
CA TRP A 263 -4.96 -19.27 -0.39
C TRP A 263 -5.67 -20.54 0.04
N PHE A 264 -4.90 -21.56 0.44
CA PHE A 264 -5.52 -22.80 0.85
C PHE A 264 -6.38 -22.62 2.08
N VAL A 265 -5.90 -21.84 3.06
CA VAL A 265 -6.68 -21.65 4.28
C VAL A 265 -7.97 -20.90 3.97
N GLY A 266 -7.90 -19.87 3.12
CA GLY A 266 -9.12 -19.18 2.74
C GLY A 266 -10.11 -20.09 2.04
N LYS A 267 -9.61 -20.90 1.09
CA LYS A 267 -10.49 -21.83 0.39
C LYS A 267 -11.08 -22.85 1.35
N LEU A 268 -10.28 -23.32 2.31
CA LEU A 268 -10.77 -24.29 3.29
C LEU A 268 -11.89 -23.70 4.12
N ALA A 269 -11.72 -22.46 4.60
CA ALA A 269 -12.78 -21.82 5.34
C ALA A 269 -14.04 -21.70 4.49
N GLU A 270 -13.88 -21.23 3.25
CA GLU A 270 -15.03 -21.05 2.38
C GLU A 270 -15.78 -22.36 2.17
N GLU A 271 -15.06 -23.45 1.93
CA GLU A 271 -15.70 -24.72 1.64
C GLU A 271 -16.33 -25.32 2.90
N ILE A 272 -15.60 -25.32 4.01
CA ILE A 272 -16.12 -25.93 5.24
C ILE A 272 -17.30 -25.14 5.79
N TYR A 273 -17.45 -23.87 5.41
CA TYR A 273 -18.64 -23.13 5.83
C TYR A 273 -19.92 -23.90 5.49
N SER A 274 -20.01 -24.40 4.26
CA SER A 274 -21.27 -24.96 3.78
C SER A 274 -21.56 -26.35 4.30
N ARG A 275 -20.61 -27.01 4.96
CA ARG A 275 -20.77 -28.39 5.38
C ARG A 275 -20.78 -28.57 6.89
N VAL A 276 -21.07 -27.52 7.66
CA VAL A 276 -20.97 -27.58 9.11
C VAL A 276 -22.23 -27.02 9.76
N THR A 277 -22.23 -26.95 11.09
CA THR A 277 -23.37 -26.49 11.87
C THR A 277 -23.01 -25.25 12.68
N PRO A 278 -24.01 -24.46 13.10
CA PRO A 278 -23.70 -23.18 13.78
C PRO A 278 -22.65 -23.27 14.87
N GLN A 279 -22.80 -24.17 15.84
CA GLN A 279 -21.72 -24.38 16.79
C GLN A 279 -20.46 -24.83 16.07
N SER A 280 -20.62 -25.75 15.12
CA SER A 280 -19.49 -26.23 14.34
C SER A 280 -18.86 -25.09 13.54
N ILE A 281 -19.67 -24.20 12.96
CA ILE A 281 -19.10 -23.11 12.18
C ILE A 281 -18.34 -22.14 13.08
N ILE A 282 -18.90 -21.83 14.25
CA ILE A 282 -18.18 -20.95 15.17
C ILE A 282 -16.82 -21.55 15.51
N ARG A 283 -16.81 -22.83 15.89
CA ARG A 283 -15.55 -23.46 16.26
C ARG A 283 -14.58 -23.51 15.08
N MET A 284 -15.10 -23.80 13.88
CA MET A 284 -14.24 -23.87 12.70
C MET A 284 -13.61 -22.53 12.41
N TYR A 285 -14.38 -21.45 12.49
CA TYR A 285 -13.83 -20.13 12.22
C TYR A 285 -12.80 -19.76 13.27
N GLU A 286 -13.06 -20.06 14.54
CA GLU A 286 -12.07 -19.80 15.56
C GLU A 286 -10.77 -20.57 15.28
N ILE A 287 -10.90 -21.84 14.91
CA ILE A 287 -9.71 -22.66 14.64
C ILE A 287 -8.92 -22.10 13.47
N VAL A 288 -9.60 -21.83 12.35
CA VAL A 288 -8.90 -21.38 11.16
C VAL A 288 -8.25 -20.02 11.40
N GLY A 289 -8.97 -19.11 12.05
CA GLY A 289 -8.40 -17.81 12.33
C GLY A 289 -7.20 -17.89 13.26
N GLU A 290 -7.31 -18.69 14.31
CA GLU A 290 -6.18 -18.84 15.23
C GLU A 290 -4.96 -19.40 14.51
N ASN A 291 -5.17 -20.44 13.69
CA ASN A 291 -4.05 -21.03 12.97
C ASN A 291 -3.44 -20.03 11.99
N ASN A 292 -4.27 -19.27 11.28
CA ASN A 292 -3.75 -18.31 10.32
C ASN A 292 -2.99 -17.18 11.01
N GLN A 293 -3.41 -16.80 12.22
CA GLN A 293 -2.73 -15.71 12.91
C GLN A 293 -1.27 -16.04 13.18
N TYR A 294 -0.93 -17.32 13.28
CA TYR A 294 0.42 -17.76 13.60
C TYR A 294 1.19 -18.27 12.38
N HIS A 295 0.75 -17.91 11.18
CA HIS A 295 1.50 -18.28 9.98
C HIS A 295 2.94 -17.81 10.05
N GLY A 296 3.15 -16.53 10.31
CA GLY A 296 4.49 -16.00 10.44
C GLY A 296 5.19 -16.36 11.73
N ILE A 297 4.53 -17.12 12.59
CA ILE A 297 5.04 -17.51 13.90
C ILE A 297 5.23 -19.02 14.01
N ALA A 298 4.69 -19.75 13.02
CA ALA A 298 4.82 -21.23 12.97
C ALA A 298 6.28 -21.60 12.71
N ALA A 299 6.76 -22.66 13.35
CA ALA A 299 8.19 -23.08 13.21
C ALA A 299 8.51 -23.51 11.77
N ASN A 300 7.61 -24.28 11.12
CA ASN A 300 7.90 -24.75 9.75
C ASN A 300 6.81 -24.31 8.75
N THR A 301 5.54 -24.58 9.08
CA THR A 301 4.43 -24.25 8.19
C THR A 301 3.77 -25.49 7.59
N GLU A 302 4.30 -26.69 7.80
CA GLU A 302 3.65 -27.92 7.36
C GLU A 302 3.01 -28.67 8.52
N LEU A 303 3.74 -28.82 9.63
CA LEU A 303 3.10 -29.32 10.83
C LEU A 303 2.00 -28.39 11.30
N HIS A 304 2.11 -27.10 10.96
CA HIS A 304 1.02 -26.16 11.24
C HIS A 304 -0.26 -26.57 10.52
N LEU A 305 -0.15 -26.85 9.22
CA LEU A 305 -1.31 -27.30 8.46
C LEU A 305 -1.82 -28.63 9.00
N ALA A 306 -0.91 -29.53 9.36
CA ALA A 306 -1.33 -30.81 9.94
C ALA A 306 -2.13 -30.59 11.22
N TYR A 307 -1.68 -29.66 12.06
CA TYR A 307 -2.39 -29.36 13.30
C TYR A 307 -3.76 -28.76 13.02
N LEU A 308 -3.84 -27.86 12.03
CA LEU A 308 -5.13 -27.32 11.63
C LEU A 308 -6.08 -28.44 11.21
N PHE A 309 -5.58 -29.36 10.38
CA PHE A 309 -6.42 -30.45 9.92
C PHE A 309 -6.88 -31.32 11.08
N ILE A 310 -5.98 -31.62 12.01
CA ILE A 310 -6.35 -32.44 13.16
C ILE A 310 -7.42 -31.74 14.00
N GLN A 311 -7.23 -30.45 14.25
CA GLN A 311 -8.23 -29.71 15.02
C GLN A 311 -9.59 -29.75 14.33
N LEU A 312 -9.62 -29.47 13.03
CA LEU A 312 -10.88 -29.46 12.32
C LEU A 312 -11.53 -30.83 12.35
N ALA A 313 -10.75 -31.88 12.10
CA ALA A 313 -11.33 -33.23 12.10
C ALA A 313 -11.90 -33.58 13.46
N CYS A 314 -11.18 -33.24 14.54
CA CYS A 314 -11.67 -33.56 15.87
C CYS A 314 -12.95 -32.78 16.20
N GLU A 315 -13.00 -31.50 15.82
CA GLU A 315 -14.10 -30.64 16.22
C GLU A 315 -15.19 -30.49 15.19
N MET A 316 -14.87 -30.62 13.91
CA MET A 316 -15.80 -30.29 12.82
C MET A 316 -16.88 -31.37 12.76
N GLN A 317 -18.05 -31.11 13.34
CA GLN A 317 -19.18 -32.03 13.23
C GLN A 317 -19.91 -31.73 11.93
N TRP A 318 -19.57 -32.46 10.88
CA TRP A 318 -20.08 -32.18 9.56
C TRP A 318 -21.58 -32.48 9.46
N LYS A 319 -22.26 -31.70 8.63
CA LYS A 319 -23.68 -31.88 8.37
C LYS A 319 -23.96 -31.78 6.89
N MET B 1 11.32 38.07 30.97
CA MET B 1 11.21 37.39 32.25
C MET B 1 10.34 36.14 32.14
N ILE B 2 9.34 36.20 31.26
CA ILE B 2 8.44 35.08 31.03
C ILE B 2 8.48 34.74 29.55
N THR B 3 8.76 33.48 29.24
CA THR B 3 8.89 33.02 27.86
C THR B 3 7.55 32.53 27.33
N VAL B 4 7.39 32.63 26.01
CA VAL B 4 6.15 32.23 25.35
C VAL B 4 6.47 31.70 23.96
N ASN B 5 6.07 30.45 23.68
CA ASN B 5 6.33 29.88 22.37
C ASN B 5 5.42 30.46 21.31
N GLU B 6 4.17 30.75 21.66
CA GLU B 6 3.23 31.40 20.75
C GLU B 6 2.76 30.43 19.66
N LYS B 7 3.32 29.24 19.61
CA LYS B 7 2.91 28.22 18.66
C LYS B 7 2.18 27.07 19.32
N GLU B 8 2.02 27.09 20.65
CA GLU B 8 1.35 26.05 21.40
C GLU B 8 0.02 26.58 21.91
N HIS B 9 -1.05 25.81 21.71
CA HIS B 9 -2.38 26.20 22.14
C HIS B 9 -2.75 25.62 23.50
N ILE B 10 -1.81 24.94 24.16
CA ILE B 10 -2.16 24.20 25.37
C ILE B 10 -2.10 25.06 26.63
N LEU B 11 -1.35 26.15 26.61
CA LEU B 11 -1.15 27.06 27.73
C LEU B 11 -0.28 26.44 28.82
N GLU B 12 0.08 25.17 28.70
CA GLU B 12 1.03 24.53 29.60
C GLU B 12 2.34 24.22 28.88
N GLN B 13 2.28 23.88 27.60
CA GLN B 13 3.46 23.79 26.75
C GLN B 13 3.74 25.09 26.03
N LYS B 14 2.89 26.11 26.20
CA LYS B 14 3.09 27.42 25.60
C LYS B 14 3.87 28.34 26.53
N TYR B 15 3.46 28.42 27.80
CA TYR B 15 4.16 29.21 28.81
C TYR B 15 4.95 28.26 29.69
N ARG B 16 6.13 27.87 29.22
CA ARG B 16 7.00 26.98 29.99
C ARG B 16 8.40 27.56 30.04
N PRO B 17 9.06 27.49 31.20
CA PRO B 17 10.36 28.16 31.36
C PRO B 17 11.37 27.73 30.32
N SER B 18 11.78 28.67 29.46
CA SER B 18 12.80 28.37 28.46
C SER B 18 14.20 28.37 29.04
N THR B 19 14.40 29.01 30.19
CA THR B 19 15.71 29.06 30.84
C THR B 19 15.56 28.57 32.27
N ILE B 20 16.68 28.10 32.82
CA ILE B 20 16.65 27.54 34.17
C ILE B 20 16.30 28.59 35.20
N ASP B 21 16.74 29.83 34.99
CA ASP B 21 16.45 30.89 35.95
C ASP B 21 14.95 31.14 36.05
N GLU B 22 14.26 31.14 34.91
CA GLU B 22 12.82 31.41 34.93
C GLU B 22 12.05 30.36 35.71
N CYS B 23 12.59 29.14 35.79
CA CYS B 23 11.91 28.08 36.54
C CYS B 23 11.79 28.49 38.01
N ILE B 24 10.61 28.23 38.58
CA ILE B 24 10.40 28.41 40.01
C ILE B 24 10.91 27.16 40.71
N LEU B 25 12.03 27.28 41.41
CA LEU B 25 12.68 26.14 42.05
C LEU B 25 13.17 26.55 43.43
N PRO B 26 13.36 25.59 44.32
CA PRO B 26 13.95 25.90 45.62
C PRO B 26 15.36 26.44 45.46
N ALA B 27 15.79 27.24 46.44
CA ALA B 27 17.11 27.88 46.35
C ALA B 27 18.21 26.86 46.15
N PHE B 28 18.18 25.75 46.91
CA PHE B 28 19.24 24.75 46.79
C PHE B 28 19.21 24.07 45.43
N ASP B 29 18.02 23.65 44.98
CA ASP B 29 17.92 23.01 43.68
C ASP B 29 18.31 23.97 42.57
N LYS B 30 17.86 25.22 42.64
CA LYS B 30 18.22 26.19 41.62
C LYS B 30 19.71 26.43 41.59
N GLU B 31 20.35 26.52 42.76
CA GLU B 31 21.79 26.75 42.79
C GLU B 31 22.56 25.56 42.23
N THR B 32 22.14 24.33 42.57
CA THR B 32 22.82 23.16 42.01
C THR B 32 22.65 23.11 40.49
N PHE B 33 21.45 23.44 40.00
CA PHE B 33 21.23 23.44 38.56
C PHE B 33 22.04 24.53 37.88
N LYS B 34 22.15 25.70 38.51
CA LYS B 34 22.97 26.77 37.96
C LYS B 34 24.44 26.36 37.90
N SER B 35 24.91 25.65 38.92
CA SER B 35 26.29 25.16 38.89
C SER B 35 26.48 24.18 37.75
N ILE B 36 25.53 23.26 37.58
CA ILE B 36 25.62 22.29 36.48
C ILE B 36 25.67 23.01 35.14
N THR B 37 24.80 24.01 34.95
CA THR B 37 24.76 24.73 33.68
C THR B 37 26.03 25.56 33.47
N SER B 38 26.59 26.11 34.54
CA SER B 38 27.79 26.93 34.42
C SER B 38 29.03 26.08 34.18
N LYS B 39 29.02 24.81 34.58
CA LYS B 39 30.15 23.93 34.28
C LYS B 39 30.37 23.78 32.78
N GLY B 40 29.36 24.09 31.97
CA GLY B 40 29.48 23.98 30.53
C GLY B 40 29.29 22.59 29.97
N LYS B 41 29.03 21.60 30.82
CA LYS B 41 28.84 20.23 30.40
C LYS B 41 27.62 19.65 31.11
N ILE B 42 26.99 18.67 30.49
CA ILE B 42 25.79 18.07 31.05
C ILE B 42 26.04 16.58 31.31
N PRO B 43 26.54 16.21 32.48
CA PRO B 43 26.71 14.79 32.78
C PRO B 43 25.37 14.08 32.88
N HIS B 44 25.40 12.77 32.61
CA HIS B 44 24.19 11.97 32.68
C HIS B 44 23.51 12.15 34.02
N ILE B 45 22.29 12.68 34.00
CA ILE B 45 21.57 13.04 35.21
C ILE B 45 20.19 12.39 35.17
N ILE B 46 19.80 11.76 36.28
CA ILE B 46 18.44 11.27 36.46
C ILE B 46 17.73 12.30 37.33
N LEU B 47 17.06 13.26 36.70
CA LEU B 47 16.28 14.22 37.47
C LEU B 47 15.19 13.48 38.24
N HIS B 48 15.08 13.79 39.52
CA HIS B 48 14.18 13.09 40.43
C HIS B 48 13.38 14.08 41.24
N SER B 49 12.18 13.67 41.64
CA SER B 49 11.32 14.53 42.44
C SER B 49 10.28 13.70 43.18
N PRO B 50 10.17 13.85 44.50
CA PRO B 50 9.11 13.13 45.22
C PRO B 50 7.72 13.55 44.80
N SER B 51 7.42 14.84 44.87
CA SER B 51 6.09 15.34 44.51
C SER B 51 6.01 15.56 43.01
N PRO B 52 5.13 14.85 42.29
CA PRO B 52 5.03 15.06 40.85
C PRO B 52 4.49 16.45 40.53
N GLY B 53 4.94 16.97 39.39
CA GLY B 53 4.49 18.25 38.90
C GLY B 53 5.40 19.43 39.22
N THR B 54 6.49 19.20 39.93
CA THR B 54 7.38 20.30 40.30
C THR B 54 8.21 20.81 39.16
N GLY B 55 7.92 20.39 37.92
CA GLY B 55 8.66 20.89 36.78
C GLY B 55 10.04 20.29 36.64
N LYS B 56 10.12 18.98 36.38
CA LYS B 56 11.40 18.32 36.14
C LYS B 56 11.68 18.12 34.65
N THR B 57 10.67 17.84 33.84
CA THR B 57 10.87 17.83 32.40
C THR B 57 11.26 19.21 31.90
N THR B 58 10.59 20.24 32.40
CA THR B 58 10.94 21.61 32.01
C THR B 58 12.33 21.96 32.51
N VAL B 59 12.72 21.46 33.67
CA VAL B 59 14.07 21.72 34.17
C VAL B 59 15.11 21.04 33.29
N ALA B 60 14.84 19.82 32.84
CA ALA B 60 15.77 19.15 31.95
C ALA B 60 15.91 19.89 30.63
N LYS B 61 14.77 20.31 30.05
CA LYS B 61 14.84 21.06 28.81
C LYS B 61 15.55 22.39 29.00
N ALA B 62 15.33 23.04 30.16
CA ALA B 62 16.03 24.29 30.44
C ALA B 62 17.53 24.07 30.58
N LEU B 63 17.94 22.96 31.21
CA LEU B 63 19.36 22.64 31.27
C LEU B 63 19.94 22.50 29.87
N CYS B 64 19.25 21.73 29.01
CA CYS B 64 19.76 21.53 27.66
C CYS B 64 19.85 22.85 26.91
N HIS B 65 18.85 23.72 27.06
CA HIS B 65 18.87 25.01 26.36
C HIS B 65 19.96 25.92 26.91
N ASP B 66 20.12 25.97 28.23
CA ASP B 66 21.13 26.83 28.83
C ASP B 66 22.53 26.41 28.41
N VAL B 67 22.80 25.10 28.41
CA VAL B 67 24.08 24.61 27.91
C VAL B 67 24.20 24.78 26.40
N ASN B 68 23.10 25.11 25.72
CA ASN B 68 23.06 25.24 24.27
C ASN B 68 23.18 23.90 23.55
N ALA B 69 22.95 22.81 24.27
CA ALA B 69 23.15 21.48 23.70
C ALA B 69 22.10 21.18 22.64
N ASP B 70 22.43 20.19 21.80
CA ASP B 70 21.53 19.71 20.75
C ASP B 70 20.59 18.67 21.35
N MET B 71 19.70 19.13 22.21
CA MET B 71 18.84 18.24 22.95
C MET B 71 17.99 17.38 22.02
N MET B 72 17.91 16.09 22.32
CA MET B 72 17.01 15.16 21.63
C MET B 72 15.99 14.69 22.65
N PHE B 73 14.80 15.30 22.61
CA PHE B 73 13.74 15.00 23.56
C PHE B 73 13.02 13.72 23.14
N VAL B 74 13.11 12.69 23.97
CA VAL B 74 12.49 11.40 23.68
C VAL B 74 11.80 10.90 24.94
N ASN B 75 10.56 10.44 24.79
CA ASN B 75 9.84 9.87 25.91
C ASN B 75 10.38 8.49 26.26
N GLY B 76 10.18 8.09 27.51
CA GLY B 76 10.53 6.75 27.92
C GLY B 76 9.70 5.69 27.22
N SER B 77 8.43 6.00 26.93
CA SER B 77 7.55 5.01 26.33
C SER B 77 8.07 4.55 24.97
N ASP B 78 8.56 5.48 24.16
CA ASP B 78 8.99 5.17 22.80
C ASP B 78 10.47 4.84 22.69
N CYS B 79 11.19 4.76 23.82
CA CYS B 79 12.60 4.40 23.81
C CYS B 79 12.75 2.87 23.78
N LYS B 80 12.17 2.28 22.74
CA LYS B 80 12.12 0.83 22.60
C LYS B 80 13.45 0.30 22.08
N ILE B 81 13.46 -0.96 21.65
CA ILE B 81 14.70 -1.61 21.22
C ILE B 81 15.23 -0.95 19.95
N ASP B 82 14.38 -0.86 18.92
CA ASP B 82 14.82 -0.29 17.65
C ASP B 82 15.17 1.19 17.80
N PHE B 83 14.38 1.92 18.57
CA PHE B 83 14.66 3.34 18.77
C PHE B 83 16.02 3.53 19.42
N VAL B 84 16.34 2.73 20.43
CA VAL B 84 17.66 2.81 21.05
C VAL B 84 18.74 2.45 20.06
N ARG B 85 18.50 1.41 19.24
CA ARG B 85 19.47 0.99 18.24
C ARG B 85 19.38 1.80 16.95
N GLY B 86 18.35 2.63 16.80
CA GLY B 86 18.15 3.38 15.58
C GLY B 86 18.37 4.86 15.75
N PRO B 87 17.28 5.62 15.87
CA PRO B 87 17.41 7.09 15.94
C PRO B 87 18.34 7.57 17.03
N LEU B 88 18.34 6.93 18.21
CA LEU B 88 19.23 7.36 19.27
C LEU B 88 20.69 7.15 18.88
N THR B 89 21.01 5.98 18.30
CA THR B 89 22.37 5.72 17.88
C THR B 89 22.79 6.66 16.75
N ASN B 90 21.89 6.91 15.80
CA ASN B 90 22.20 7.83 14.72
C ASN B 90 22.47 9.23 15.24
N PHE B 91 21.65 9.69 16.18
CA PHE B 91 21.87 11.01 16.77
C PHE B 91 23.18 11.08 17.53
N ALA B 92 23.50 10.03 18.28
CA ALA B 92 24.71 10.05 19.10
C ALA B 92 25.97 9.96 18.23
N SER B 93 25.91 9.21 17.14
CA SER B 93 27.09 9.00 16.30
C SER B 93 27.32 10.19 15.37
N ALA B 94 26.32 10.51 14.55
CA ALA B 94 26.43 11.64 13.63
C ALA B 94 26.91 12.87 14.37
N ALA B 95 28.07 13.37 13.97
CA ALA B 95 28.76 14.44 14.68
C ALA B 95 28.60 15.74 13.92
N SER B 96 27.66 16.58 14.34
CA SER B 96 27.57 17.93 13.82
C SER B 96 28.77 18.74 14.31
N PHE B 97 29.27 19.62 13.44
CA PHE B 97 30.50 20.36 13.71
C PHE B 97 30.24 21.78 14.18
N ASP B 98 29.15 21.99 14.93
CA ASP B 98 28.87 23.30 15.51
C ASP B 98 29.41 23.44 16.93
N GLY B 99 29.96 22.38 17.50
CA GLY B 99 30.45 22.43 18.86
C GLY B 99 29.39 22.26 19.92
N ARG B 100 28.13 22.16 19.54
CA ARG B 100 27.06 22.00 20.52
C ARG B 100 27.08 20.59 21.09
N GLN B 101 26.98 20.49 22.41
CA GLN B 101 26.92 19.19 23.06
C GLN B 101 25.60 18.49 22.70
N LYS B 102 25.62 17.16 22.77
CA LYS B 102 24.45 16.35 22.48
C LYS B 102 23.91 15.80 23.79
N VAL B 103 22.63 16.06 24.07
CA VAL B 103 21.97 15.60 25.28
C VAL B 103 20.67 14.92 24.88
N ILE B 104 20.40 13.77 25.48
CA ILE B 104 19.18 13.01 25.19
C ILE B 104 18.28 12.99 26.40
N VAL B 105 17.36 13.95 26.48
CA VAL B 105 16.38 13.96 27.56
C VAL B 105 15.42 12.79 27.37
N ILE B 106 15.13 12.06 28.43
CA ILE B 106 14.29 10.87 28.39
C ILE B 106 13.25 11.01 29.50
N ASP B 107 12.05 11.45 29.14
CA ASP B 107 11.01 11.65 30.15
C ASP B 107 10.56 10.33 30.74
N GLU B 108 10.05 10.41 31.97
CA GLU B 108 9.30 9.31 32.57
C GLU B 108 9.96 7.97 32.33
N PHE B 109 11.29 7.90 32.47
CA PHE B 109 11.97 6.65 32.26
C PHE B 109 11.86 5.81 33.51
N ASP B 110 10.65 5.73 34.07
CA ASP B 110 10.39 4.89 35.23
C ASP B 110 9.03 4.21 35.16
N ARG B 111 8.35 4.22 34.01
CA ARG B 111 7.03 3.63 33.94
C ARG B 111 7.12 2.12 34.10
N SER B 112 5.96 1.46 34.01
CA SER B 112 5.90 0.02 34.29
C SER B 112 6.59 -0.79 33.19
N GLY B 113 6.07 -0.72 31.97
CA GLY B 113 6.53 -1.62 30.93
C GLY B 113 7.90 -1.34 30.37
N LEU B 114 8.72 -0.57 31.10
CA LEU B 114 10.04 -0.17 30.64
C LEU B 114 11.15 -1.00 31.28
N ALA B 115 10.93 -2.30 31.49
CA ALA B 115 11.95 -3.12 32.13
C ALA B 115 13.20 -3.22 31.26
N GLU B 116 13.03 -3.60 29.99
CA GLU B 116 14.19 -3.86 29.14
C GLU B 116 14.70 -2.62 28.44
N SER B 117 13.83 -1.62 28.24
CA SER B 117 14.28 -0.37 27.62
C SER B 117 15.37 0.28 28.45
N GLN B 118 15.24 0.21 29.78
CA GLN B 118 16.27 0.79 30.64
C GLN B 118 17.61 0.08 30.46
N ARG B 119 17.59 -1.25 30.37
CA ARG B 119 18.84 -1.98 30.18
C ARG B 119 19.47 -1.66 28.83
N HIS B 120 18.64 -1.56 27.78
CA HIS B 120 19.18 -1.24 26.47
C HIS B 120 19.74 0.17 26.43
N LEU B 121 19.07 1.12 27.10
CA LEU B 121 19.62 2.46 27.18
C LEU B 121 20.91 2.48 28.00
N ARG B 122 21.02 1.64 29.02
CA ARG B 122 22.27 1.52 29.77
C ARG B 122 23.39 1.05 28.85
N SER B 123 23.11 0.04 28.03
CA SER B 123 24.12 -0.44 27.09
C SER B 123 24.50 0.65 26.10
N PHE B 124 23.52 1.36 25.56
CA PHE B 124 23.81 2.45 24.62
C PHE B 124 24.68 3.51 25.28
N MET B 125 24.30 3.95 26.48
CA MET B 125 25.08 4.96 27.18
C MET B 125 26.48 4.49 27.47
N GLU B 126 26.65 3.19 27.76
CA GLU B 126 27.99 2.63 27.91
C GLU B 126 28.77 2.74 26.60
N ALA B 127 28.10 2.51 25.47
CA ALA B 127 28.78 2.60 24.18
C ALA B 127 29.05 4.05 23.78
N TYR B 128 28.07 4.93 23.98
CA TYR B 128 28.10 6.28 23.44
C TYR B 128 28.19 7.36 24.51
N SER B 129 28.76 7.02 25.68
CA SER B 129 28.79 7.97 26.78
C SER B 129 29.63 9.20 26.43
N SER B 130 30.76 9.01 25.77
CA SER B 130 31.70 10.10 25.56
C SER B 130 31.16 11.18 24.62
N ASN B 131 30.14 10.87 23.82
CA ASN B 131 29.62 11.81 22.83
C ASN B 131 28.36 12.52 23.31
N CYS B 132 27.31 11.76 23.64
CA CYS B 132 26.03 12.33 24.02
C CYS B 132 25.71 11.96 25.46
N SER B 133 25.17 12.93 26.19
CA SER B 133 24.81 12.74 27.59
C SER B 133 23.31 12.53 27.72
N ILE B 134 22.92 11.59 28.57
CA ILE B 134 21.53 11.21 28.76
C ILE B 134 21.01 11.85 30.04
N ILE B 135 19.89 12.56 29.95
CA ILE B 135 19.27 13.17 31.12
C ILE B 135 17.94 12.48 31.38
N ILE B 136 17.97 11.44 32.21
CA ILE B 136 16.73 10.73 32.53
C ILE B 136 15.82 11.64 33.34
N THR B 137 14.56 11.23 33.46
CA THR B 137 13.59 11.98 34.26
C THR B 137 12.55 10.99 34.76
N ALA B 138 12.65 10.61 36.04
CA ALA B 138 11.79 9.60 36.62
C ALA B 138 11.10 10.14 37.87
N ASN B 139 9.85 9.71 38.07
CA ASN B 139 9.12 10.08 39.27
C ASN B 139 9.62 9.31 40.48
N ASN B 140 9.59 7.98 40.39
CA ASN B 140 10.13 7.12 41.44
C ASN B 140 11.46 6.55 40.98
N ILE B 141 12.48 6.70 41.83
CA ILE B 141 13.82 6.26 41.44
C ILE B 141 13.90 4.75 41.35
N ASP B 142 13.21 4.04 42.24
CA ASP B 142 13.28 2.59 42.24
C ASP B 142 12.74 1.98 40.95
N GLY B 143 11.94 2.74 40.19
CA GLY B 143 11.51 2.26 38.89
C GLY B 143 12.62 2.16 37.88
N ILE B 144 13.73 2.85 38.12
CA ILE B 144 14.91 2.77 37.27
C ILE B 144 15.78 1.63 37.75
N ILE B 145 16.24 0.78 36.81
CA ILE B 145 17.07 -0.34 37.19
C ILE B 145 18.29 0.15 37.96
N LYS B 146 18.76 -0.67 38.90
CA LYS B 146 19.90 -0.30 39.72
C LYS B 146 21.15 -0.04 38.88
N PRO B 147 21.51 -0.87 37.90
CA PRO B 147 22.73 -0.58 37.12
C PRO B 147 22.71 0.78 36.45
N LEU B 148 21.54 1.21 35.96
CA LEU B 148 21.46 2.51 35.30
C LEU B 148 21.68 3.66 36.27
N GLN B 149 21.38 3.46 37.55
CA GLN B 149 21.54 4.53 38.52
C GLN B 149 22.99 4.96 38.66
N SER B 150 23.92 3.99 38.67
CA SER B 150 25.33 4.33 38.88
C SER B 150 25.87 5.19 37.76
N ARG B 151 25.47 4.91 36.52
CA ARG B 151 26.06 5.61 35.38
C ARG B 151 25.82 7.11 35.46
N CYS B 152 24.61 7.52 35.80
CA CYS B 152 24.22 8.93 35.81
C CYS B 152 23.99 9.41 37.24
N ARG B 153 24.39 10.64 37.51
CA ARG B 153 24.26 11.20 38.86
C ARG B 153 22.82 11.65 39.10
N VAL B 154 22.23 11.19 40.19
CA VAL B 154 20.83 11.47 40.48
C VAL B 154 20.69 12.83 41.12
N ILE B 155 19.66 13.57 40.70
CA ILE B 155 19.30 14.85 41.30
C ILE B 155 17.84 14.78 41.72
N THR B 156 17.56 15.22 42.94
CA THR B 156 16.20 15.15 43.50
C THR B 156 15.61 16.56 43.60
N PHE B 157 14.38 16.69 43.11
CA PHE B 157 13.64 17.94 43.22
C PHE B 157 12.94 17.99 44.58
N GLY B 158 12.05 18.97 44.75
CA GLY B 158 11.21 18.99 45.92
C GLY B 158 11.95 19.40 47.19
N GLN B 159 11.33 19.07 48.31
CA GLN B 159 11.79 19.49 49.64
C GLN B 159 11.99 21.00 49.72
N PRO B 160 10.99 21.79 49.33
CA PRO B 160 11.10 23.24 49.52
C PRO B 160 11.07 23.59 51.00
N THR B 161 11.78 24.66 51.34
CA THR B 161 11.81 25.15 52.71
C THR B 161 10.80 26.27 52.88
N ASP B 162 10.59 26.65 54.15
CA ASP B 162 9.56 27.66 54.45
C ASP B 162 9.80 28.95 53.67
N GLU B 163 11.03 29.49 53.76
CA GLU B 163 11.35 30.65 52.96
C GLU B 163 11.28 30.31 51.47
N ASP B 164 11.78 29.14 51.09
CA ASP B 164 11.65 28.70 49.70
C ASP B 164 10.19 28.55 49.32
N LYS B 165 9.37 28.00 50.23
CA LYS B 165 7.96 27.84 49.94
C LYS B 165 7.30 29.18 49.66
N ILE B 166 7.56 30.17 50.52
CA ILE B 166 6.94 31.48 50.33
C ILE B 166 7.43 32.14 49.05
N GLU B 167 8.74 32.06 48.79
CA GLU B 167 9.27 32.68 47.57
C GLU B 167 8.69 32.04 46.32
N MET B 168 8.62 30.70 46.30
CA MET B 168 8.06 30.01 45.14
C MET B 168 6.58 30.34 44.98
N MET B 169 5.84 30.41 46.08
CA MET B 169 4.43 30.74 46.00
C MET B 169 4.22 32.13 45.40
N LYS B 170 4.99 33.12 45.89
CA LYS B 170 4.88 34.47 45.35
C LYS B 170 5.27 34.50 43.88
N GLN B 171 6.36 33.81 43.53
CA GLN B 171 6.82 33.79 42.15
C GLN B 171 5.77 33.18 41.23
N MET B 172 5.15 32.08 41.66
CA MET B 172 4.15 31.44 40.82
C MET B 172 2.87 32.26 40.74
N ILE B 173 2.51 32.98 41.81
CA ILE B 173 1.36 33.88 41.73
C ILE B 173 1.62 34.99 40.73
N ARG B 174 2.81 35.58 40.77
CA ARG B 174 3.15 36.62 39.79
C ARG B 174 3.16 36.05 38.38
N ARG B 175 3.70 34.84 38.21
CA ARG B 175 3.71 34.21 36.89
C ARG B 175 2.30 33.95 36.40
N LEU B 176 1.40 33.51 37.29
CA LEU B 176 0.02 33.29 36.91
C LEU B 176 -0.65 34.59 36.48
N THR B 177 -0.39 35.67 37.22
CA THR B 177 -0.95 36.96 36.82
C THR B 177 -0.44 37.38 35.44
N GLU B 178 0.86 37.22 35.21
CA GLU B 178 1.43 37.57 33.92
C GLU B 178 0.84 36.72 32.80
N ILE B 179 0.69 35.41 33.05
CA ILE B 179 0.12 34.53 32.03
C ILE B 179 -1.31 34.92 31.72
N CYS B 180 -2.10 35.21 32.76
CA CYS B 180 -3.49 35.61 32.54
C CYS B 180 -3.57 36.91 31.76
N LYS B 181 -2.71 37.88 32.07
CA LYS B 181 -2.69 39.12 31.31
C LYS B 181 -2.32 38.85 29.86
N HIS B 182 -1.31 38.00 29.63
CA HIS B 182 -0.88 37.72 28.26
C HIS B 182 -1.91 36.93 27.48
N GLU B 183 -2.75 36.17 28.17
CA GLU B 183 -3.73 35.30 27.53
C GLU B 183 -5.11 35.95 27.41
N GLY B 184 -5.24 37.22 27.78
CA GLY B 184 -6.53 37.88 27.71
C GLY B 184 -7.55 37.30 28.67
N ILE B 185 -7.14 36.95 29.88
CA ILE B 185 -8.02 36.41 30.90
C ILE B 185 -8.03 37.38 32.07
N ALA B 186 -9.23 37.82 32.46
CA ALA B 186 -9.38 38.74 33.58
C ALA B 186 -9.63 37.96 34.86
N ILE B 187 -8.81 38.20 35.88
CA ILE B 187 -8.95 37.54 37.16
C ILE B 187 -9.83 38.40 38.06
N ALA B 188 -10.94 37.82 38.53
CA ALA B 188 -11.89 38.59 39.32
C ALA B 188 -11.26 39.08 40.62
N ASP B 189 -10.52 38.22 41.30
CA ASP B 189 -9.93 38.55 42.60
C ASP B 189 -8.46 38.16 42.61
N MET B 190 -7.62 39.08 43.09
CA MET B 190 -6.20 38.77 43.22
C MET B 190 -5.97 37.62 44.18
N LYS B 191 -6.74 37.58 45.28
CA LYS B 191 -6.62 36.48 46.23
C LYS B 191 -6.96 35.14 45.61
N VAL B 192 -7.71 35.13 44.51
CA VAL B 192 -8.06 33.88 43.85
C VAL B 192 -6.81 33.16 43.35
N VAL B 193 -5.90 33.92 42.72
CA VAL B 193 -4.68 33.32 42.20
C VAL B 193 -3.84 32.75 43.33
N ALA B 194 -3.71 33.51 44.43
CA ALA B 194 -2.94 33.03 45.57
C ALA B 194 -3.54 31.76 46.15
N ALA B 195 -4.88 31.72 46.28
CA ALA B 195 -5.52 30.53 46.80
C ALA B 195 -5.30 29.34 45.87
N LEU B 196 -5.43 29.55 44.55
CA LEU B 196 -5.23 28.46 43.60
C LEU B 196 -3.81 27.93 43.68
N VAL B 197 -2.83 28.82 43.76
CA VAL B 197 -1.43 28.37 43.84
C VAL B 197 -1.17 27.66 45.16
N LYS B 198 -1.79 28.12 46.24
CA LYS B 198 -1.62 27.45 47.53
C LYS B 198 -2.24 26.06 47.51
N LYS B 199 -3.36 25.89 46.79
CA LYS B 199 -4.05 24.61 46.80
C LYS B 199 -3.12 23.48 46.38
N ASN B 200 -2.38 23.68 45.28
CA ASN B 200 -1.36 22.74 44.83
C ASN B 200 -0.07 23.53 44.59
N PHE B 201 0.68 23.74 45.67
CA PHE B 201 1.94 24.47 45.59
C PHE B 201 3.08 23.58 45.11
N PRO B 202 3.30 22.43 45.76
CA PRO B 202 4.50 21.65 45.45
C PRO B 202 4.67 21.38 43.97
N ASP B 203 3.57 21.26 43.22
CA ASP B 203 3.61 21.07 41.79
C ASP B 203 2.88 22.21 41.10
N PHE B 204 3.47 22.72 40.02
CA PHE B 204 2.91 23.84 39.29
C PHE B 204 2.27 23.44 37.97
N ARG B 205 2.63 22.28 37.43
CA ARG B 205 1.95 21.82 36.21
C ARG B 205 0.47 21.62 36.46
N LYS B 206 0.10 21.10 37.63
CA LYS B 206 -1.30 20.94 37.96
C LYS B 206 -2.02 22.29 38.02
N THR B 207 -1.37 23.29 38.61
CA THR B 207 -1.96 24.62 38.67
C THR B 207 -2.17 25.19 37.27
N ILE B 208 -1.16 25.07 36.41
CA ILE B 208 -1.27 25.60 35.06
C ILE B 208 -2.36 24.86 34.28
N GLY B 209 -2.45 23.55 34.48
CA GLY B 209 -3.49 22.78 33.81
C GLY B 209 -4.88 23.16 34.28
N GLU B 210 -5.04 23.37 35.59
CA GLU B 210 -6.34 23.80 36.10
C GLU B 210 -6.71 25.16 35.53
N LEU B 211 -5.76 26.09 35.49
CA LEU B 211 -6.04 27.40 34.91
C LEU B 211 -6.41 27.27 33.43
N ASP B 212 -5.70 26.41 32.70
CA ASP B 212 -5.98 26.24 31.27
C ASP B 212 -7.38 25.65 31.07
N SER B 213 -7.75 24.67 31.89
CA SER B 213 -9.08 24.07 31.77
C SER B 213 -10.17 25.08 32.13
N TYR B 214 -9.94 25.91 33.15
CA TYR B 214 -10.93 26.89 33.56
C TYR B 214 -10.99 28.09 32.61
N SER B 215 -9.96 28.31 31.81
CA SER B 215 -9.91 29.48 30.94
C SER B 215 -11.11 29.59 30.00
N SER B 216 -11.96 28.56 29.92
CA SER B 216 -13.13 28.65 29.05
C SER B 216 -14.02 29.83 29.46
N LYS B 217 -14.27 29.99 30.76
CA LYS B 217 -15.05 31.11 31.24
C LYS B 217 -14.36 32.45 31.00
N GLY B 218 -13.04 32.45 30.82
CA GLY B 218 -12.31 33.67 30.59
C GLY B 218 -11.99 34.47 31.83
N VAL B 219 -12.41 34.02 33.00
CA VAL B 219 -12.15 34.70 34.26
C VAL B 219 -11.79 33.65 35.31
N LEU B 220 -10.76 33.93 36.11
CA LEU B 220 -10.36 33.03 37.18
C LEU B 220 -11.33 33.20 38.35
N ASP B 221 -12.53 32.63 38.17
CA ASP B 221 -13.55 32.71 39.20
C ASP B 221 -13.16 31.86 40.40
N ALA B 222 -13.84 32.12 41.53
CA ALA B 222 -13.57 31.35 42.73
C ALA B 222 -13.92 29.88 42.57
N GLY B 223 -14.68 29.53 41.54
CA GLY B 223 -15.01 28.15 41.29
C GLY B 223 -13.85 27.28 40.87
N ILE B 224 -12.70 27.88 40.53
CA ILE B 224 -11.53 27.09 40.16
C ILE B 224 -11.05 26.27 41.34
N LEU B 225 -11.16 26.82 42.55
CA LEU B 225 -10.79 26.08 43.74
C LEU B 225 -11.65 24.82 43.91
N SER B 226 -12.82 24.77 43.28
CA SER B 226 -13.67 23.59 43.36
C SER B 226 -13.25 22.50 42.38
N LEU B 227 -12.40 22.80 41.41
CA LEU B 227 -11.94 21.81 40.44
C LEU B 227 -10.99 20.84 41.13
N VAL B 228 -11.51 19.67 41.51
CA VAL B 228 -10.69 18.68 42.21
C VAL B 228 -9.63 18.11 41.29
N THR B 229 -9.97 17.90 40.02
CA THR B 229 -9.07 17.27 39.07
C THR B 229 -8.74 15.85 39.52
N ASN B 230 -7.68 15.26 38.94
CA ASN B 230 -7.31 13.89 39.26
C ASN B 230 -5.83 13.70 38.97
N ASP B 231 -5.15 12.98 39.85
CA ASP B 231 -3.73 12.70 39.63
C ASP B 231 -3.56 11.96 38.31
N ARG B 232 -2.57 12.38 37.53
CA ARG B 232 -2.36 11.79 36.22
C ARG B 232 -2.01 10.31 36.31
N GLY B 233 -1.13 9.95 37.25
CA GLY B 233 -0.73 8.56 37.38
C GLY B 233 -1.87 7.65 37.80
N ALA B 234 -2.77 8.16 38.64
CA ALA B 234 -3.84 7.35 39.18
C ALA B 234 -4.81 6.93 38.09
N ILE B 235 -5.41 5.76 38.27
CA ILE B 235 -6.42 5.22 37.36
C ILE B 235 -7.70 5.00 38.14
N ASP B 236 -7.96 5.84 39.14
CA ASP B 236 -9.05 5.59 40.06
C ASP B 236 -10.39 5.48 39.35
N ASP B 237 -10.53 6.11 38.19
CA ASP B 237 -11.78 5.99 37.44
C ASP B 237 -12.06 4.55 37.04
N VAL B 238 -11.04 3.84 36.55
CA VAL B 238 -11.22 2.45 36.16
C VAL B 238 -11.62 1.61 37.37
N LEU B 239 -10.95 1.81 38.50
CA LEU B 239 -11.26 1.01 39.68
C LEU B 239 -12.66 1.28 40.20
N GLU B 240 -13.07 2.55 40.22
CA GLU B 240 -14.42 2.87 40.66
C GLU B 240 -15.45 2.26 39.73
N SER B 241 -15.23 2.34 38.42
CA SER B 241 -16.17 1.76 37.47
C SER B 241 -16.24 0.25 37.59
N LEU B 242 -15.08 -0.39 37.84
CA LEU B 242 -15.08 -1.84 38.06
C LEU B 242 -15.88 -2.19 39.30
N LYS B 243 -15.70 -1.42 40.38
CA LYS B 243 -16.47 -1.69 41.59
C LYS B 243 -17.96 -1.52 41.35
N ASN B 244 -18.36 -0.47 40.63
CA ASN B 244 -19.76 -0.27 40.31
C ASN B 244 -20.27 -1.22 39.24
N LYS B 245 -19.38 -1.90 38.53
CA LYS B 245 -19.76 -2.86 37.49
C LYS B 245 -20.58 -2.22 36.38
N ASP B 246 -20.30 -0.95 36.08
CA ASP B 246 -21.01 -0.24 35.01
C ASP B 246 -20.24 -0.44 33.71
N VAL B 247 -20.57 -1.52 33.00
CA VAL B 247 -19.86 -1.83 31.76
C VAL B 247 -20.09 -0.72 30.73
N LYS B 248 -21.17 0.05 30.86
CA LYS B 248 -21.41 1.13 29.91
C LYS B 248 -20.32 2.18 29.97
N GLN B 249 -19.69 2.35 31.14
CA GLN B 249 -18.61 3.31 31.28
C GLN B 249 -17.24 2.70 31.05
N LEU B 250 -17.06 1.42 31.40
CA LEU B 250 -15.78 0.77 31.16
C LEU B 250 -15.48 0.71 29.66
N ARG B 251 -16.48 0.43 28.84
CA ARG B 251 -16.25 0.38 27.39
C ARG B 251 -15.86 1.74 26.86
N ALA B 252 -16.54 2.80 27.31
CA ALA B 252 -16.23 4.15 26.84
C ALA B 252 -14.93 4.69 27.42
N LEU B 253 -14.44 4.09 28.49
CA LEU B 253 -13.19 4.50 29.10
C LEU B 253 -12.00 3.67 28.64
N ALA B 254 -12.24 2.51 28.03
CA ALA B 254 -11.13 1.70 27.53
C ALA B 254 -10.25 2.44 26.55
N PRO B 255 -10.77 3.22 25.59
CA PRO B 255 -9.87 3.93 24.67
C PRO B 255 -8.90 4.87 25.37
N LYS B 256 -9.30 5.42 26.52
CA LYS B 256 -8.42 6.34 27.23
C LYS B 256 -7.12 5.67 27.64
N TYR B 257 -7.21 4.45 28.17
CA TYR B 257 -6.05 3.71 28.63
C TYR B 257 -5.54 2.70 27.63
N ALA B 258 -6.14 2.62 26.44
CA ALA B 258 -5.69 1.68 25.42
C ALA B 258 -4.50 2.19 24.62
N ALA B 259 -4.15 3.47 24.74
CA ALA B 259 -3.01 4.00 24.00
C ALA B 259 -1.71 3.35 24.46
N ASP B 260 -1.55 3.17 25.78
CA ASP B 260 -0.38 2.49 26.37
C ASP B 260 -0.90 1.32 27.19
N TYR B 261 -1.08 0.17 26.54
CA TYR B 261 -1.65 -0.99 27.22
C TYR B 261 -0.70 -1.52 28.28
N SER B 262 0.59 -1.63 27.95
CA SER B 262 1.53 -2.25 28.88
C SER B 262 1.52 -1.55 30.24
N TRP B 263 1.70 -0.23 30.23
CA TRP B 263 1.69 0.51 31.49
C TRP B 263 0.34 0.37 32.19
N PHE B 264 -0.75 0.43 31.44
CA PHE B 264 -2.05 0.37 32.09
C PHE B 264 -2.30 -0.98 32.75
N VAL B 265 -1.94 -2.08 32.08
CA VAL B 265 -2.12 -3.39 32.70
C VAL B 265 -1.21 -3.52 33.91
N GLY B 266 0.01 -3.00 33.82
CA GLY B 266 0.87 -3.00 34.99
C GLY B 266 0.24 -2.26 36.16
N LYS B 267 -0.28 -1.08 35.90
CA LYS B 267 -0.92 -0.29 36.96
C LYS B 267 -2.16 -0.98 37.50
N LEU B 268 -2.94 -1.61 36.63
CA LEU B 268 -4.15 -2.30 37.07
C LEU B 268 -3.80 -3.46 37.98
N ALA B 269 -2.87 -4.31 37.55
CA ALA B 269 -2.44 -5.41 38.41
C ALA B 269 -1.82 -4.90 39.69
N GLU B 270 -1.21 -3.71 39.65
CA GLU B 270 -0.59 -3.15 40.84
C GLU B 270 -1.63 -2.65 41.84
N GLU B 271 -2.67 -1.98 41.36
CA GLU B 271 -3.61 -1.30 42.24
C GLU B 271 -4.80 -2.17 42.62
N ILE B 272 -5.42 -2.86 41.65
CA ILE B 272 -6.52 -3.76 41.95
C ILE B 272 -6.11 -4.89 42.88
N TYR B 273 -4.81 -5.05 43.12
CA TYR B 273 -4.34 -6.12 44.00
C TYR B 273 -4.59 -5.78 45.47
N SER B 274 -4.56 -4.50 45.82
CA SER B 274 -4.68 -4.07 47.21
C SER B 274 -6.10 -3.67 47.59
N ARG B 275 -7.08 -3.90 46.71
CA ARG B 275 -8.47 -3.56 47.03
C ARG B 275 -9.43 -4.65 46.58
N VAL B 276 -8.97 -5.90 46.53
CA VAL B 276 -9.83 -7.04 46.25
C VAL B 276 -9.50 -8.15 47.24
N THR B 277 -10.47 -9.04 47.44
CA THR B 277 -10.28 -10.11 48.41
C THR B 277 -9.12 -11.00 48.00
N PRO B 278 -8.35 -11.52 48.96
CA PRO B 278 -7.20 -12.36 48.60
C PRO B 278 -7.59 -13.56 47.75
N GLN B 279 -8.78 -14.11 47.97
CA GLN B 279 -9.23 -15.21 47.12
C GLN B 279 -9.35 -14.77 45.67
N SER B 280 -9.79 -13.54 45.43
CA SER B 280 -9.96 -13.03 44.07
C SER B 280 -8.69 -12.42 43.51
N ILE B 281 -7.62 -12.29 44.31
CA ILE B 281 -6.36 -11.80 43.76
C ILE B 281 -5.80 -12.79 42.75
N ILE B 282 -5.91 -14.09 43.05
CA ILE B 282 -5.44 -15.11 42.11
C ILE B 282 -6.21 -15.01 40.80
N ARG B 283 -7.53 -14.87 40.87
CA ARG B 283 -8.33 -14.77 39.66
C ARG B 283 -8.04 -13.47 38.91
N MET B 284 -7.79 -12.39 39.64
CA MET B 284 -7.43 -11.13 38.98
C MET B 284 -6.14 -11.29 38.21
N TYR B 285 -5.14 -11.91 38.82
CA TYR B 285 -3.89 -12.16 38.10
C TYR B 285 -4.12 -13.09 36.92
N GLU B 286 -4.98 -14.10 37.07
CA GLU B 286 -5.28 -14.97 35.93
C GLU B 286 -5.86 -14.16 34.78
N ILE B 287 -6.85 -13.32 35.05
CA ILE B 287 -7.51 -12.57 33.98
C ILE B 287 -6.56 -11.57 33.34
N VAL B 288 -5.87 -10.78 34.16
CA VAL B 288 -4.97 -9.77 33.62
C VAL B 288 -3.80 -10.43 32.90
N GLY B 289 -3.31 -11.55 33.42
CA GLY B 289 -2.23 -12.25 32.75
C GLY B 289 -2.65 -12.82 31.41
N GLU B 290 -3.85 -13.41 31.37
CA GLU B 290 -4.36 -13.99 30.11
C GLU B 290 -4.58 -12.87 29.08
N ASN B 291 -5.15 -11.73 29.52
CA ASN B 291 -5.40 -10.57 28.62
C ASN B 291 -4.06 -10.01 28.12
N ASN B 292 -3.09 -9.85 29.02
CA ASN B 292 -1.75 -9.34 28.65
C ASN B 292 -1.08 -10.34 27.70
N GLN B 293 -1.24 -11.62 28.00
CA GLN B 293 -0.67 -12.71 27.22
C GLN B 293 -1.06 -12.59 25.76
N TYR B 294 -2.32 -12.25 25.50
CA TYR B 294 -2.81 -12.22 24.13
C TYR B 294 -2.60 -10.88 23.44
N HIS B 295 -2.23 -9.83 24.16
CA HIS B 295 -1.96 -8.57 23.50
C HIS B 295 -0.70 -8.69 22.65
N GLY B 296 -0.87 -8.54 21.34
CA GLY B 296 0.20 -8.81 20.41
C GLY B 296 -0.33 -9.70 19.31
N ILE B 297 -1.23 -10.61 19.70
CA ILE B 297 -2.04 -11.34 18.74
C ILE B 297 -3.38 -10.66 18.51
N ALA B 298 -3.67 -9.59 19.24
CA ALA B 298 -4.94 -8.89 19.13
C ALA B 298 -4.78 -7.69 18.18
N ALA B 299 -5.67 -7.61 17.19
CA ALA B 299 -5.55 -6.56 16.19
C ALA B 299 -5.77 -5.18 16.80
N ASN B 300 -6.86 -5.02 17.56
CA ASN B 300 -7.21 -3.74 18.16
C ASN B 300 -7.09 -3.87 19.67
N THR B 301 -6.24 -3.04 20.28
CA THR B 301 -6.01 -3.13 21.71
C THR B 301 -7.14 -2.52 22.53
N GLU B 302 -7.89 -1.58 21.94
CA GLU B 302 -9.01 -0.98 22.68
C GLU B 302 -10.08 -2.02 23.00
N LEU B 303 -10.41 -2.89 22.04
CA LEU B 303 -11.38 -3.94 22.32
C LEU B 303 -10.82 -4.97 23.28
N HIS B 304 -9.52 -5.25 23.19
CA HIS B 304 -8.87 -6.11 24.17
C HIS B 304 -9.09 -5.58 25.57
N LEU B 305 -8.83 -4.28 25.76
CA LEU B 305 -8.99 -3.67 27.08
C LEU B 305 -10.44 -3.62 27.50
N ALA B 306 -11.37 -3.39 26.56
CA ALA B 306 -12.78 -3.39 26.92
C ALA B 306 -13.21 -4.77 27.41
N TYR B 307 -12.76 -5.82 26.74
CA TYR B 307 -13.06 -7.17 27.20
C TYR B 307 -12.45 -7.43 28.57
N LEU B 308 -11.22 -7.00 28.78
CA LEU B 308 -10.61 -7.16 30.09
C LEU B 308 -11.43 -6.45 31.17
N PHE B 309 -11.92 -5.25 30.85
CA PHE B 309 -12.72 -4.50 31.81
C PHE B 309 -14.01 -5.23 32.15
N ILE B 310 -14.72 -5.73 31.13
CA ILE B 310 -15.97 -6.42 31.41
C ILE B 310 -15.71 -7.68 32.22
N GLN B 311 -14.65 -8.41 31.89
CA GLN B 311 -14.33 -9.64 32.63
C GLN B 311 -14.00 -9.32 34.09
N LEU B 312 -13.18 -8.30 34.32
CA LEU B 312 -12.83 -7.94 35.69
C LEU B 312 -14.06 -7.48 36.46
N ALA B 313 -14.92 -6.68 35.83
CA ALA B 313 -16.12 -6.20 36.51
C ALA B 313 -17.04 -7.35 36.89
N CYS B 314 -17.20 -8.34 36.00
CA CYS B 314 -18.12 -9.43 36.29
C CYS B 314 -17.50 -10.54 37.12
N GLU B 315 -16.18 -10.54 37.33
CA GLU B 315 -15.52 -11.64 38.02
C GLU B 315 -14.60 -11.16 39.13
N MET B 316 -14.93 -10.04 39.77
CA MET B 316 -14.08 -9.46 40.81
C MET B 316 -14.85 -9.38 42.11
N GLN B 317 -14.24 -9.88 43.18
CA GLN B 317 -14.78 -9.74 44.54
C GLN B 317 -14.03 -8.59 45.20
N TRP B 318 -14.75 -7.49 45.43
CA TRP B 318 -14.13 -6.25 45.90
C TRP B 318 -14.22 -6.17 47.42
N LYS B 319 -13.07 -6.03 48.07
CA LYS B 319 -13.00 -5.92 49.52
C LYS B 319 -12.93 -4.47 49.95
N GLY C 233 20.44 -35.88 11.52
CA GLY C 233 20.30 -35.78 12.97
C GLY C 233 19.87 -37.08 13.61
N ALA C 234 19.75 -37.06 14.94
CA ALA C 234 19.37 -38.22 15.72
C ALA C 234 18.03 -37.95 16.39
N ILE C 235 17.10 -38.90 16.26
CA ILE C 235 15.77 -38.78 16.86
C ILE C 235 15.49 -40.00 17.71
N ASP C 236 16.31 -41.04 17.56
CA ASP C 236 16.10 -42.27 18.32
C ASP C 236 16.24 -42.02 19.82
N ASP C 237 17.21 -41.20 20.21
CA ASP C 237 17.41 -40.91 21.63
C ASP C 237 16.18 -40.26 22.24
N VAL C 238 15.61 -39.27 21.54
CA VAL C 238 14.45 -38.56 22.08
C VAL C 238 13.23 -39.48 22.13
N LEU C 239 13.04 -40.29 21.09
CA LEU C 239 11.90 -41.19 21.09
C LEU C 239 12.01 -42.23 22.22
N GLU C 240 13.20 -42.77 22.43
CA GLU C 240 13.38 -43.72 23.52
C GLU C 240 13.20 -43.04 24.87
N SER C 241 13.68 -41.80 25.00
CA SER C 241 13.48 -41.06 26.25
C SER C 241 12.00 -40.86 26.53
N LEU C 242 11.23 -40.50 25.51
CA LEU C 242 9.79 -40.39 25.68
C LEU C 242 9.18 -41.74 26.07
N LYS C 243 9.64 -42.82 25.44
CA LYS C 243 9.11 -44.14 25.73
C LYS C 243 9.33 -44.53 27.19
N ASN C 244 10.54 -44.29 27.71
CA ASN C 244 10.84 -44.61 29.10
C ASN C 244 10.44 -43.49 30.05
N LYS C 245 10.09 -42.32 29.55
CA LYS C 245 9.60 -41.20 30.38
C LYS C 245 10.68 -40.70 31.33
N ASP C 246 11.88 -40.50 30.79
CA ASP C 246 12.95 -39.86 31.57
C ASP C 246 12.78 -38.35 31.54
N VAL C 247 13.38 -37.68 32.52
CA VAL C 247 13.21 -36.24 32.66
C VAL C 247 14.54 -35.52 32.55
N LYS C 248 15.63 -36.19 32.95
CA LYS C 248 16.94 -35.58 32.87
C LYS C 248 17.43 -35.52 31.43
N GLN C 249 17.27 -36.63 30.68
CA GLN C 249 17.77 -36.68 29.32
C GLN C 249 17.04 -35.69 28.43
N LEU C 250 15.73 -35.50 28.63
CA LEU C 250 14.99 -34.55 27.82
C LEU C 250 15.58 -33.14 27.97
N ARG C 251 15.80 -32.71 29.23
CA ARG C 251 16.39 -31.40 29.44
C ARG C 251 17.79 -31.33 28.84
N ALA C 252 18.59 -32.39 29.01
CA ALA C 252 19.95 -32.36 28.51
C ALA C 252 20.00 -32.22 27.00
N LEU C 253 19.13 -32.96 26.29
CA LEU C 253 19.15 -32.97 24.84
C LEU C 253 18.35 -31.83 24.21
N ALA C 254 17.51 -31.15 24.99
CA ALA C 254 16.75 -30.03 24.44
C ALA C 254 17.63 -28.95 23.82
N PRO C 255 18.69 -28.48 24.47
CA PRO C 255 19.54 -27.46 23.83
C PRO C 255 20.22 -27.93 22.57
N LYS C 256 20.33 -29.25 22.35
CA LYS C 256 20.95 -29.77 21.14
C LYS C 256 20.05 -29.63 19.92
N TYR C 257 18.76 -29.33 20.11
CA TYR C 257 17.84 -29.12 19.01
C TYR C 257 17.36 -27.68 18.89
N ALA C 258 17.61 -26.85 19.90
CA ALA C 258 17.10 -25.48 19.87
C ALA C 258 17.72 -24.66 18.74
N ALA C 259 18.92 -25.04 18.28
CA ALA C 259 19.57 -24.27 17.23
C ALA C 259 18.72 -24.23 15.97
N ASP C 260 18.17 -25.38 15.58
CA ASP C 260 17.25 -25.47 14.44
C ASP C 260 15.98 -26.13 14.95
N TYR C 261 14.90 -25.35 15.00
CA TYR C 261 13.65 -25.82 15.60
C TYR C 261 12.75 -26.53 14.59
N SER C 262 12.47 -25.89 13.45
CA SER C 262 11.47 -26.41 12.53
C SER C 262 11.83 -27.80 12.05
N TRP C 263 13.09 -28.02 11.68
CA TRP C 263 13.52 -29.32 11.18
C TRP C 263 13.28 -30.41 12.22
N PHE C 264 13.72 -30.17 13.46
CA PHE C 264 13.58 -31.18 14.49
C PHE C 264 12.11 -31.43 14.82
N VAL C 265 11.31 -30.38 14.88
CA VAL C 265 9.89 -30.54 15.19
C VAL C 265 9.21 -31.38 14.13
N GLY C 266 9.47 -31.06 12.85
CA GLY C 266 8.89 -31.84 11.79
C GLY C 266 9.31 -33.29 11.84
N LYS C 267 10.60 -33.54 12.06
CA LYS C 267 11.08 -34.91 12.12
C LYS C 267 10.42 -35.67 13.27
N LEU C 268 10.35 -35.04 14.45
CA LEU C 268 9.73 -35.71 15.59
C LEU C 268 8.26 -36.00 15.35
N ALA C 269 7.55 -35.05 14.76
CA ALA C 269 6.14 -35.29 14.45
C ALA C 269 6.00 -36.45 13.48
N GLU C 270 6.88 -36.53 12.49
CA GLU C 270 6.82 -37.64 11.54
C GLU C 270 7.07 -38.97 12.24
N GLU C 271 8.14 -39.07 13.02
CA GLU C 271 8.50 -40.34 13.63
C GLU C 271 7.45 -40.80 14.63
N ILE C 272 6.95 -39.89 15.47
CA ILE C 272 6.11 -40.31 16.59
C ILE C 272 4.84 -41.01 16.12
N TYR C 273 4.40 -40.72 14.89
CA TYR C 273 3.13 -41.28 14.42
C TYR C 273 3.17 -42.80 14.38
N SER C 274 4.26 -43.37 13.88
CA SER C 274 4.35 -44.82 13.72
C SER C 274 4.35 -45.56 15.05
N ARG C 275 4.56 -44.88 16.16
CA ARG C 275 4.68 -45.52 17.47
C ARG C 275 3.77 -44.84 18.49
N VAL C 276 2.52 -44.63 18.11
CA VAL C 276 1.54 -43.99 18.99
C VAL C 276 0.18 -44.62 18.79
N THR C 277 -0.57 -44.68 19.90
CA THR C 277 -1.93 -45.30 19.89
C THR C 277 -2.81 -44.51 18.92
N PRO C 278 -3.69 -45.16 18.14
CA PRO C 278 -4.53 -44.44 17.16
C PRO C 278 -5.30 -43.28 17.76
N GLN C 279 -5.82 -43.44 18.98
CA GLN C 279 -6.52 -42.34 19.63
C GLN C 279 -5.53 -41.30 20.15
N SER C 280 -4.31 -41.72 20.51
CA SER C 280 -3.32 -40.79 21.01
C SER C 280 -2.56 -40.11 19.87
N ILE C 281 -2.76 -40.58 18.64
CA ILE C 281 -2.15 -39.94 17.48
C ILE C 281 -2.65 -38.52 17.38
N ILE C 282 -3.96 -38.34 17.56
CA ILE C 282 -4.54 -37.00 17.50
C ILE C 282 -3.96 -36.12 18.59
N ARG C 283 -3.80 -36.65 19.81
CA ARG C 283 -3.24 -35.85 20.89
C ARG C 283 -1.81 -35.45 20.60
N MET C 284 -1.00 -36.39 20.09
CA MET C 284 0.38 -36.05 19.76
C MET C 284 0.44 -34.98 18.68
N TYR C 285 -0.38 -35.13 17.64
CA TYR C 285 -0.40 -34.13 16.58
C TYR C 285 -0.82 -32.77 17.12
N GLU C 286 -1.85 -32.73 17.97
CA GLU C 286 -2.29 -31.46 18.52
C GLU C 286 -1.21 -30.81 19.37
N ILE C 287 -0.51 -31.59 20.19
CA ILE C 287 0.52 -31.04 21.04
C ILE C 287 1.66 -30.48 20.20
N VAL C 288 2.14 -31.26 19.23
CA VAL C 288 3.25 -30.80 18.40
C VAL C 288 2.85 -29.57 17.60
N GLY C 289 1.63 -29.59 17.05
CA GLY C 289 1.17 -28.46 16.27
C GLY C 289 1.03 -27.20 17.09
N GLU C 290 0.51 -27.32 18.31
CA GLU C 290 0.42 -26.16 19.19
C GLU C 290 1.80 -25.61 19.52
N ASN C 291 2.74 -26.50 19.83
CA ASN C 291 4.08 -26.03 20.16
C ASN C 291 4.72 -25.32 18.96
N ASN C 292 4.52 -25.90 17.78
CA ASN C 292 5.05 -25.31 16.52
C ASN C 292 4.38 -23.93 16.34
N GLN C 293 3.09 -23.86 16.63
CA GLN C 293 2.33 -22.62 16.56
C GLN C 293 2.98 -21.53 17.40
N TYR C 294 3.31 -21.85 18.64
CA TYR C 294 3.78 -20.85 19.58
C TYR C 294 5.28 -20.63 19.55
N HIS C 295 6.02 -21.34 18.71
CA HIS C 295 7.42 -21.00 18.53
C HIS C 295 7.53 -19.63 17.85
N GLY C 296 8.75 -19.13 17.75
CA GLY C 296 8.96 -17.83 17.14
C GLY C 296 8.68 -16.71 18.12
N ILE C 297 7.58 -16.83 18.86
CA ILE C 297 7.29 -15.89 19.94
C ILE C 297 7.86 -16.35 21.27
N ALA C 298 8.18 -17.63 21.41
CA ALA C 298 8.71 -18.13 22.67
C ALA C 298 9.97 -17.37 23.06
N ALA C 299 10.06 -17.03 24.34
CA ALA C 299 11.21 -16.27 24.81
C ALA C 299 12.45 -17.16 24.94
N ASN C 300 12.28 -18.41 25.36
CA ASN C 300 13.38 -19.34 25.55
C ASN C 300 13.10 -20.59 24.73
N THR C 301 13.81 -20.74 23.62
CA THR C 301 13.58 -21.88 22.74
C THR C 301 13.91 -23.19 23.43
N GLU C 302 15.02 -23.24 24.17
CA GLU C 302 15.42 -24.50 24.81
C GLU C 302 14.37 -24.97 25.80
N LEU C 303 13.88 -24.07 26.65
CA LEU C 303 12.79 -24.42 27.56
C LEU C 303 11.53 -24.78 26.77
N HIS C 304 11.41 -24.19 25.57
CA HIS C 304 10.27 -24.47 24.65
C HIS C 304 10.29 -25.95 24.22
N LEU C 305 11.46 -26.46 23.85
CA LEU C 305 11.62 -27.88 23.52
C LEU C 305 11.46 -28.75 24.75
N ALA C 306 12.01 -28.33 25.89
CA ALA C 306 11.85 -29.11 27.11
C ALA C 306 10.37 -29.31 27.41
N TYR C 307 9.62 -28.21 27.46
CA TYR C 307 8.18 -28.28 27.69
C TYR C 307 7.50 -29.22 26.72
N LEU C 308 7.88 -29.16 25.45
CA LEU C 308 7.34 -30.10 24.48
C LEU C 308 7.61 -31.53 24.92
N PHE C 309 8.83 -31.80 25.39
CA PHE C 309 9.20 -33.16 25.76
C PHE C 309 8.36 -33.66 26.93
N ILE C 310 8.22 -32.85 27.98
CA ILE C 310 7.42 -33.33 29.11
C ILE C 310 5.95 -33.48 28.70
N GLN C 311 5.44 -32.57 27.87
CA GLN C 311 4.06 -32.69 27.42
C GLN C 311 3.84 -33.99 26.68
N LEU C 312 4.77 -34.35 25.79
CA LEU C 312 4.65 -35.61 25.06
C LEU C 312 4.76 -36.79 25.99
N ALA C 313 5.75 -36.78 26.89
CA ALA C 313 6.00 -37.93 27.75
C ALA C 313 4.84 -38.20 28.69
N CYS C 314 4.27 -37.15 29.28
CA CYS C 314 3.29 -37.34 30.35
C CYS C 314 2.02 -38.03 29.86
N GLU C 315 1.61 -37.77 28.62
CA GLU C 315 0.33 -38.26 28.13
C GLU C 315 0.49 -38.86 26.73
N MET C 316 1.52 -39.67 26.56
CA MET C 316 1.75 -40.32 25.25
C MET C 316 1.17 -41.74 25.32
N GLN C 317 0.23 -42.06 24.43
CA GLN C 317 -0.37 -43.43 24.40
C GLN C 317 0.55 -44.32 23.56
N TRP C 318 1.68 -44.72 24.14
CA TRP C 318 2.70 -45.52 23.42
C TRP C 318 2.12 -46.90 23.04
N LYS C 319 2.38 -47.31 21.81
CA LYS C 319 1.98 -48.61 21.28
C LYS C 319 3.14 -49.27 20.55
N GLY D 233 22.77 -12.87 37.75
CA GLY D 233 23.26 -14.23 37.63
C GLY D 233 22.77 -15.15 38.73
N ALA D 234 22.30 -14.55 39.83
CA ALA D 234 21.79 -15.28 40.98
C ALA D 234 20.31 -14.97 41.16
N ILE D 235 19.50 -16.01 41.32
CA ILE D 235 18.06 -15.85 41.47
C ILE D 235 17.57 -16.47 42.78
N ASP D 236 18.45 -16.55 43.78
CA ASP D 236 18.05 -17.15 45.05
C ASP D 236 16.93 -16.35 45.73
N ASP D 237 16.91 -15.03 45.54
CA ASP D 237 15.84 -14.23 46.14
C ASP D 237 14.48 -14.62 45.59
N VAL D 238 14.39 -14.82 44.27
CA VAL D 238 13.11 -15.19 43.67
C VAL D 238 12.65 -16.53 44.19
N LEU D 239 13.55 -17.51 44.27
CA LEU D 239 13.18 -18.83 44.78
C LEU D 239 12.74 -18.74 46.22
N GLU D 240 13.46 -17.98 47.05
CA GLU D 240 13.08 -17.86 48.45
C GLU D 240 11.72 -17.21 48.61
N SER D 241 11.47 -16.13 47.87
CA SER D 241 10.18 -15.47 47.97
C SER D 241 9.06 -16.37 47.48
N LEU D 242 9.31 -17.12 46.41
CA LEU D 242 8.30 -18.07 45.92
C LEU D 242 8.00 -19.14 46.96
N LYS D 243 9.05 -19.65 47.62
CA LYS D 243 8.83 -20.64 48.68
C LYS D 243 8.01 -20.05 49.82
N ASN D 244 8.33 -18.81 50.21
CA ASN D 244 7.55 -18.15 51.26
C ASN D 244 6.12 -17.85 50.81
N LYS D 245 5.86 -17.86 49.50
CA LYS D 245 4.52 -17.60 48.98
C LYS D 245 4.04 -16.21 49.36
N ASP D 246 4.89 -15.21 49.16
CA ASP D 246 4.56 -13.81 49.41
C ASP D 246 4.41 -13.13 48.05
N VAL D 247 3.17 -13.05 47.57
CA VAL D 247 2.92 -12.54 46.24
C VAL D 247 3.38 -11.11 46.09
N LYS D 248 3.40 -10.36 47.19
CA LYS D 248 3.84 -8.96 47.11
C LYS D 248 5.31 -8.86 46.72
N GLN D 249 6.16 -9.67 47.35
CA GLN D 249 7.59 -9.60 47.05
C GLN D 249 7.89 -10.12 45.65
N LEU D 250 7.20 -11.17 45.22
CA LEU D 250 7.41 -11.69 43.88
C LEU D 250 7.14 -10.62 42.83
N ARG D 251 5.98 -9.97 42.92
CA ARG D 251 5.65 -8.92 41.96
C ARG D 251 6.60 -7.74 42.10
N ALA D 252 6.98 -7.39 43.33
CA ALA D 252 7.89 -6.26 43.53
C ALA D 252 9.23 -6.50 42.85
N LEU D 253 9.77 -7.71 42.97
CA LEU D 253 11.07 -8.02 42.39
C LEU D 253 11.01 -8.46 40.94
N ALA D 254 9.81 -8.71 40.40
CA ALA D 254 9.71 -9.10 39.00
C ALA D 254 10.23 -8.02 38.05
N PRO D 255 9.89 -6.75 38.23
CA PRO D 255 10.39 -5.74 37.27
C PRO D 255 11.88 -5.79 37.04
N LYS D 256 12.67 -6.01 38.09
CA LYS D 256 14.12 -6.00 37.93
C LYS D 256 14.63 -7.27 37.25
N TYR D 257 13.91 -8.38 37.38
CA TYR D 257 14.29 -9.63 36.73
C TYR D 257 13.56 -9.85 35.41
N ALA D 258 12.75 -8.90 34.97
CA ALA D 258 12.02 -9.01 33.72
C ALA D 258 12.79 -8.43 32.54
N ALA D 259 13.90 -7.74 32.78
CA ALA D 259 14.69 -7.23 31.67
C ALA D 259 15.22 -8.35 30.80
N ASP D 260 15.68 -9.43 31.43
CA ASP D 260 16.12 -10.64 30.74
C ASP D 260 15.11 -11.74 31.08
N TYR D 261 14.34 -12.17 30.08
CA TYR D 261 13.28 -13.15 30.32
C TYR D 261 13.69 -14.57 29.95
N SER D 262 14.35 -14.76 28.81
CA SER D 262 14.74 -16.11 28.42
C SER D 262 15.69 -16.73 29.44
N TRP D 263 16.74 -15.97 29.80
CA TRP D 263 17.72 -16.48 30.76
C TRP D 263 17.06 -16.75 32.11
N PHE D 264 16.22 -15.83 32.58
CA PHE D 264 15.58 -16.03 33.87
C PHE D 264 14.64 -17.22 33.84
N VAL D 265 13.93 -17.42 32.73
CA VAL D 265 13.01 -18.55 32.63
C VAL D 265 13.80 -19.85 32.69
N GLY D 266 14.92 -19.92 31.97
CA GLY D 266 15.75 -21.11 32.03
C GLY D 266 16.25 -21.39 33.44
N LYS D 267 16.77 -20.35 34.10
CA LYS D 267 17.29 -20.51 35.45
C LYS D 267 16.19 -20.93 36.42
N LEU D 268 15.02 -20.32 36.31
CA LEU D 268 13.91 -20.69 37.18
C LEU D 268 13.53 -22.13 36.97
N ALA D 269 13.48 -22.58 35.71
CA ALA D 269 13.17 -23.98 35.44
C ALA D 269 14.20 -24.89 36.10
N GLU D 270 15.48 -24.58 35.95
CA GLU D 270 16.51 -25.46 36.50
C GLU D 270 16.43 -25.54 38.02
N GLU D 271 16.40 -24.39 38.69
CA GLU D 271 16.34 -24.38 40.15
C GLU D 271 15.05 -24.98 40.68
N ILE D 272 13.92 -24.73 40.01
CA ILE D 272 12.68 -25.32 40.47
C ILE D 272 12.71 -26.83 40.31
N TYR D 273 13.28 -27.32 39.20
CA TYR D 273 13.43 -28.77 39.03
C TYR D 273 14.29 -29.35 40.13
N SER D 274 15.37 -28.67 40.49
CA SER D 274 16.26 -29.18 41.54
C SER D 274 15.67 -28.99 42.93
N ARG D 275 14.64 -28.16 43.08
CA ARG D 275 14.13 -27.76 44.38
C ARG D 275 12.64 -28.05 44.55
N VAL D 276 12.06 -28.92 43.72
CA VAL D 276 10.64 -29.20 43.75
C VAL D 276 10.41 -30.71 43.82
N THR D 277 9.22 -31.07 44.27
CA THR D 277 8.86 -32.48 44.37
C THR D 277 8.70 -33.08 42.98
N PRO D 278 8.91 -34.40 42.85
CA PRO D 278 8.80 -35.02 41.52
C PRO D 278 7.43 -34.84 40.88
N GLN D 279 6.37 -34.87 41.68
CA GLN D 279 5.02 -34.73 41.11
C GLN D 279 4.79 -33.34 40.55
N SER D 280 5.33 -32.32 41.21
CA SER D 280 5.12 -30.93 40.82
C SER D 280 6.09 -30.44 39.74
N ILE D 281 7.06 -31.27 39.35
CA ILE D 281 7.98 -30.84 38.30
C ILE D 281 7.25 -30.70 36.97
N ILE D 282 6.30 -31.60 36.71
CA ILE D 282 5.51 -31.49 35.49
C ILE D 282 4.67 -30.21 35.53
N ARG D 283 4.09 -29.90 36.69
CA ARG D 283 3.32 -28.67 36.81
C ARG D 283 4.19 -27.44 36.55
N MET D 284 5.40 -27.44 37.10
CA MET D 284 6.32 -26.33 36.85
C MET D 284 6.64 -26.23 35.36
N TYR D 285 6.89 -27.38 34.72
CA TYR D 285 7.18 -27.39 33.29
C TYR D 285 6.02 -26.78 32.51
N GLU D 286 4.80 -27.24 32.76
CA GLU D 286 3.65 -26.69 32.07
C GLU D 286 3.54 -25.19 32.29
N ILE D 287 3.63 -24.74 33.55
CA ILE D 287 3.44 -23.32 33.84
C ILE D 287 4.49 -22.48 33.12
N VAL D 288 5.76 -22.83 33.30
CA VAL D 288 6.83 -22.01 32.75
C VAL D 288 6.84 -22.09 31.23
N GLY D 289 6.54 -23.26 30.67
CA GLY D 289 6.50 -23.39 29.22
C GLY D 289 5.39 -22.56 28.61
N GLU D 290 4.19 -22.63 29.18
CA GLU D 290 3.11 -21.78 28.70
C GLU D 290 3.51 -20.32 28.78
N ASN D 291 4.03 -19.90 29.94
CA ASN D 291 4.29 -18.49 30.15
C ASN D 291 5.39 -17.98 29.22
N ASN D 292 6.42 -18.78 28.97
CA ASN D 292 7.49 -18.32 28.07
C ASN D 292 7.07 -18.40 26.61
N GLN D 293 6.30 -19.43 26.23
CA GLN D 293 5.85 -19.54 24.85
C GLN D 293 4.94 -18.38 24.49
N TYR D 294 4.10 -17.94 25.44
CA TYR D 294 3.27 -16.78 25.18
C TYR D 294 4.04 -15.47 25.27
N HIS D 295 5.31 -15.51 25.70
CA HIS D 295 6.13 -14.32 25.67
C HIS D 295 6.27 -13.82 24.24
N GLY D 296 6.74 -12.59 24.09
CA GLY D 296 6.85 -11.99 22.78
C GLY D 296 5.53 -11.37 22.33
N ILE D 297 4.43 -11.99 22.71
CA ILE D 297 3.10 -11.42 22.50
C ILE D 297 2.54 -11.00 23.86
N ALA D 298 3.44 -10.66 24.79
CA ALA D 298 3.04 -10.16 26.10
C ALA D 298 3.23 -8.66 26.13
N ALA D 299 2.14 -7.92 26.33
CA ALA D 299 2.21 -6.47 26.28
C ALA D 299 3.11 -5.91 27.35
N ASN D 300 3.02 -6.44 28.57
CA ASN D 300 3.82 -5.99 29.70
C ASN D 300 4.58 -7.20 30.24
N THR D 301 5.88 -7.25 29.97
CA THR D 301 6.65 -8.43 30.34
C THR D 301 6.82 -8.55 31.85
N GLU D 302 6.86 -7.44 32.58
CA GLU D 302 6.93 -7.52 34.03
C GLU D 302 5.66 -8.11 34.63
N LEU D 303 4.49 -7.70 34.13
CA LEU D 303 3.25 -8.34 34.57
C LEU D 303 3.24 -9.80 34.16
N HIS D 304 3.81 -10.13 33.01
CA HIS D 304 3.91 -11.52 32.59
C HIS D 304 4.72 -12.34 33.58
N LEU D 305 5.86 -11.79 34.02
CA LEU D 305 6.70 -12.51 34.99
C LEU D 305 6.02 -12.59 36.35
N ALA D 306 5.31 -11.54 36.76
CA ALA D 306 4.57 -11.61 38.01
C ALA D 306 3.48 -12.67 37.95
N TYR D 307 2.83 -12.80 36.79
CA TYR D 307 1.84 -13.86 36.59
C TYR D 307 2.50 -15.22 36.70
N LEU D 308 3.68 -15.38 36.11
CA LEU D 308 4.41 -16.64 36.27
C LEU D 308 4.69 -16.93 37.74
N PHE D 309 5.15 -15.91 38.46
CA PHE D 309 5.50 -16.10 39.86
C PHE D 309 4.29 -16.51 40.68
N ILE D 310 3.15 -15.83 40.47
CA ILE D 310 1.95 -16.17 41.22
C ILE D 310 1.50 -17.60 40.89
N GLN D 311 1.51 -17.96 39.60
CA GLN D 311 1.10 -19.29 39.21
C GLN D 311 1.97 -20.34 39.89
N LEU D 312 3.30 -20.14 39.87
CA LEU D 312 4.19 -21.09 40.51
C LEU D 312 3.96 -21.13 42.02
N ALA D 313 3.76 -19.97 42.64
CA ALA D 313 3.62 -19.90 44.09
C ALA D 313 2.39 -20.66 44.56
N CYS D 314 1.25 -20.48 43.89
CA CYS D 314 0.01 -21.07 44.40
C CYS D 314 -0.28 -22.45 43.81
N GLU D 315 0.61 -23.00 42.99
CA GLU D 315 0.29 -24.21 42.24
C GLU D 315 1.31 -25.33 42.42
N MET D 316 2.28 -25.19 43.32
CA MET D 316 3.30 -26.21 43.44
C MET D 316 3.81 -26.27 44.87
N GLN D 317 4.28 -27.45 45.25
CA GLN D 317 4.91 -27.69 46.54
C GLN D 317 6.43 -27.75 46.37
N TRP D 318 7.14 -27.77 47.49
CA TRP D 318 8.60 -27.72 47.47
C TRP D 318 9.16 -28.86 48.31
N LYS D 319 10.16 -29.54 47.76
CA LYS D 319 10.78 -30.67 48.46
C LYS D 319 11.58 -30.20 49.66
N MET E 1 -19.17 28.52 -19.55
CA MET E 1 -20.59 28.43 -19.25
C MET E 1 -21.41 27.99 -20.46
N SER E 2 -20.96 26.93 -21.13
CA SER E 2 -21.70 26.31 -22.22
C SER E 2 -21.94 27.31 -23.36
N LEU E 3 -20.83 27.69 -24.00
CA LEU E 3 -20.85 28.52 -25.20
C LEU E 3 -22.03 28.18 -26.11
N PHE E 4 -22.34 26.89 -26.23
CA PHE E 4 -23.42 26.45 -27.12
C PHE E 4 -24.71 26.29 -26.33
N LYS E 5 -25.81 26.77 -26.92
CA LYS E 5 -27.14 26.64 -26.31
C LYS E 5 -27.78 25.32 -26.73
N ASP E 6 -27.05 24.23 -26.44
CA ASP E 6 -27.48 22.92 -26.88
C ASP E 6 -28.73 22.46 -26.13
N ASP E 7 -29.68 21.89 -26.86
CA ASP E 7 -30.86 21.31 -26.23
C ASP E 7 -30.57 19.94 -25.63
N ILE E 8 -29.44 19.33 -25.98
CA ILE E 8 -29.05 18.06 -25.38
C ILE E 8 -28.70 18.28 -23.91
N GLN E 9 -29.31 17.50 -23.03
CA GLN E 9 -29.12 17.73 -21.60
C GLN E 9 -27.75 17.27 -21.12
N LEU E 10 -27.28 16.10 -21.59
CA LEU E 10 -26.00 15.57 -21.13
C LEU E 10 -26.01 15.39 -19.61
N ASN E 11 -26.82 14.42 -19.19
CA ASN E 11 -27.26 14.31 -17.79
C ASN E 11 -26.15 13.86 -16.85
N GLU E 12 -25.06 14.61 -16.79
CA GLU E 12 -24.08 14.47 -15.71
C GLU E 12 -23.37 13.12 -15.75
N HIS E 13 -23.83 12.23 -16.63
CA HIS E 13 -23.16 10.98 -16.93
C HIS E 13 -22.70 10.93 -18.36
N GLN E 14 -23.49 11.47 -19.29
CA GLN E 14 -23.03 11.64 -20.65
C GLN E 14 -21.86 12.61 -20.71
N VAL E 15 -21.89 13.67 -19.91
CA VAL E 15 -20.78 14.61 -19.89
C VAL E 15 -19.52 13.95 -19.36
N ALA E 16 -19.67 13.05 -18.39
CA ALA E 16 -18.52 12.39 -17.80
C ALA E 16 -17.95 11.30 -18.69
N TRP E 17 -18.80 10.57 -19.42
CA TRP E 17 -18.34 9.46 -20.24
C TRP E 17 -17.93 9.88 -21.64
N TYR E 18 -18.73 10.73 -22.28
CA TYR E 18 -18.40 11.20 -23.62
C TYR E 18 -17.11 12.00 -23.62
N SER E 19 -16.92 12.83 -22.60
CA SER E 19 -15.72 13.65 -22.51
C SER E 19 -14.50 12.88 -22.03
N LYS E 20 -14.67 11.63 -21.62
CA LYS E 20 -13.57 10.81 -21.12
C LYS E 20 -12.87 11.49 -19.95
N ASP E 21 -13.66 12.14 -19.09
CA ASP E 21 -13.14 12.78 -17.88
C ASP E 21 -13.16 11.75 -16.77
N TRP E 22 -12.15 10.87 -16.78
CA TRP E 22 -12.17 9.71 -15.90
C TRP E 22 -12.33 10.11 -14.44
N THR E 23 -11.85 11.28 -14.05
CA THR E 23 -12.15 11.77 -12.71
C THR E 23 -13.65 12.06 -12.57
N ALA E 24 -14.24 12.71 -13.56
CA ALA E 24 -15.68 12.95 -13.54
C ALA E 24 -16.45 11.64 -13.59
N VAL E 25 -15.94 10.67 -14.36
CA VAL E 25 -16.60 9.36 -14.43
C VAL E 25 -16.56 8.68 -13.06
N GLN E 26 -15.42 8.76 -12.38
CA GLN E 26 -15.32 8.18 -11.05
C GLN E 26 -16.27 8.86 -10.08
N SER E 27 -16.38 10.19 -10.16
CA SER E 27 -17.31 10.88 -9.29
C SER E 27 -18.75 10.47 -9.58
N ALA E 28 -19.10 10.36 -10.86
CA ALA E 28 -20.45 9.92 -11.21
C ALA E 28 -20.73 8.51 -10.72
N ALA E 29 -19.75 7.61 -10.85
CA ALA E 29 -19.93 6.25 -10.37
C ALA E 29 -20.10 6.23 -8.85
N ASP E 30 -19.28 6.98 -8.12
CA ASP E 30 -19.44 7.08 -6.67
C ASP E 30 -20.77 7.73 -6.30
N SER E 31 -21.38 8.48 -7.21
CA SER E 31 -22.69 9.04 -6.95
C SER E 31 -23.73 7.97 -6.64
N PHE E 32 -23.49 6.73 -7.05
CA PHE E 32 -24.36 5.61 -6.72
C PHE E 32 -23.88 4.84 -5.49
N LYS E 33 -22.81 5.31 -4.85
CA LYS E 33 -22.33 4.66 -3.63
C LYS E 33 -23.29 4.91 -2.49
N GLU E 34 -23.85 3.84 -1.94
CA GLU E 34 -24.69 3.99 -0.76
C GLU E 34 -23.88 4.59 0.38
N LYS E 35 -24.42 5.62 1.01
CA LYS E 35 -23.71 6.26 2.11
C LYS E 35 -23.38 5.24 3.18
N ALA E 36 -22.19 5.36 3.76
CA ALA E 36 -21.69 4.32 4.64
C ALA E 36 -22.64 4.05 5.80
N GLU E 37 -23.46 5.03 6.17
CA GLU E 37 -24.33 4.86 7.33
C GLU E 37 -25.29 3.70 7.13
N ASN E 38 -25.99 3.67 5.99
CA ASN E 38 -26.98 2.61 5.79
C ASN E 38 -26.32 1.28 5.48
N GLU E 39 -25.16 1.28 4.80
CA GLU E 39 -24.44 0.03 4.60
C GLU E 39 -24.06 -0.59 5.94
N PHE E 40 -23.48 0.20 6.83
CA PHE E 40 -23.12 -0.31 8.14
C PHE E 40 -24.35 -0.71 8.94
N PHE E 41 -25.43 0.07 8.83
CA PHE E 41 -26.65 -0.28 9.53
C PHE E 41 -27.17 -1.64 9.08
N GLU E 42 -27.15 -1.89 7.77
CA GLU E 42 -27.59 -3.19 7.26
C GLU E 42 -26.68 -4.32 7.72
N ILE E 43 -25.37 -4.10 7.69
CA ILE E 43 -24.43 -5.14 8.11
C ILE E 43 -24.65 -5.48 9.58
N ILE E 44 -24.73 -4.45 10.43
CA ILE E 44 -24.89 -4.68 11.86
C ILE E 44 -26.28 -5.23 12.17
N GLY E 45 -27.29 -4.88 11.38
CA GLY E 45 -28.59 -5.49 11.57
C GLY E 45 -28.59 -6.96 11.24
N ALA E 46 -27.90 -7.34 10.16
CA ALA E 46 -27.76 -8.76 9.84
C ALA E 46 -27.02 -9.49 10.93
N ILE E 47 -25.96 -8.88 11.47
CA ILE E 47 -25.17 -9.54 12.51
C ILE E 47 -25.98 -9.67 13.80
N ASN E 48 -26.55 -8.55 14.29
CA ASN E 48 -27.28 -8.49 15.60
C ASN E 48 -28.63 -9.25 15.62
N ASN E 49 -29.54 -8.96 14.69
CA ASN E 49 -30.76 -9.75 14.53
C ASN E 49 -30.64 -10.59 13.26
N LYS E 50 -30.52 -11.91 13.44
CA LYS E 50 -30.19 -12.78 12.32
C LYS E 50 -31.06 -12.48 11.12
N THR E 51 -30.43 -12.04 10.03
CA THR E 51 -31.13 -11.60 8.85
C THR E 51 -30.32 -12.01 7.62
N LYS E 52 -31.02 -12.17 6.50
CA LYS E 52 -30.38 -12.61 5.25
C LYS E 52 -29.82 -11.38 4.54
N CYS E 53 -28.66 -10.93 5.03
CA CYS E 53 -27.91 -9.85 4.40
C CYS E 53 -26.57 -10.40 3.95
N SER E 54 -26.19 -10.10 2.71
CA SER E 54 -24.95 -10.60 2.13
C SER E 54 -24.04 -9.44 1.79
N ILE E 55 -22.78 -9.53 2.23
CA ILE E 55 -21.78 -8.52 1.92
C ILE E 55 -20.86 -9.07 0.83
N ALA E 56 -21.08 -8.61 -0.40
CA ALA E 56 -20.17 -8.93 -1.48
C ALA E 56 -19.63 -7.62 -2.06
N GLN E 57 -20.53 -6.65 -2.25
CA GLN E 57 -20.16 -5.32 -2.70
C GLN E 57 -20.09 -4.32 -1.55
N LYS E 58 -20.75 -4.61 -0.44
CA LYS E 58 -20.71 -3.72 0.71
C LYS E 58 -19.27 -3.55 1.18
N ASP E 59 -18.92 -2.31 1.55
CA ASP E 59 -17.59 -2.01 2.06
C ASP E 59 -17.50 -2.42 3.52
N TYR E 60 -17.29 -3.72 3.71
CA TYR E 60 -17.29 -4.31 5.05
C TYR E 60 -15.99 -3.96 5.77
N SER E 61 -16.10 -3.30 6.90
CA SER E 61 -14.95 -2.92 7.71
C SER E 61 -14.94 -3.76 8.98
N LYS E 62 -13.89 -4.55 9.17
CA LYS E 62 -13.80 -5.37 10.37
C LYS E 62 -13.76 -4.51 11.62
N PHE E 63 -12.96 -3.45 11.61
CA PHE E 63 -12.81 -2.62 12.80
C PHE E 63 -14.10 -1.89 13.13
N MET E 64 -14.77 -1.32 12.13
CA MET E 64 -16.02 -0.61 12.40
C MET E 64 -17.06 -1.55 12.98
N VAL E 65 -17.20 -2.74 12.40
CA VAL E 65 -18.19 -3.69 12.89
C VAL E 65 -17.84 -4.11 14.31
N GLU E 66 -16.55 -4.41 14.57
CA GLU E 66 -16.16 -4.87 15.89
C GLU E 66 -16.39 -3.81 16.95
N ASN E 67 -16.02 -2.56 16.68
CA ASN E 67 -16.14 -1.53 17.68
C ASN E 67 -17.53 -0.90 17.74
N ALA E 68 -18.42 -1.28 16.82
CA ALA E 68 -19.83 -0.95 16.96
C ALA E 68 -20.61 -2.07 17.63
N LEU E 69 -20.09 -3.30 17.59
CA LEU E 69 -20.67 -4.42 18.30
C LEU E 69 -20.16 -4.55 19.73
N SER E 70 -18.98 -3.98 20.02
CA SER E 70 -18.40 -4.07 21.35
C SER E 70 -19.04 -3.13 22.35
N GLN E 71 -19.92 -2.24 21.91
CA GLN E 71 -20.62 -1.37 22.86
C GLN E 71 -21.50 -2.17 23.80
N PHE E 72 -21.78 -3.43 23.47
CA PHE E 72 -22.68 -4.27 24.25
C PHE E 72 -21.92 -5.47 24.80
N PRO E 73 -21.87 -5.66 26.12
CA PRO E 73 -21.14 -6.82 26.66
C PRO E 73 -21.71 -8.16 26.23
N GLU E 74 -22.96 -8.20 25.78
CA GLU E 74 -23.53 -9.48 25.36
C GLU E 74 -22.78 -10.06 24.18
N CYS E 75 -22.40 -9.22 23.21
CA CYS E 75 -21.66 -9.64 22.03
C CYS E 75 -20.18 -9.26 22.12
N MET E 76 -19.64 -9.23 23.32
CA MET E 76 -18.23 -8.91 23.53
C MET E 76 -17.35 -10.13 23.32
N PRO E 77 -17.72 -11.30 23.83
CA PRO E 77 -16.89 -12.49 23.59
C PRO E 77 -16.68 -12.78 22.11
N ALA E 78 -17.71 -12.59 21.28
CA ALA E 78 -17.53 -12.77 19.85
C ALA E 78 -16.59 -11.71 19.28
N VAL E 79 -16.77 -10.46 19.70
CA VAL E 79 -15.88 -9.39 19.24
C VAL E 79 -14.46 -9.65 19.72
N TYR E 80 -14.32 -10.16 20.95
CA TYR E 80 -12.99 -10.46 21.45
C TYR E 80 -12.32 -11.57 20.67
N ALA E 81 -13.07 -12.64 20.36
CA ALA E 81 -12.50 -13.74 19.58
C ALA E 81 -12.09 -13.27 18.18
N MET E 82 -12.95 -12.48 17.53
CA MET E 82 -12.60 -11.98 16.21
C MET E 82 -11.55 -10.88 16.25
N ASN E 83 -11.33 -10.28 17.41
CA ASN E 83 -10.19 -9.38 17.57
C ASN E 83 -8.89 -10.17 17.65
N LEU E 84 -8.89 -11.24 18.44
CA LEU E 84 -7.68 -12.05 18.59
C LEU E 84 -7.33 -12.74 17.28
N ILE E 85 -8.30 -13.42 16.66
CA ILE E 85 -8.04 -14.27 15.52
C ILE E 85 -8.68 -13.74 14.23
N GLY E 86 -9.52 -12.73 14.31
CA GLY E 86 -10.20 -12.24 13.12
C GLY E 86 -9.24 -11.75 12.07
N SER E 87 -8.19 -11.04 12.48
CA SER E 87 -7.20 -10.58 11.52
C SER E 87 -6.67 -11.76 10.71
N GLY E 88 -6.65 -11.60 9.40
CA GLY E 88 -6.32 -12.69 8.50
C GLY E 88 -7.51 -13.45 7.97
N LEU E 89 -8.67 -13.34 8.61
CA LEU E 89 -9.90 -13.93 8.09
C LEU E 89 -10.47 -13.06 6.99
N SER E 90 -11.01 -13.70 5.96
CA SER E 90 -11.67 -12.95 4.90
C SER E 90 -12.87 -12.20 5.45
N ASP E 91 -13.13 -11.03 4.89
CA ASP E 91 -14.25 -10.21 5.36
C ASP E 91 -15.53 -11.03 5.40
N GLU E 92 -15.76 -11.86 4.40
CA GLU E 92 -16.93 -12.75 4.42
C GLU E 92 -16.86 -13.71 5.60
N ALA E 93 -15.67 -14.26 5.87
CA ALA E 93 -15.52 -15.17 7.00
C ALA E 93 -15.73 -14.46 8.32
N HIS E 94 -15.18 -13.25 8.46
CA HIS E 94 -15.40 -12.46 9.67
C HIS E 94 -16.89 -12.22 9.89
N PHE E 95 -17.58 -11.81 8.83
CA PHE E 95 -19.02 -11.55 8.93
C PHE E 95 -19.77 -12.82 9.29
N ASN E 96 -19.40 -13.95 8.69
CA ASN E 96 -20.07 -15.20 9.01
C ASN E 96 -19.88 -15.59 10.46
N TYR E 97 -18.65 -15.44 10.98
CA TYR E 97 -18.42 -15.76 12.38
C TYR E 97 -19.22 -14.85 13.29
N LEU E 98 -19.25 -13.55 12.98
CA LEU E 98 -20.02 -12.64 13.81
C LEU E 98 -21.50 -12.99 13.77
N MET E 99 -22.00 -13.37 12.59
CA MET E 99 -23.39 -13.78 12.46
C MET E 99 -23.67 -15.01 13.32
N ALA E 100 -22.75 -15.97 13.32
CA ALA E 100 -22.96 -17.21 14.07
C ALA E 100 -22.75 -17.05 15.57
N ALA E 101 -22.00 -16.04 16.00
CA ALA E 101 -21.66 -15.88 17.41
C ALA E 101 -22.53 -14.85 18.12
N VAL E 102 -22.59 -13.63 17.59
CA VAL E 102 -23.38 -12.56 18.20
C VAL E 102 -24.81 -13.06 18.39
N PRO E 103 -25.29 -13.19 19.63
CA PRO E 103 -26.53 -13.94 19.86
C PRO E 103 -27.77 -13.38 19.17
N ARG E 104 -28.17 -12.17 19.51
CA ARG E 104 -29.38 -11.57 18.95
C ARG E 104 -29.59 -10.22 19.61
N GLY E 105 -30.59 -9.48 19.13
CA GLY E 105 -30.99 -8.21 19.70
C GLY E 105 -31.13 -7.15 18.63
N LYS E 106 -31.32 -5.90 19.07
CA LYS E 106 -31.40 -4.76 18.16
C LYS E 106 -30.23 -3.82 18.33
N ARG E 107 -30.04 -3.30 19.54
CA ARG E 107 -28.81 -2.60 19.93
C ARG E 107 -28.65 -1.20 19.33
N TYR E 108 -29.50 -0.83 18.38
CA TYR E 108 -29.60 0.57 17.97
C TYR E 108 -28.23 1.24 17.77
N GLY E 109 -27.49 0.81 16.76
CA GLY E 109 -26.12 1.23 16.53
C GLY E 109 -25.75 2.68 16.83
N LYS E 110 -26.46 3.64 16.24
CA LYS E 110 -26.07 5.05 16.34
C LYS E 110 -24.72 5.30 15.68
N TRP E 111 -24.69 5.07 14.36
CA TRP E 111 -23.42 5.14 13.61
C TRP E 111 -22.78 6.51 13.70
N ALA E 112 -23.56 7.55 14.00
CA ALA E 112 -22.99 8.89 14.03
C ALA E 112 -21.88 9.03 15.08
N LYS E 113 -21.96 8.25 16.16
CA LYS E 113 -21.00 8.36 17.25
C LYS E 113 -19.79 7.44 17.06
N LEU E 114 -20.02 6.18 16.69
CA LEU E 114 -18.93 5.24 16.58
C LEU E 114 -17.93 5.63 15.50
N VAL E 115 -18.30 6.52 14.58
CA VAL E 115 -17.34 7.01 13.60
C VAL E 115 -16.32 7.93 14.28
N GLU E 116 -16.80 8.83 15.13
CA GLU E 116 -15.89 9.72 15.86
C GLU E 116 -15.21 8.99 17.02
N ASP E 117 -15.96 8.11 17.70
CA ASP E 117 -15.37 7.36 18.82
C ASP E 117 -14.25 6.44 18.34
N SER E 118 -14.27 6.04 17.07
CA SER E 118 -13.22 5.19 16.54
C SER E 118 -11.93 5.94 16.25
N THR E 119 -12.00 7.27 16.17
CA THR E 119 -10.82 8.11 15.95
C THR E 119 -10.25 8.66 17.25
N GLU E 120 -10.87 8.37 18.39
CA GLU E 120 -10.37 8.90 19.66
C GLU E 120 -8.99 8.36 19.98
N VAL E 121 -8.76 7.06 19.76
CA VAL E 121 -7.46 6.49 20.05
C VAL E 121 -6.41 7.07 19.11
N LEU E 122 -6.74 7.27 17.84
CA LEU E 122 -5.80 7.89 16.92
C LEU E 122 -5.48 9.32 17.34
N ILE E 123 -6.49 10.08 17.76
CA ILE E 123 -6.26 11.45 18.19
C ILE E 123 -5.33 11.47 19.39
N ILE E 124 -5.60 10.60 20.38
CA ILE E 124 -4.72 10.54 21.54
C ILE E 124 -3.31 10.17 21.12
N LYS E 125 -3.17 9.22 20.21
CA LYS E 125 -1.86 8.74 19.82
C LYS E 125 -1.04 9.85 19.15
N LEU E 126 -1.63 10.53 18.15
CA LEU E 126 -0.84 11.54 17.47
C LEU E 126 -0.71 12.82 18.29
N LEU E 127 -1.61 13.06 19.25
CA LEU E 127 -1.45 14.21 20.13
C LEU E 127 -0.36 13.97 21.16
N ALA E 128 -0.18 12.73 21.59
CA ALA E 128 0.96 12.40 22.44
C ALA E 128 2.25 12.37 21.63
N LYS E 129 2.17 12.04 20.34
CA LYS E 129 3.36 12.05 19.50
C LYS E 129 3.81 13.48 19.20
N ARG E 130 2.88 14.37 18.88
CA ARG E 130 3.24 15.73 18.55
C ARG E 130 3.79 16.47 19.75
N TYR E 131 3.18 16.31 20.91
CA TYR E 131 3.56 17.02 22.13
C TYR E 131 4.55 16.24 22.98
N GLN E 132 4.89 15.01 22.59
CA GLN E 132 5.82 14.17 23.34
C GLN E 132 5.42 14.08 24.81
N VAL E 133 4.17 13.67 25.03
CA VAL E 133 3.66 13.42 26.37
C VAL E 133 3.02 12.04 26.39
N ASN E 134 2.87 11.49 27.59
CA ASN E 134 2.27 10.18 27.73
C ASN E 134 0.79 10.24 27.36
N THR E 135 0.22 9.07 27.07
CA THR E 135 -1.15 9.02 26.58
C THR E 135 -2.14 9.64 27.56
N ASN E 136 -1.87 9.55 28.86
CA ASN E 136 -2.73 10.21 29.84
C ASN E 136 -2.70 11.72 29.65
N ASP E 137 -1.50 12.29 29.52
CA ASP E 137 -1.40 13.71 29.22
C ASP E 137 -1.99 14.03 27.86
N ALA E 138 -1.91 13.10 26.91
CA ALA E 138 -2.50 13.33 25.60
C ALA E 138 -4.01 13.46 25.69
N ILE E 139 -4.65 12.58 26.47
CA ILE E 139 -6.11 12.68 26.64
C ILE E 139 -6.46 13.94 27.42
N ASN E 140 -5.63 14.31 28.40
CA ASN E 140 -5.86 15.57 29.10
C ASN E 140 -5.82 16.75 28.14
N TYR E 141 -4.82 16.77 27.25
CA TYR E 141 -4.72 17.84 26.26
C TYR E 141 -5.93 17.83 25.33
N LYS E 142 -6.36 16.65 24.91
CA LYS E 142 -7.53 16.55 24.04
C LYS E 142 -8.76 17.14 24.72
N SER E 143 -8.98 16.78 25.99
CA SER E 143 -10.12 17.31 26.71
C SER E 143 -10.03 18.82 26.87
N ILE E 144 -8.82 19.32 27.15
CA ILE E 144 -8.64 20.77 27.28
C ILE E 144 -8.95 21.47 25.97
N LEU E 145 -8.48 20.91 24.85
CA LEU E 145 -8.68 21.53 23.56
C LEU E 145 -10.15 21.50 23.14
N THR E 146 -10.89 20.46 23.52
CA THR E 146 -12.31 20.44 23.18
C THR E 146 -13.03 21.68 23.70
N LYS E 147 -12.62 22.19 24.86
CA LYS E 147 -13.23 23.40 25.41
C LYS E 147 -12.48 24.65 24.95
N ASN E 148 -11.20 24.75 25.29
CA ASN E 148 -10.37 25.89 24.92
C ASN E 148 -9.23 25.42 24.02
N GLY E 149 -8.93 26.21 23.00
CA GLY E 149 -7.89 25.88 22.05
C GLY E 149 -8.39 25.37 20.71
N LYS E 150 -9.68 25.03 20.60
CA LYS E 150 -10.28 24.65 19.32
C LYS E 150 -9.53 23.45 18.72
N LEU E 151 -9.71 22.31 19.38
CA LEU E 151 -9.10 21.05 18.99
C LEU E 151 -9.00 20.92 17.47
N PRO E 152 -10.04 21.28 16.72
CA PRO E 152 -9.89 21.31 15.26
C PRO E 152 -8.76 22.21 14.80
N LEU E 153 -8.56 23.35 15.49
CA LEU E 153 -7.47 24.25 15.12
C LEU E 153 -6.11 23.56 15.27
N VAL E 154 -5.92 22.81 16.36
CA VAL E 154 -4.69 22.08 16.53
C VAL E 154 -4.56 20.98 15.47
N LEU E 155 -5.65 20.25 15.24
CA LEU E 155 -5.61 19.15 14.30
C LEU E 155 -5.29 19.63 12.88
N LYS E 156 -5.65 20.87 12.57
CA LYS E 156 -5.32 21.41 11.25
C LYS E 156 -3.83 21.26 10.95
N GLU E 157 -2.98 21.69 11.88
CA GLU E 157 -1.53 21.50 11.72
C GLU E 157 -1.10 20.08 12.07
N LEU E 158 -1.78 19.43 12.99
CA LEU E 158 -1.41 18.09 13.41
C LEU E 158 -1.55 17.07 12.29
N LYS E 159 -2.38 17.36 11.28
CA LYS E 159 -2.58 16.42 10.19
C LYS E 159 -1.29 16.16 9.43
N GLY E 160 -0.34 17.09 9.48
CA GLY E 160 0.89 16.96 8.72
C GLY E 160 1.81 15.86 9.18
N LEU E 161 1.64 15.38 10.41
CA LEU E 161 2.52 14.36 10.97
C LEU E 161 1.84 13.00 11.10
N VAL E 162 0.69 12.82 10.44
CA VAL E 162 0.05 11.49 10.38
C VAL E 162 0.65 10.79 9.16
N THR E 163 1.82 10.21 9.36
CA THR E 163 2.54 9.57 8.27
C THR E 163 2.03 8.16 8.06
N ASP E 164 2.20 7.67 6.82
CA ASP E 164 1.81 6.30 6.51
C ASP E 164 2.55 5.31 7.42
N ASP E 165 3.76 5.67 7.86
CA ASP E 165 4.48 4.81 8.80
C ASP E 165 3.92 4.94 10.21
N PHE E 166 3.47 6.14 10.58
CA PHE E 166 2.90 6.34 11.91
C PHE E 166 1.61 5.54 12.07
N LEU E 167 0.75 5.56 11.05
CA LEU E 167 -0.52 4.85 11.15
C LEU E 167 -0.34 3.36 11.38
N LYS E 168 0.83 2.81 11.04
CA LYS E 168 1.06 1.39 11.23
C LYS E 168 0.94 1.01 12.71
N GLU E 169 1.47 1.85 13.59
CA GLU E 169 1.39 1.56 15.02
C GLU E 169 -0.03 1.70 15.55
N VAL E 170 -0.83 2.58 14.96
CA VAL E 170 -2.22 2.73 15.40
C VAL E 170 -3.00 1.44 15.16
N THR E 171 -2.83 0.83 13.99
CA THR E 171 -3.48 -0.42 13.67
C THR E 171 -2.66 -1.15 12.62
N LYS E 172 -2.76 -2.48 12.62
CA LYS E 172 -1.99 -3.33 11.73
C LYS E 172 -2.92 -3.90 10.66
N ASN E 173 -2.96 -3.23 9.51
CA ASN E 173 -3.75 -3.69 8.37
C ASN E 173 -3.51 -2.80 7.17
N VAL E 174 -4.14 -3.12 6.03
CA VAL E 174 -4.07 -2.28 4.84
C VAL E 174 -5.28 -1.39 4.68
N LYS E 175 -6.33 -1.59 5.48
CA LYS E 175 -7.51 -0.74 5.43
C LYS E 175 -7.35 0.53 6.28
N GLU E 176 -6.20 0.71 6.93
CA GLU E 176 -5.94 1.93 7.68
C GLU E 176 -5.99 3.18 6.80
N GLN E 177 -6.05 3.01 5.48
CA GLN E 177 -6.18 4.15 4.59
C GLN E 177 -7.49 4.90 4.81
N LYS E 178 -8.46 4.27 5.50
CA LYS E 178 -9.71 4.97 5.80
C LYS E 178 -9.45 6.22 6.64
N GLN E 179 -8.69 6.07 7.73
CA GLN E 179 -8.40 7.23 8.57
C GLN E 179 -7.36 8.15 7.93
N LEU E 180 -6.60 7.67 6.95
CA LEU E 180 -5.73 8.56 6.19
C LEU E 180 -6.54 9.67 5.54
N LYS E 181 -7.60 9.30 4.83
CA LYS E 181 -8.51 10.31 4.28
C LYS E 181 -9.34 10.96 5.38
N LYS E 182 -9.68 10.19 6.42
CA LYS E 182 -10.44 10.76 7.54
C LYS E 182 -9.67 11.91 8.19
N LEU E 183 -8.38 11.70 8.44
CA LEU E 183 -7.54 12.76 8.97
C LEU E 183 -6.89 13.60 7.87
N ALA E 184 -7.03 13.20 6.60
CA ALA E 184 -6.57 14.05 5.52
C ALA E 184 -7.38 15.34 5.43
N LEU E 185 -8.59 15.35 6.01
CA LEU E 185 -9.44 16.53 6.07
C LEU E 185 -9.98 16.65 7.49
N GLU E 186 -9.21 17.32 8.35
CA GLU E 186 -9.65 17.57 9.72
C GLU E 186 -9.84 19.05 10.03
N TRP E 187 -9.30 19.94 9.20
CA TRP E 187 -9.51 21.38 9.36
C TRP E 187 -9.17 21.85 10.77
N MET F 1 33.70 -13.70 -20.54
CA MET F 1 33.37 -13.20 -21.86
C MET F 1 33.76 -11.74 -22.03
N LYS F 2 33.43 -11.17 -23.17
CA LYS F 2 33.59 -9.75 -23.47
C LYS F 2 32.38 -9.25 -24.25
N LEU F 3 31.19 -9.60 -23.78
CA LEU F 3 29.94 -9.34 -24.48
C LEU F 3 29.92 -7.93 -25.07
N SER F 4 29.68 -7.86 -26.38
CA SER F 4 29.71 -6.61 -27.11
C SER F 4 28.32 -5.98 -27.12
N LYS F 5 28.16 -4.87 -27.85
CA LYS F 5 26.88 -4.19 -27.88
C LYS F 5 25.81 -5.05 -28.55
N ASP F 6 26.14 -5.67 -29.67
CA ASP F 6 25.14 -6.46 -30.40
C ASP F 6 24.72 -7.69 -29.60
N THR F 7 25.67 -8.37 -28.96
CA THR F 7 25.31 -9.52 -28.13
C THR F 7 24.44 -9.09 -26.96
N THR F 8 24.75 -7.94 -26.36
CA THR F 8 23.93 -7.42 -25.27
C THR F 8 22.52 -7.10 -25.74
N ALA F 9 22.40 -6.53 -26.95
CA ALA F 9 21.07 -6.24 -27.49
C ALA F 9 20.29 -7.54 -27.74
N LEU F 10 20.95 -8.55 -28.30
CA LEU F 10 20.29 -9.83 -28.50
C LEU F 10 19.84 -10.43 -27.17
N LEU F 11 20.70 -10.36 -26.15
CA LEU F 11 20.32 -10.90 -24.85
C LEU F 11 19.20 -10.09 -24.22
N LYS F 12 19.16 -8.78 -24.47
CA LYS F 12 18.03 -7.97 -23.99
C LYS F 12 16.74 -8.42 -24.66
N ASN F 13 16.79 -8.68 -25.96
CA ASN F 13 15.61 -9.19 -26.64
C ASN F 13 15.17 -10.53 -26.06
N PHE F 14 16.13 -11.41 -25.80
CA PHE F 14 15.79 -12.71 -25.21
C PHE F 14 15.18 -12.55 -23.82
N ALA F 15 15.75 -11.65 -23.02
CA ALA F 15 15.15 -11.34 -21.72
C ALA F 15 13.73 -10.82 -21.88
N THR F 16 13.46 -10.10 -22.97
CA THR F 16 12.08 -9.77 -23.30
C THR F 16 11.27 -11.03 -23.54
N ILE F 17 11.84 -12.01 -24.25
CA ILE F 17 11.14 -13.27 -24.49
C ILE F 17 11.01 -14.06 -23.21
N ASN F 18 12.09 -14.17 -22.44
CA ASN F 18 12.11 -14.92 -21.19
C ASN F 18 12.72 -14.06 -20.10
N SER F 19 12.11 -14.08 -18.92
CA SER F 19 12.60 -13.24 -17.82
C SER F 19 14.06 -13.51 -17.53
N GLY F 20 14.48 -14.78 -17.67
CA GLY F 20 15.87 -15.14 -17.47
C GLY F 20 16.39 -15.94 -18.66
N ILE F 21 17.70 -16.15 -18.67
CA ILE F 21 18.36 -16.92 -19.70
C ILE F 21 19.33 -17.89 -19.06
N MET F 22 19.78 -18.86 -19.84
CA MET F 22 20.75 -19.87 -19.41
C MET F 22 21.89 -19.88 -20.42
N LEU F 23 22.88 -19.04 -20.21
CA LEU F 23 24.06 -19.06 -21.06
C LEU F 23 24.77 -20.40 -20.96
N LYS F 24 25.32 -20.85 -22.08
CA LYS F 24 26.06 -22.11 -22.12
C LYS F 24 27.33 -21.90 -22.92
N SER F 25 28.33 -22.73 -22.63
CA SER F 25 29.62 -22.58 -23.26
C SER F 25 29.50 -22.69 -24.78
N GLY F 26 30.25 -21.86 -25.50
CA GLY F 26 30.28 -21.88 -26.94
C GLY F 26 29.97 -20.52 -27.52
N GLN F 27 29.19 -20.52 -28.61
CA GLN F 27 28.85 -19.31 -29.34
C GLN F 27 27.36 -19.25 -29.64
N PHE F 28 26.54 -20.03 -28.93
CA PHE F 28 25.11 -20.14 -29.19
C PHE F 28 24.34 -19.72 -27.94
N ILE F 29 23.39 -18.81 -28.13
CA ILE F 29 22.49 -18.37 -27.07
C ILE F 29 21.07 -18.65 -27.53
N MET F 30 20.30 -19.35 -26.69
CA MET F 30 18.92 -19.64 -27.00
C MET F 30 18.10 -19.55 -25.73
N THR F 31 16.81 -19.25 -25.88
CA THR F 31 15.91 -19.18 -24.74
C THR F 31 14.51 -19.49 -25.22
N ARG F 32 13.68 -19.93 -24.28
CA ARG F 32 12.29 -20.28 -24.55
C ARG F 32 11.41 -19.60 -23.52
N ALA F 33 10.21 -19.19 -23.95
CA ALA F 33 9.28 -18.56 -23.02
C ALA F 33 9.02 -19.49 -21.84
N VAL F 34 8.49 -18.91 -20.77
CA VAL F 34 8.19 -19.70 -19.58
C VAL F 34 7.18 -20.79 -19.91
N ASN F 35 6.15 -20.44 -20.67
CA ASN F 35 5.11 -21.40 -21.05
C ASN F 35 5.41 -22.10 -22.38
N GLY F 36 6.57 -21.85 -22.97
CA GLY F 36 6.96 -22.54 -24.18
C GLY F 36 6.33 -22.05 -25.46
N THR F 37 5.51 -20.99 -25.40
CA THR F 37 4.82 -20.52 -26.59
C THR F 37 5.81 -20.03 -27.64
N THR F 38 6.83 -19.29 -27.22
CA THR F 38 7.82 -18.72 -28.13
C THR F 38 9.21 -19.19 -27.76
N TYR F 39 9.98 -19.55 -28.80
CA TYR F 39 11.38 -20.02 -28.66
C TYR F 39 12.28 -19.11 -29.50
N ALA F 40 13.39 -18.64 -28.93
CA ALA F 40 14.29 -17.74 -29.63
C ALA F 40 15.72 -18.25 -29.52
N GLU F 41 16.48 -18.06 -30.61
CA GLU F 41 17.90 -18.49 -30.66
C GLU F 41 18.64 -17.57 -31.64
N ALA F 42 19.96 -17.47 -31.48
CA ALA F 42 20.76 -16.64 -32.36
C ALA F 42 22.23 -16.95 -32.15
N ASN F 43 23.02 -16.71 -33.19
CA ASN F 43 24.47 -16.86 -33.14
C ASN F 43 25.11 -15.50 -32.88
N ILE F 44 26.17 -15.49 -32.07
CA ILE F 44 26.81 -14.26 -31.65
C ILE F 44 28.30 -14.36 -31.93
N SER F 45 28.95 -13.19 -32.01
CA SER F 45 30.37 -13.10 -32.28
C SER F 45 31.22 -13.15 -31.01
N ASP F 46 30.61 -13.32 -29.85
CA ASP F 46 31.32 -13.41 -28.58
C ASP F 46 31.21 -14.83 -28.04
N VAL F 47 32.27 -15.30 -27.40
CA VAL F 47 32.35 -16.66 -26.91
C VAL F 47 31.95 -16.69 -25.45
N ILE F 48 30.88 -17.39 -25.14
CA ILE F 48 30.45 -17.63 -23.75
C ILE F 48 31.29 -18.79 -23.23
N ASP F 49 32.37 -18.48 -22.52
CA ASP F 49 33.34 -19.49 -22.09
C ASP F 49 33.04 -20.02 -20.69
N PHE F 50 31.78 -20.03 -20.29
CA PHE F 50 31.38 -20.71 -19.07
C PHE F 50 29.86 -20.70 -18.96
N ASP F 51 29.33 -21.76 -18.35
CA ASP F 51 27.89 -21.97 -18.28
C ASP F 51 27.34 -21.34 -17.00
N VAL F 52 26.48 -20.32 -17.16
CA VAL F 52 25.81 -19.69 -16.05
C VAL F 52 24.33 -19.59 -16.39
N ALA F 53 23.50 -19.48 -15.35
CA ALA F 53 22.05 -19.38 -15.49
C ALA F 53 21.60 -18.14 -14.75
N ILE F 54 21.61 -17.00 -15.45
CA ILE F 54 21.21 -15.74 -14.85
C ILE F 54 19.70 -15.74 -14.68
N TYR F 55 19.25 -15.59 -13.43
CA TYR F 55 17.82 -15.62 -13.14
C TYR F 55 17.11 -14.33 -13.54
N ASP F 56 17.84 -13.22 -13.66
CA ASP F 56 17.27 -11.93 -14.06
C ASP F 56 18.15 -11.37 -15.16
N LEU F 57 17.86 -11.75 -16.41
CA LEU F 57 18.70 -11.34 -17.52
C LEU F 57 18.63 -9.84 -17.76
N ASN F 58 17.43 -9.26 -17.63
CA ASN F 58 17.30 -7.82 -17.90
C ASN F 58 18.13 -7.00 -16.92
N GLY F 59 18.05 -7.32 -15.63
CA GLY F 59 18.86 -6.61 -14.65
C GLY F 59 20.34 -6.81 -14.89
N PHE F 60 20.73 -8.03 -15.26
CA PHE F 60 22.15 -8.29 -15.54
C PHE F 60 22.64 -7.45 -16.71
N LEU F 61 21.85 -7.35 -17.78
CA LEU F 61 22.24 -6.52 -18.90
C LEU F 61 22.30 -5.05 -18.50
N GLY F 62 21.34 -4.61 -17.68
CA GLY F 62 21.39 -3.24 -17.20
C GLY F 62 22.66 -2.94 -16.42
N ILE F 63 23.07 -3.86 -15.57
CA ILE F 63 24.31 -3.68 -14.80
C ILE F 63 25.52 -3.74 -15.73
N LEU F 64 25.47 -4.62 -16.73
CA LEU F 64 26.59 -4.76 -17.65
C LEU F 64 26.79 -3.50 -18.50
N SER F 65 25.70 -2.81 -18.83
CA SER F 65 25.81 -1.59 -19.63
C SER F 65 26.43 -0.44 -18.87
N LEU F 66 26.62 -0.57 -17.55
CA LEU F 66 27.16 0.50 -16.73
C LEU F 66 28.68 0.45 -16.61
N VAL F 67 29.34 -0.45 -17.34
CA VAL F 67 30.79 -0.55 -17.31
C VAL F 67 31.33 -0.37 -18.72
N ASN F 68 32.65 -0.48 -18.87
CA ASN F 68 33.26 -0.33 -20.17
C ASN F 68 32.83 -1.47 -21.10
N ASP F 69 32.89 -1.20 -22.41
CA ASP F 69 32.51 -2.20 -23.39
C ASP F 69 33.37 -3.46 -23.30
N ASP F 70 34.60 -3.33 -22.79
CA ASP F 70 35.51 -4.46 -22.65
C ASP F 70 35.53 -5.03 -21.24
N ALA F 71 34.38 -5.00 -20.55
CA ALA F 71 34.29 -5.55 -19.20
C ALA F 71 34.49 -7.05 -19.25
N GLU F 72 35.62 -7.53 -18.70
CA GLU F 72 35.94 -8.94 -18.78
C GLU F 72 35.06 -9.75 -17.83
N ILE F 73 33.80 -9.94 -18.22
CA ILE F 73 32.90 -10.76 -17.42
C ILE F 73 33.49 -12.16 -17.26
N SER F 74 33.41 -12.69 -16.05
CA SER F 74 33.92 -14.02 -15.75
C SER F 74 33.07 -14.61 -14.63
N GLN F 75 33.57 -15.66 -14.00
CA GLN F 75 32.86 -16.34 -12.91
C GLN F 75 33.68 -16.25 -11.64
N SER F 76 33.02 -15.90 -10.53
CA SER F 76 33.70 -15.70 -9.28
C SER F 76 33.95 -17.04 -8.58
N GLU F 77 34.49 -16.96 -7.35
CA GLU F 77 34.77 -18.19 -6.60
C GLU F 77 33.50 -18.98 -6.33
N ASP F 78 32.43 -18.30 -5.92
CA ASP F 78 31.17 -18.98 -5.64
C ASP F 78 30.44 -19.41 -6.91
N GLY F 79 31.02 -19.16 -8.08
CA GLY F 79 30.35 -19.41 -9.33
C GLY F 79 29.52 -18.26 -9.84
N ASN F 80 29.33 -17.22 -9.05
CA ASN F 80 28.58 -16.05 -9.48
C ASN F 80 29.38 -15.26 -10.51
N ILE F 81 28.66 -14.64 -11.45
CA ILE F 81 29.30 -13.83 -12.47
C ILE F 81 29.98 -12.64 -11.80
N LYS F 82 31.14 -12.25 -12.32
CA LYS F 82 31.93 -11.16 -11.76
C LYS F 82 32.40 -10.24 -12.89
N ILE F 83 31.59 -9.25 -13.21
CA ILE F 83 32.00 -8.24 -14.19
C ILE F 83 33.17 -7.45 -13.61
N ALA F 84 34.22 -7.30 -14.40
CA ALA F 84 35.45 -6.66 -13.95
C ALA F 84 35.84 -5.55 -14.92
N ASP F 85 35.49 -4.31 -14.58
CA ASP F 85 35.88 -3.16 -15.38
C ASP F 85 37.35 -2.82 -15.06
N ALA F 86 37.81 -1.66 -15.52
CA ALA F 86 39.18 -1.25 -15.23
C ALA F 86 39.41 -1.10 -13.74
N ARG F 87 38.47 -0.47 -13.04
CA ARG F 87 38.57 -0.25 -11.60
C ARG F 87 37.47 -0.98 -10.84
N SER F 88 36.21 -0.80 -11.22
CA SER F 88 35.12 -1.42 -10.50
C SER F 88 35.07 -2.92 -10.77
N THR F 89 34.26 -3.62 -9.97
CA THR F 89 34.09 -5.06 -10.12
C THR F 89 32.71 -5.42 -9.57
N ILE F 90 31.72 -5.53 -10.45
CA ILE F 90 30.39 -5.90 -10.02
C ILE F 90 30.31 -7.41 -9.78
N PHE F 91 29.36 -7.80 -8.94
CA PHE F 91 29.17 -9.21 -8.59
C PHE F 91 27.70 -9.55 -8.80
N TRP F 92 27.39 -10.32 -9.84
CA TRP F 92 26.03 -10.69 -10.14
C TRP F 92 25.82 -12.18 -9.90
N PRO F 93 24.85 -12.55 -9.08
CA PRO F 93 24.65 -13.97 -8.77
C PRO F 93 24.24 -14.77 -10.00
N ALA F 94 24.65 -16.04 -10.01
CA ALA F 94 24.29 -16.99 -11.06
C ALA F 94 23.31 -17.99 -10.47
N ALA F 95 22.03 -17.80 -10.74
CA ALA F 95 21.00 -18.63 -10.14
C ALA F 95 21.14 -20.09 -10.61
N ASP F 96 20.62 -21.00 -9.80
CA ASP F 96 20.71 -22.41 -10.12
C ASP F 96 19.96 -22.70 -11.42
N PRO F 97 20.49 -23.58 -12.28
CA PRO F 97 19.84 -23.84 -13.57
C PRO F 97 18.42 -24.36 -13.44
N SER F 98 18.08 -24.99 -12.31
CA SER F 98 16.72 -25.50 -12.15
C SER F 98 15.70 -24.38 -12.16
N THR F 99 16.00 -23.26 -11.50
CA THR F 99 15.04 -22.17 -11.40
C THR F 99 14.75 -21.55 -12.76
N VAL F 100 15.78 -21.31 -13.56
CA VAL F 100 15.62 -20.66 -14.86
C VAL F 100 15.22 -21.70 -15.89
N VAL F 101 14.11 -21.45 -16.58
CA VAL F 101 13.61 -22.37 -17.60
C VAL F 101 14.33 -22.11 -18.91
N ALA F 102 14.91 -23.15 -19.49
CA ALA F 102 15.65 -23.05 -20.73
C ALA F 102 15.35 -24.29 -21.58
N PRO F 103 15.65 -24.23 -22.87
CA PRO F 103 15.42 -25.39 -23.73
C PRO F 103 16.53 -26.41 -23.60
N ASN F 104 16.15 -27.68 -23.78
CA ASN F 104 17.12 -28.77 -23.68
C ASN F 104 18.21 -28.63 -24.74
N LYS F 105 17.81 -28.29 -25.96
CA LYS F 105 18.75 -28.17 -27.07
C LYS F 105 18.09 -27.32 -28.15
N PRO F 106 18.86 -26.90 -29.16
CA PRO F 106 18.26 -26.08 -30.22
C PRO F 106 17.09 -26.81 -30.88
N ILE F 107 16.03 -26.06 -31.13
CA ILE F 107 14.82 -26.62 -31.70
C ILE F 107 15.03 -26.85 -33.20
N PRO F 108 14.94 -28.08 -33.69
CA PRO F 108 15.08 -28.34 -35.13
C PRO F 108 13.76 -28.09 -35.83
N PHE F 109 13.72 -27.07 -36.68
CA PHE F 109 12.49 -26.70 -37.34
C PHE F 109 12.24 -27.61 -38.54
N PRO F 110 11.06 -28.20 -38.65
CA PRO F 110 10.76 -29.04 -39.82
C PRO F 110 10.92 -28.24 -41.12
N VAL F 111 10.83 -28.96 -42.23
CA VAL F 111 10.92 -28.32 -43.54
C VAL F 111 9.89 -27.20 -43.62
N ALA F 112 10.27 -26.13 -44.31
CA ALA F 112 9.40 -24.96 -44.41
C ALA F 112 8.14 -25.32 -45.20
N SER F 113 7.01 -25.43 -44.50
CA SER F 113 5.75 -25.68 -45.19
C SER F 113 5.43 -24.55 -46.16
N ALA F 114 5.63 -23.31 -45.73
CA ALA F 114 5.53 -22.14 -46.60
C ALA F 114 6.65 -21.18 -46.25
N VAL F 115 7.06 -20.39 -47.25
CA VAL F 115 8.14 -19.43 -47.09
C VAL F 115 7.62 -18.06 -47.49
N THR F 116 7.85 -17.07 -46.63
CA THR F 116 7.43 -15.70 -46.89
C THR F 116 8.42 -14.75 -46.23
N GLU F 117 8.46 -13.53 -46.76
CA GLU F 117 9.38 -12.51 -46.28
C GLU F 117 8.60 -11.35 -45.70
N ILE F 118 8.94 -10.97 -44.47
CA ILE F 118 8.33 -9.82 -43.80
C ILE F 118 9.40 -8.76 -43.60
N LYS F 119 9.20 -7.59 -44.18
CA LYS F 119 10.21 -6.55 -44.15
C LYS F 119 10.29 -5.93 -42.76
N ALA F 120 11.40 -5.22 -42.51
CA ALA F 120 11.60 -4.58 -41.22
C ALA F 120 10.57 -3.50 -40.98
N GLU F 121 10.34 -2.64 -41.97
CA GLU F 121 9.34 -1.59 -41.81
C GLU F 121 7.96 -2.18 -41.62
N ASP F 122 7.62 -3.21 -42.38
CA ASP F 122 6.32 -3.86 -42.23
C ASP F 122 6.17 -4.48 -40.85
N LEU F 123 7.21 -5.13 -40.35
CA LEU F 123 7.14 -5.73 -39.02
C LEU F 123 6.98 -4.68 -37.93
N GLN F 124 7.74 -3.58 -38.02
CA GLN F 124 7.61 -2.53 -37.02
C GLN F 124 6.23 -1.90 -37.08
N GLN F 125 5.69 -1.69 -38.29
CA GLN F 125 4.35 -1.16 -38.42
C GLN F 125 3.32 -2.11 -37.82
N LEU F 126 3.49 -3.41 -38.06
CA LEU F 126 2.56 -4.39 -37.50
C LEU F 126 2.58 -4.35 -35.97
N LEU F 127 3.78 -4.32 -35.38
CA LEU F 127 3.90 -4.29 -33.93
C LEU F 127 3.28 -3.02 -33.35
N ARG F 128 3.62 -1.87 -33.95
CA ARG F 128 3.11 -0.59 -33.43
C ARG F 128 1.60 -0.49 -33.58
N VAL F 129 1.06 -0.94 -34.71
CA VAL F 129 -0.38 -0.93 -34.91
C VAL F 129 -1.05 -1.86 -33.91
N SER F 130 -0.48 -3.04 -33.68
CA SER F 130 -1.04 -3.95 -32.70
C SER F 130 -1.09 -3.30 -31.33
N ARG F 131 -0.03 -2.59 -30.95
CA ARG F 131 -0.07 -1.84 -29.69
C ARG F 131 -1.15 -0.78 -29.72
N GLY F 132 -1.36 -0.15 -30.87
CA GLY F 132 -2.32 0.93 -31.00
C GLY F 132 -3.76 0.49 -31.21
N LEU F 133 -4.01 -0.26 -32.28
CA LEU F 133 -5.35 -0.72 -32.62
C LEU F 133 -5.90 -1.74 -31.62
N GLN F 134 -5.14 -2.10 -30.59
CA GLN F 134 -5.50 -3.10 -29.61
C GLN F 134 -5.45 -4.50 -30.19
N ILE F 135 -4.87 -4.68 -31.37
CA ILE F 135 -4.71 -6.01 -31.94
C ILE F 135 -3.92 -6.89 -30.98
N ASP F 136 -4.38 -8.12 -30.80
CA ASP F 136 -3.69 -9.08 -29.97
C ASP F 136 -3.53 -10.45 -30.61
N THR F 137 -4.08 -10.66 -31.80
CA THR F 137 -3.95 -11.92 -32.51
C THR F 137 -3.87 -11.62 -34.00
N ILE F 138 -2.94 -12.29 -34.68
CA ILE F 138 -2.73 -12.10 -36.11
C ILE F 138 -2.83 -13.44 -36.80
N ALA F 139 -3.57 -13.48 -37.91
CA ALA F 139 -3.66 -14.66 -38.76
C ALA F 139 -2.80 -14.46 -39.99
N ILE F 140 -2.00 -15.46 -40.32
CA ILE F 140 -1.10 -15.38 -41.46
C ILE F 140 -1.70 -16.06 -42.70
N THR F 141 -3.02 -16.20 -42.74
CA THR F 141 -3.68 -16.88 -43.84
C THR F 141 -3.42 -16.16 -45.17
N VAL F 142 -3.83 -16.82 -46.25
CA VAL F 142 -3.65 -16.32 -47.60
C VAL F 142 -5.01 -15.85 -48.12
N LYS F 143 -5.05 -14.64 -48.67
CA LYS F 143 -6.27 -14.05 -49.17
C LYS F 143 -6.11 -13.71 -50.64
N GLU F 144 -7.04 -14.19 -51.47
CA GLU F 144 -7.06 -13.93 -52.91
C GLU F 144 -5.70 -14.18 -53.54
N GLY F 145 -5.10 -15.31 -53.21
CA GLY F 145 -3.85 -15.72 -53.82
C GLY F 145 -2.61 -15.03 -53.28
N LYS F 146 -2.72 -14.29 -52.18
CA LYS F 146 -1.58 -13.63 -51.56
C LYS F 146 -1.61 -13.89 -50.06
N ILE F 147 -0.42 -14.01 -49.48
CA ILE F 147 -0.28 -14.24 -48.04
C ILE F 147 -0.31 -12.90 -47.33
N VAL F 148 -1.29 -12.72 -46.45
CA VAL F 148 -1.46 -11.48 -45.72
C VAL F 148 -1.59 -11.80 -44.23
N ILE F 149 -1.20 -10.84 -43.40
CA ILE F 149 -1.30 -10.95 -41.95
C ILE F 149 -2.44 -10.07 -41.50
N ASN F 150 -3.48 -10.67 -40.92
CA ASN F 150 -4.66 -9.96 -40.47
C ASN F 150 -4.61 -9.80 -38.95
N GLY F 151 -4.87 -8.60 -38.48
CA GLY F 151 -4.94 -8.37 -37.05
C GLY F 151 -6.35 -8.50 -36.52
N PHE F 152 -6.55 -9.37 -35.53
CA PHE F 152 -7.86 -9.59 -34.94
C PHE F 152 -7.80 -9.25 -33.45
N ASN F 153 -8.81 -8.52 -32.98
CA ASN F 153 -8.93 -8.18 -31.57
C ASN F 153 -9.80 -9.25 -30.91
N LYS F 154 -9.15 -10.23 -30.28
CA LYS F 154 -9.90 -11.36 -29.72
C LYS F 154 -10.84 -10.92 -28.61
N VAL F 155 -10.41 -9.95 -27.79
CA VAL F 155 -11.21 -9.56 -26.62
C VAL F 155 -12.59 -9.08 -27.04
N GLU F 156 -12.63 -8.15 -28.00
CA GLU F 156 -13.93 -7.64 -28.45
C GLU F 156 -14.77 -8.74 -29.08
N ASP F 157 -14.14 -9.58 -29.91
CA ASP F 157 -14.84 -10.66 -30.59
C ASP F 157 -13.93 -11.88 -30.63
N SER F 158 -14.31 -12.93 -29.91
CA SER F 158 -13.53 -14.16 -29.92
C SER F 158 -13.52 -14.80 -31.31
N ALA F 159 -14.64 -14.73 -32.02
CA ALA F 159 -14.69 -15.23 -33.39
C ALA F 159 -13.91 -14.29 -34.30
N LEU F 160 -12.77 -14.75 -34.81
CA LEU F 160 -11.90 -13.92 -35.63
C LEU F 160 -12.55 -13.75 -37.01
N THR F 161 -13.46 -12.79 -37.08
CA THR F 161 -14.16 -12.49 -38.33
C THR F 161 -14.06 -11.01 -38.65
N ARG F 162 -13.96 -10.17 -37.61
CA ARG F 162 -13.81 -8.73 -37.79
C ARG F 162 -12.33 -8.40 -37.82
N VAL F 163 -11.83 -8.08 -39.01
CA VAL F 163 -10.41 -7.82 -39.19
C VAL F 163 -10.12 -6.36 -38.87
N LYS F 164 -9.07 -6.12 -38.07
CA LYS F 164 -8.69 -4.78 -37.68
C LYS F 164 -7.54 -4.21 -38.49
N TYR F 165 -6.69 -5.07 -39.07
CA TYR F 165 -5.51 -4.60 -39.78
C TYR F 165 -5.00 -5.72 -40.67
N SER F 166 -4.79 -5.42 -41.95
CA SER F 166 -4.36 -6.42 -42.92
C SER F 166 -3.03 -6.00 -43.53
N LEU F 167 -2.06 -6.90 -43.49
CA LEU F 167 -0.73 -6.66 -44.05
C LEU F 167 -0.45 -7.68 -45.13
N THR F 168 -0.06 -7.20 -46.32
CA THR F 168 0.26 -8.05 -47.44
C THR F 168 1.76 -8.31 -47.47
N LEU F 169 2.14 -9.58 -47.35
CA LEU F 169 3.55 -9.96 -47.29
C LEU F 169 4.14 -10.18 -48.68
N GLY F 170 3.56 -11.09 -49.45
CA GLY F 170 4.08 -11.37 -50.77
C GLY F 170 3.22 -12.40 -51.47
N ASP F 171 3.64 -12.74 -52.70
CA ASP F 171 2.91 -13.69 -53.51
C ASP F 171 3.03 -15.10 -52.95
N TYR F 172 1.92 -15.84 -53.00
CA TYR F 172 1.88 -17.21 -52.51
C TYR F 172 1.83 -18.16 -53.70
N ASP F 173 2.69 -19.17 -53.68
CA ASP F 173 2.83 -20.11 -54.79
C ASP F 173 2.01 -21.37 -54.61
N GLY F 174 2.06 -21.99 -53.44
CA GLY F 174 1.39 -23.25 -53.21
C GLY F 174 -0.10 -23.17 -53.47
N GLU F 175 -0.74 -24.34 -53.42
CA GLU F 175 -2.17 -24.48 -53.63
C GLU F 175 -2.85 -25.05 -52.39
N ASN F 176 -2.44 -24.58 -51.22
CA ASN F 176 -2.99 -25.01 -49.94
C ASN F 176 -3.54 -23.81 -49.19
N THR F 177 -4.73 -23.95 -48.63
CA THR F 177 -5.35 -22.89 -47.85
C THR F 177 -5.04 -23.08 -46.37
N PHE F 178 -4.60 -22.02 -45.72
CA PHE F 178 -4.21 -22.10 -44.32
C PHE F 178 -4.43 -20.74 -43.66
N ASN F 179 -4.87 -20.77 -42.40
CA ASN F 179 -5.08 -19.55 -41.60
C ASN F 179 -4.45 -19.79 -40.23
N PHE F 180 -3.16 -19.48 -40.13
CA PHE F 180 -2.43 -19.67 -38.89
C PHE F 180 -2.67 -18.50 -37.96
N ILE F 181 -3.03 -18.79 -36.71
CA ILE F 181 -3.29 -17.77 -35.71
C ILE F 181 -2.10 -17.72 -34.76
N ILE F 182 -1.39 -16.59 -34.76
CA ILE F 182 -0.24 -16.37 -33.90
C ILE F 182 -0.60 -15.29 -32.88
N ASN F 183 -0.44 -15.61 -31.61
CA ASN F 183 -0.69 -14.61 -30.58
C ASN F 183 0.30 -13.47 -30.73
N MET F 184 -0.17 -12.24 -30.50
CA MET F 184 0.70 -11.08 -30.59
C MET F 184 1.62 -10.96 -29.38
N ALA F 185 1.27 -11.55 -28.25
CA ALA F 185 2.15 -11.55 -27.09
C ALA F 185 3.37 -12.44 -27.28
N ASN F 186 3.38 -13.28 -28.31
CA ASN F 186 4.51 -14.14 -28.61
C ASN F 186 5.42 -13.58 -29.69
N MET F 187 5.09 -12.41 -30.25
CA MET F 187 5.92 -11.79 -31.28
C MET F 187 6.89 -10.84 -30.61
N LYS F 188 7.96 -11.42 -30.07
CA LYS F 188 9.01 -10.66 -29.39
C LYS F 188 10.21 -10.42 -30.28
N MET F 189 10.11 -10.67 -31.58
CA MET F 189 11.24 -10.51 -32.47
C MET F 189 11.68 -9.06 -32.54
N GLN F 190 13.00 -8.85 -32.57
CA GLN F 190 13.54 -7.51 -32.70
C GLN F 190 13.40 -7.04 -34.15
N PRO F 191 13.43 -5.72 -34.37
CA PRO F 191 13.23 -5.21 -35.73
C PRO F 191 14.27 -5.75 -36.69
N GLY F 192 13.84 -6.03 -37.91
CA GLY F 192 14.71 -6.55 -38.93
C GLY F 192 13.93 -7.23 -40.03
N ASN F 193 14.65 -7.62 -41.07
CA ASN F 193 14.06 -8.31 -42.22
C ASN F 193 14.05 -9.80 -41.93
N TYR F 194 12.85 -10.34 -41.71
CA TYR F 194 12.70 -11.75 -41.34
C TYR F 194 12.29 -12.58 -42.54
N LYS F 195 12.30 -13.90 -42.34
CA LYS F 195 12.14 -14.89 -43.40
C LYS F 195 11.15 -15.96 -42.96
N LEU F 196 9.96 -15.55 -42.54
CA LEU F 196 8.92 -16.45 -42.06
C LEU F 196 8.91 -17.78 -42.82
N LEU F 197 8.96 -18.87 -42.07
CA LEU F 197 8.85 -20.23 -42.60
C LEU F 197 7.72 -20.91 -41.85
N LEU F 198 6.49 -20.76 -42.34
CA LEU F 198 5.34 -21.35 -41.67
C LEU F 198 5.38 -22.87 -41.78
N TRP F 199 4.89 -23.54 -40.74
CA TRP F 199 4.83 -24.99 -40.71
C TRP F 199 3.79 -25.42 -39.70
N ALA F 200 3.01 -26.45 -40.08
CA ALA F 200 1.99 -26.98 -39.19
C ALA F 200 1.57 -28.36 -39.68
N LYS F 201 1.46 -29.30 -38.76
CA LYS F 201 1.02 -30.66 -39.05
C LYS F 201 -0.15 -31.00 -38.14
N GLY F 202 -1.25 -31.45 -38.74
CA GLY F 202 -2.40 -31.81 -37.94
C GLY F 202 -2.89 -30.63 -37.12
N LYS F 203 -3.03 -30.85 -35.82
CA LYS F 203 -3.51 -29.83 -34.90
C LYS F 203 -2.39 -29.01 -34.27
N GLN F 204 -1.14 -29.28 -34.60
CA GLN F 204 0.00 -28.58 -34.02
C GLN F 204 0.84 -27.96 -35.13
N GLY F 205 1.22 -26.70 -34.93
CA GLY F 205 2.04 -25.99 -35.88
C GLY F 205 2.95 -25.01 -35.18
N ALA F 206 3.90 -24.48 -35.95
CA ALA F 206 4.87 -23.51 -35.42
C ALA F 206 5.46 -22.72 -36.58
N ALA F 207 5.60 -21.42 -36.37
CA ALA F 207 6.15 -20.52 -37.38
C ALA F 207 7.48 -19.96 -36.91
N LYS F 208 8.46 -19.95 -37.80
CA LYS F 208 9.81 -19.50 -37.47
C LYS F 208 10.17 -18.30 -38.32
N PHE F 209 10.80 -17.30 -37.67
CA PHE F 209 11.23 -16.07 -38.34
C PHE F 209 12.73 -16.13 -38.52
N GLU F 210 13.18 -16.42 -39.74
CA GLU F 210 14.60 -16.52 -40.06
C GLU F 210 15.19 -15.12 -40.11
N GLY F 211 15.50 -14.59 -38.93
CA GLY F 211 16.06 -13.26 -38.84
C GLY F 211 17.50 -13.21 -39.32
N GLU F 212 17.98 -11.99 -39.50
CA GLU F 212 19.37 -11.79 -39.91
C GLU F 212 20.32 -12.29 -38.84
N HIS F 213 20.01 -12.03 -37.57
CA HIS F 213 20.85 -12.48 -36.46
C HIS F 213 20.19 -13.56 -35.60
N ALA F 214 18.87 -13.55 -35.46
CA ALA F 214 18.17 -14.48 -34.60
C ALA F 214 17.13 -15.25 -35.40
N ASN F 215 16.72 -16.40 -34.86
CA ASN F 215 15.74 -17.28 -35.50
C ASN F 215 14.63 -17.54 -34.50
N TYR F 216 13.63 -16.66 -34.47
CA TYR F 216 12.54 -16.77 -33.53
C TYR F 216 11.51 -17.79 -34.03
N VAL F 217 11.05 -18.63 -33.11
CA VAL F 217 10.03 -19.65 -33.41
C VAL F 217 8.84 -19.40 -32.49
N VAL F 218 7.66 -19.30 -33.08
CA VAL F 218 6.43 -19.01 -32.35
C VAL F 218 5.47 -20.17 -32.54
N ALA F 219 4.77 -20.53 -31.46
CA ALA F 219 3.81 -21.63 -31.49
C ALA F 219 2.45 -21.11 -31.96
N LEU F 220 1.95 -21.66 -33.06
CA LEU F 220 0.66 -21.26 -33.59
C LEU F 220 -0.45 -21.57 -32.58
N GLU F 221 -1.44 -20.68 -32.51
CA GLU F 221 -2.57 -20.91 -31.63
C GLU F 221 -3.35 -22.13 -32.08
N ALA F 222 -3.92 -22.84 -31.10
CA ALA F 222 -4.66 -24.06 -31.41
C ALA F 222 -5.83 -23.80 -32.35
N ASP F 223 -6.33 -22.58 -32.38
CA ASP F 223 -7.46 -22.24 -33.24
C ASP F 223 -7.10 -22.26 -34.72
N SER F 224 -5.81 -22.33 -35.06
CA SER F 224 -5.41 -22.27 -36.46
C SER F 224 -6.03 -23.41 -37.25
N THR F 225 -6.51 -23.09 -38.45
CA THR F 225 -7.06 -24.06 -39.38
C THR F 225 -6.27 -24.02 -40.68
N HIS F 226 -6.13 -25.18 -41.31
CA HIS F 226 -5.29 -25.31 -42.50
C HIS F 226 -5.59 -26.65 -43.15
N ASP F 227 -4.81 -26.97 -44.18
CA ASP F 227 -4.90 -28.23 -44.90
C ASP F 227 -3.56 -28.97 -44.85
N PHE F 228 -2.89 -28.88 -43.71
CA PHE F 228 -1.60 -29.54 -43.53
C PHE F 228 -1.70 -30.69 -42.53
N MET G 1 17.77 38.80 -6.54
CA MET G 1 18.96 38.19 -7.08
C MET G 1 18.86 38.02 -8.59
N LYS G 2 19.81 37.28 -9.15
CA LYS G 2 19.76 36.86 -10.55
C LYS G 2 19.56 35.36 -10.70
N LEU G 3 20.17 34.56 -9.83
CA LEU G 3 20.04 33.10 -9.87
C LEU G 3 20.30 32.56 -11.27
N SER G 4 21.54 32.73 -11.72
CA SER G 4 21.94 32.25 -13.03
C SER G 4 21.73 30.74 -13.14
N LYS G 5 21.86 30.24 -14.37
CA LYS G 5 21.59 28.83 -14.62
C LYS G 5 22.43 27.93 -13.73
N ASP G 6 23.69 28.30 -13.49
CA ASP G 6 24.54 27.47 -12.65
C ASP G 6 24.02 27.43 -11.22
N THR G 7 23.65 28.59 -10.67
CA THR G 7 23.10 28.63 -9.32
C THR G 7 21.77 27.89 -9.24
N THR G 8 20.95 28.01 -10.29
CA THR G 8 19.69 27.28 -10.30
C THR G 8 19.91 25.78 -10.30
N ALA G 9 20.89 25.31 -11.08
CA ALA G 9 21.20 23.88 -11.07
C ALA G 9 21.73 23.44 -9.70
N LEU G 10 22.58 24.26 -9.08
CA LEU G 10 23.08 23.92 -7.75
C LEU G 10 21.95 23.82 -6.75
N LEU G 11 21.00 24.76 -6.79
CA LEU G 11 19.88 24.73 -5.88
C LEU G 11 18.96 23.54 -6.18
N LYS G 12 18.81 23.22 -7.47
CA LYS G 12 17.96 22.08 -7.87
C LYS G 12 18.56 20.80 -7.28
N ASN G 13 19.89 20.67 -7.37
CA ASN G 13 20.61 19.49 -6.81
C ASN G 13 20.45 19.48 -5.28
N PHE G 14 20.53 20.66 -4.65
CA PHE G 14 20.41 20.79 -3.19
C PHE G 14 19.02 20.34 -2.73
N ALA G 15 17.99 20.72 -3.50
CA ALA G 15 16.62 20.35 -3.16
C ALA G 15 16.48 18.86 -2.89
N THR G 16 17.40 18.07 -3.44
CA THR G 16 17.42 16.60 -3.22
C THR G 16 17.70 16.33 -1.74
N ILE G 17 18.62 17.10 -1.13
CA ILE G 17 18.98 16.93 0.27
C ILE G 17 17.87 17.45 1.18
N ASN G 18 17.40 18.66 0.95
CA ASN G 18 16.38 19.29 1.78
C ASN G 18 15.29 19.84 0.89
N SER G 19 14.04 19.58 1.26
CA SER G 19 12.91 20.03 0.45
C SER G 19 12.90 21.55 0.33
N GLY G 20 13.35 22.25 1.38
CA GLY G 20 13.41 23.69 1.36
C GLY G 20 14.80 24.18 1.74
N ILE G 21 15.09 25.41 1.34
CA ILE G 21 16.38 26.04 1.58
C ILE G 21 16.15 27.38 2.24
N MET G 22 17.05 27.76 3.14
CA MET G 22 17.03 29.06 3.79
C MET G 22 18.18 29.88 3.21
N LEU G 23 17.88 30.66 2.17
CA LEU G 23 18.88 31.50 1.55
C LEU G 23 19.19 32.70 2.43
N LYS G 24 20.41 33.21 2.31
CA LYS G 24 20.88 34.33 3.11
C LYS G 24 21.57 35.35 2.22
N SER G 25 21.74 36.55 2.75
CA SER G 25 22.28 37.68 1.99
C SER G 25 23.79 37.48 1.83
N GLY G 26 24.16 36.81 0.75
CA GLY G 26 25.57 36.56 0.50
C GLY G 26 25.73 35.71 -0.75
N GLN G 27 26.97 35.28 -0.98
CA GLN G 27 27.28 34.41 -2.10
C GLN G 27 27.47 32.96 -1.68
N PHE G 28 26.86 32.56 -0.55
CA PHE G 28 27.06 31.24 0.02
C PHE G 28 25.69 30.66 0.34
N ILE G 29 25.36 29.53 -0.30
CA ILE G 29 24.11 28.82 -0.05
C ILE G 29 24.46 27.47 0.54
N MET G 30 23.79 27.12 1.64
CA MET G 30 24.07 25.89 2.36
C MET G 30 22.76 25.24 2.78
N THR G 31 22.77 23.92 2.86
CA THR G 31 21.57 23.17 3.23
C THR G 31 21.98 21.87 3.89
N ARG G 32 21.06 21.29 4.65
CA ARG G 32 21.32 20.03 5.32
C ARG G 32 20.03 19.22 5.35
N ALA G 33 20.17 17.91 5.32
CA ALA G 33 19.01 17.04 5.37
C ALA G 33 18.30 17.17 6.71
N VAL G 34 17.00 16.89 6.70
CA VAL G 34 16.20 17.07 7.91
C VAL G 34 16.79 16.26 9.05
N ASN G 35 17.14 15.00 8.80
CA ASN G 35 17.78 14.18 9.81
C ASN G 35 19.21 14.59 10.09
N GLY G 36 19.78 15.48 9.27
CA GLY G 36 21.13 15.97 9.49
C GLY G 36 22.23 15.07 9.00
N THR G 37 21.89 13.94 8.36
CA THR G 37 22.93 13.02 7.92
C THR G 37 23.85 13.65 6.89
N THR G 38 23.30 14.41 5.96
CA THR G 38 24.06 14.98 4.86
C THR G 38 23.97 16.50 4.90
N TYR G 39 25.10 17.16 4.64
CA TYR G 39 25.18 18.61 4.60
C TYR G 39 25.78 19.01 3.28
N ALA G 40 25.25 20.07 2.66
CA ALA G 40 25.72 20.54 1.37
C ALA G 40 25.93 22.05 1.44
N GLU G 41 26.91 22.53 0.68
CA GLU G 41 27.22 23.95 0.65
C GLU G 41 27.99 24.25 -0.63
N ALA G 42 28.01 25.52 -1.01
CA ALA G 42 28.73 25.91 -2.21
C ALA G 42 28.68 27.43 -2.35
N ASN G 43 29.68 27.97 -3.03
CA ASN G 43 29.77 29.40 -3.28
C ASN G 43 29.13 29.69 -4.63
N ILE G 44 28.01 30.41 -4.61
CA ILE G 44 27.28 30.72 -5.82
C ILE G 44 27.76 32.06 -6.37
N SER G 45 27.98 32.10 -7.70
CA SER G 45 28.44 33.34 -8.32
C SER G 45 27.41 34.46 -8.16
N ASP G 46 26.13 34.14 -8.36
CA ASP G 46 25.08 35.14 -8.22
C ASP G 46 24.96 35.59 -6.77
N VAL G 47 24.63 36.87 -6.58
CA VAL G 47 24.61 37.49 -5.26
C VAL G 47 23.18 37.46 -4.73
N ILE G 48 22.99 36.80 -3.60
CA ILE G 48 21.71 36.76 -2.92
C ILE G 48 21.61 37.97 -2.01
N ASP G 49 20.54 38.76 -2.14
CA ASP G 49 20.45 40.05 -1.49
C ASP G 49 19.23 40.17 -0.58
N PHE G 50 18.74 39.05 -0.03
CA PHE G 50 17.75 39.14 1.04
C PHE G 50 17.49 37.75 1.60
N ASP G 51 17.30 37.68 2.92
CA ASP G 51 17.07 36.42 3.62
C ASP G 51 15.64 35.97 3.36
N VAL G 52 15.48 34.92 2.57
CA VAL G 52 14.17 34.38 2.23
C VAL G 52 14.22 32.87 2.41
N ALA G 53 13.26 32.33 3.17
CA ALA G 53 13.18 30.90 3.42
C ALA G 53 12.13 30.32 2.48
N ILE G 54 12.55 29.40 1.63
CA ILE G 54 11.68 28.79 0.61
C ILE G 54 11.35 27.38 1.06
N TYR G 55 10.05 27.11 1.24
CA TYR G 55 9.63 25.81 1.75
C TYR G 55 9.70 24.72 0.69
N ASP G 56 9.41 25.07 -0.56
CA ASP G 56 9.42 24.12 -1.69
C ASP G 56 10.46 24.62 -2.70
N LEU G 57 11.71 24.20 -2.51
CA LEU G 57 12.77 24.65 -3.41
C LEU G 57 12.59 24.08 -4.80
N ASN G 58 12.13 22.82 -4.90
CA ASN G 58 11.91 22.23 -6.23
C ASN G 58 10.88 23.02 -7.01
N GLY G 59 9.75 23.36 -6.39
CA GLY G 59 8.74 24.14 -7.08
C GLY G 59 9.20 25.53 -7.43
N PHE G 60 9.93 26.19 -6.52
CA PHE G 60 10.46 27.51 -6.82
C PHE G 60 11.40 27.47 -8.00
N LEU G 61 12.27 26.46 -8.06
CA LEU G 61 13.19 26.33 -9.19
C LEU G 61 12.43 26.03 -10.48
N GLY G 62 11.40 25.20 -10.40
CA GLY G 62 10.60 24.93 -11.58
C GLY G 62 9.95 26.20 -12.12
N ILE G 63 9.39 27.02 -11.23
CA ILE G 63 8.81 28.29 -11.66
C ILE G 63 9.87 29.21 -12.23
N LEU G 64 11.04 29.26 -11.59
CA LEU G 64 12.12 30.12 -12.07
C LEU G 64 12.60 29.69 -13.45
N SER G 65 12.53 28.39 -13.75
CA SER G 65 12.99 27.92 -15.05
C SER G 65 12.13 28.46 -16.18
N LEU G 66 10.81 28.55 -15.96
CA LEU G 66 9.88 29.02 -16.98
C LEU G 66 9.94 30.52 -17.19
N VAL G 67 10.81 31.23 -16.47
CA VAL G 67 10.94 32.67 -16.60
C VAL G 67 12.22 32.96 -17.39
N ASN G 68 12.39 34.23 -17.76
CA ASN G 68 13.59 34.64 -18.47
C ASN G 68 14.81 34.43 -17.57
N ASP G 69 15.95 34.13 -18.20
CA ASP G 69 17.18 33.90 -17.45
C ASP G 69 17.48 35.08 -16.54
N ASP G 70 17.22 36.30 -17.01
CA ASP G 70 17.44 37.51 -16.21
C ASP G 70 16.18 37.89 -15.44
N ALA G 71 15.61 36.94 -14.70
CA ALA G 71 14.42 37.18 -13.89
C ALA G 71 14.86 37.77 -12.57
N GLU G 72 14.65 39.08 -12.41
CA GLU G 72 15.11 39.80 -11.22
C GLU G 72 14.21 39.44 -10.05
N ILE G 73 14.62 38.45 -9.25
CA ILE G 73 13.89 38.13 -8.03
C ILE G 73 13.93 39.33 -7.10
N SER G 74 12.90 39.46 -6.26
CA SER G 74 12.83 40.57 -5.33
C SER G 74 11.86 40.22 -4.21
N GLN G 75 12.00 40.95 -3.10
CA GLN G 75 11.10 40.78 -1.98
C GLN G 75 9.77 41.46 -2.30
N SER G 76 8.67 40.75 -2.04
CA SER G 76 7.36 41.30 -2.31
C SER G 76 6.90 42.17 -1.14
N GLU G 77 5.92 43.03 -1.42
CA GLU G 77 5.39 43.90 -0.38
C GLU G 77 4.85 43.09 0.79
N ASP G 78 4.19 41.96 0.52
CA ASP G 78 3.70 41.09 1.58
C ASP G 78 4.83 40.44 2.36
N GLY G 79 6.00 40.29 1.75
CA GLY G 79 7.10 39.57 2.37
C GLY G 79 7.47 38.27 1.67
N ASN G 80 6.97 38.02 0.47
CA ASN G 80 7.25 36.82 -0.29
C ASN G 80 8.15 37.14 -1.47
N ILE G 81 8.55 36.10 -2.19
CA ILE G 81 9.43 36.23 -3.34
C ILE G 81 8.61 36.70 -4.54
N LYS G 82 9.13 37.68 -5.27
CA LYS G 82 8.47 38.22 -6.46
C LYS G 82 9.42 38.04 -7.64
N ILE G 83 9.17 37.01 -8.45
CA ILE G 83 10.06 36.69 -9.57
C ILE G 83 9.59 37.54 -10.74
N ALA G 84 10.08 38.77 -10.76
CA ALA G 84 9.72 39.69 -11.85
C ALA G 84 10.42 39.29 -13.13
N ASP G 85 9.76 39.57 -14.25
CA ASP G 85 10.32 39.29 -15.57
C ASP G 85 10.12 40.49 -16.47
N ALA G 86 10.41 40.34 -17.77
CA ALA G 86 10.19 41.43 -18.72
C ALA G 86 8.73 41.85 -18.72
N ARG G 87 7.82 40.87 -18.82
CA ARG G 87 6.39 41.14 -18.79
C ARG G 87 5.69 40.46 -17.62
N SER G 88 5.92 39.17 -17.43
CA SER G 88 5.22 38.43 -16.39
C SER G 88 5.68 38.88 -15.00
N THR G 89 5.06 38.29 -13.98
CA THR G 89 5.45 38.54 -12.60
C THR G 89 4.90 37.39 -11.76
N ILE G 90 5.79 36.54 -11.24
CA ILE G 90 5.40 35.35 -10.49
C ILE G 90 5.69 35.59 -9.02
N PHE G 91 4.74 35.24 -8.16
CA PHE G 91 4.87 35.40 -6.72
C PHE G 91 4.98 34.04 -6.06
N TRP G 92 6.01 33.86 -5.25
CA TRP G 92 6.21 32.61 -4.54
C TRP G 92 6.18 32.84 -3.03
N PRO G 93 5.53 31.95 -2.28
CA PRO G 93 5.41 32.15 -0.82
C PRO G 93 6.73 31.84 -0.12
N ALA G 94 7.27 32.85 0.55
CA ALA G 94 8.51 32.70 1.33
C ALA G 94 8.13 32.25 2.73
N ALA G 95 8.12 30.94 2.96
CA ALA G 95 7.74 30.40 4.24
C ALA G 95 8.61 30.97 5.35
N ASP G 96 8.10 30.89 6.58
CA ASP G 96 8.84 31.41 7.72
C ASP G 96 10.07 30.55 8.01
N PRO G 97 11.12 31.14 8.56
CA PRO G 97 12.36 30.37 8.81
C PRO G 97 12.18 29.22 9.78
N SER G 98 11.13 29.23 10.61
CA SER G 98 10.96 28.18 11.60
C SER G 98 10.72 26.82 10.94
N THR G 99 9.90 26.79 9.88
CA THR G 99 9.53 25.54 9.25
C THR G 99 10.59 25.02 8.29
N VAL G 100 11.61 25.82 7.97
CA VAL G 100 12.68 25.42 7.06
C VAL G 100 13.89 25.02 7.88
N VAL G 101 14.39 23.81 7.65
CA VAL G 101 15.52 23.26 8.39
C VAL G 101 16.79 23.50 7.58
N ALA G 102 17.66 24.36 8.10
CA ALA G 102 18.95 24.64 7.48
C ALA G 102 19.99 24.78 8.59
N PRO G 103 21.25 24.48 8.29
CA PRO G 103 22.28 24.56 9.33
C PRO G 103 22.45 26.00 9.82
N ASN G 104 22.75 26.12 11.12
CA ASN G 104 22.91 27.45 11.71
C ASN G 104 24.11 28.17 11.12
N LYS G 105 25.22 27.48 10.99
CA LYS G 105 26.46 28.06 10.49
C LYS G 105 27.17 27.04 9.59
N PRO G 106 28.05 27.50 8.72
CA PRO G 106 28.77 26.56 7.84
C PRO G 106 29.55 25.55 8.67
N ILE G 107 29.60 24.32 8.17
CA ILE G 107 30.27 23.24 8.87
C ILE G 107 31.77 23.42 8.71
N PRO G 108 32.53 23.55 9.79
CA PRO G 108 34.00 23.64 9.72
C PRO G 108 34.65 22.26 9.76
N PHE G 109 34.65 21.57 8.62
CA PHE G 109 35.16 20.22 8.58
C PHE G 109 36.61 20.19 9.04
N PRO G 110 36.96 19.33 9.99
CA PRO G 110 38.33 19.33 10.52
C PRO G 110 39.35 18.88 9.49
N VAL G 111 40.62 18.80 9.89
CA VAL G 111 41.64 18.29 8.99
C VAL G 111 41.31 16.85 8.63
N ALA G 112 41.31 16.55 7.33
CA ALA G 112 40.93 15.23 6.87
C ALA G 112 41.86 14.17 7.45
N SER G 113 41.27 13.09 7.97
CA SER G 113 42.06 11.99 8.50
C SER G 113 42.64 11.12 7.38
N ALA G 114 41.91 10.96 6.28
CA ALA G 114 42.40 10.17 5.15
C ALA G 114 41.82 10.78 3.88
N VAL G 115 42.58 11.64 3.23
CA VAL G 115 42.15 12.29 2.00
C VAL G 115 42.24 11.29 0.85
N THR G 116 41.29 11.39 -0.08
CA THR G 116 41.26 10.53 -1.26
C THR G 116 40.71 11.33 -2.42
N GLU G 117 40.28 10.64 -3.48
CA GLU G 117 39.69 11.29 -4.64
C GLU G 117 38.80 10.30 -5.35
N ILE G 118 37.66 10.78 -5.84
CA ILE G 118 36.71 9.97 -6.60
C ILE G 118 36.47 10.65 -7.93
N LYS G 119 36.71 9.93 -9.02
CA LYS G 119 36.53 10.51 -10.34
C LYS G 119 35.04 10.65 -10.67
N ALA G 120 34.73 11.60 -11.54
CA ALA G 120 33.33 11.85 -11.90
C ALA G 120 32.70 10.60 -12.49
N GLU G 121 33.36 9.97 -13.44
CA GLU G 121 32.82 8.76 -14.04
C GLU G 121 32.66 7.66 -13.00
N ASP G 122 33.64 7.54 -12.09
CA ASP G 122 33.54 6.53 -11.04
C ASP G 122 32.33 6.78 -10.15
N LEU G 123 32.10 8.04 -9.76
CA LEU G 123 30.95 8.34 -8.92
C LEU G 123 29.64 8.07 -9.64
N GLN G 124 29.58 8.44 -10.93
CA GLN G 124 28.35 8.22 -11.73
C GLN G 124 28.09 6.71 -11.82
N GLN G 125 29.16 5.92 -12.04
CA GLN G 125 29.05 4.44 -12.13
C GLN G 125 28.61 3.89 -10.77
N LEU G 126 29.16 4.44 -9.68
CA LEU G 126 28.84 3.98 -8.30
C LEU G 126 27.35 4.22 -7.99
N LEU G 127 26.81 5.36 -8.42
CA LEU G 127 25.41 5.68 -8.17
C LEU G 127 24.50 4.82 -9.04
N ARG G 128 24.83 4.65 -10.32
CA ARG G 128 23.98 3.85 -11.19
C ARG G 128 23.94 2.40 -10.76
N VAL G 129 25.09 1.83 -10.40
CA VAL G 129 25.14 0.45 -9.95
C VAL G 129 24.32 0.29 -8.67
N SER G 130 24.51 1.21 -7.72
CA SER G 130 23.74 1.14 -6.48
C SER G 130 22.25 1.17 -6.76
N ARG G 131 21.82 2.03 -7.68
CA ARG G 131 20.40 2.07 -8.03
C ARG G 131 19.95 0.74 -8.64
N GLY G 132 20.77 0.16 -9.50
CA GLY G 132 20.37 -1.05 -10.22
C GLY G 132 20.79 -2.36 -9.60
N LEU G 133 21.81 -2.35 -8.75
CA LEU G 133 22.35 -3.56 -8.16
C LEU G 133 21.85 -3.81 -6.75
N GLN G 134 20.91 -3.00 -6.25
CA GLN G 134 20.31 -3.11 -4.93
C GLN G 134 21.23 -2.61 -3.83
N ILE G 135 22.36 -2.00 -4.16
CA ILE G 135 23.28 -1.51 -3.14
C ILE G 135 22.61 -0.38 -2.36
N ASP G 136 22.75 -0.42 -1.03
CA ASP G 136 22.27 0.66 -0.19
C ASP G 136 23.24 0.95 0.95
N THR G 137 24.52 0.64 0.76
CA THR G 137 25.55 0.97 1.74
C THR G 137 26.93 0.75 1.14
N ILE G 138 27.81 1.74 1.28
CA ILE G 138 29.16 1.65 0.75
C ILE G 138 30.14 1.90 1.89
N ALA G 139 31.18 1.08 1.95
CA ALA G 139 32.22 1.19 2.98
C ALA G 139 33.52 1.57 2.30
N ILE G 140 34.01 2.78 2.57
CA ILE G 140 35.25 3.25 1.97
C ILE G 140 36.42 2.73 2.79
N THR G 141 36.82 1.50 2.54
CA THR G 141 37.87 0.86 3.32
C THR G 141 39.19 0.89 2.55
N VAL G 142 40.20 0.21 3.09
CA VAL G 142 41.51 0.13 2.47
C VAL G 142 41.82 -1.35 2.25
N LYS G 143 42.27 -1.68 1.04
CA LYS G 143 42.52 -3.08 0.68
C LYS G 143 43.76 -3.12 -0.20
N GLU G 144 44.76 -3.90 0.22
CA GLU G 144 46.05 -3.98 -0.46
C GLU G 144 46.61 -2.60 -0.76
N GLY G 145 46.59 -1.75 0.26
CA GLY G 145 47.12 -0.40 0.12
C GLY G 145 46.34 0.50 -0.80
N LYS G 146 45.16 0.08 -1.24
CA LYS G 146 44.31 0.87 -2.12
C LYS G 146 42.94 1.04 -1.49
N ILE G 147 42.38 2.24 -1.59
CA ILE G 147 41.06 2.52 -1.04
C ILE G 147 40.00 2.01 -2.01
N VAL G 148 39.09 1.19 -1.51
CA VAL G 148 38.06 0.56 -2.32
C VAL G 148 36.70 0.91 -1.73
N ILE G 149 35.80 1.41 -2.57
CA ILE G 149 34.45 1.77 -2.14
C ILE G 149 33.57 0.53 -2.35
N ASN G 150 33.59 -0.38 -1.38
CA ASN G 150 32.77 -1.57 -1.50
C ASN G 150 31.29 -1.18 -1.54
N GLY G 151 30.46 -2.17 -1.84
CA GLY G 151 29.02 -1.98 -1.85
C GLY G 151 28.29 -3.16 -1.26
N PHE G 152 27.35 -2.92 -0.37
CA PHE G 152 26.67 -3.99 0.35
C PHE G 152 25.16 -3.77 0.27
N ASN G 153 24.41 -4.64 0.93
CA ASN G 153 22.95 -4.57 0.98
C ASN G 153 22.54 -4.77 2.44
N LYS G 154 22.45 -3.67 3.19
CA LYS G 154 22.18 -3.77 4.62
C LYS G 154 20.86 -4.46 4.91
N VAL G 155 19.91 -4.40 3.98
CA VAL G 155 18.61 -5.05 4.18
C VAL G 155 18.79 -6.55 4.33
N GLU G 156 19.62 -7.15 3.47
CA GLU G 156 19.85 -8.59 3.48
C GLU G 156 21.19 -8.97 4.10
N ASP G 157 22.26 -8.25 3.74
CA ASP G 157 23.58 -8.48 4.31
C ASP G 157 23.74 -7.60 5.55
N SER G 158 23.07 -8.03 6.62
CA SER G 158 23.06 -7.24 7.85
C SER G 158 24.47 -7.01 8.37
N ALA G 159 25.31 -8.04 8.31
CA ALA G 159 26.69 -7.92 8.75
C ALA G 159 27.57 -7.15 7.77
N LEU G 160 27.09 -6.91 6.55
CA LEU G 160 27.86 -6.19 5.53
C LEU G 160 29.18 -6.89 5.25
N THR G 161 29.10 -8.20 4.98
CA THR G 161 30.28 -9.00 4.67
C THR G 161 30.33 -9.47 3.23
N ARG G 162 29.19 -9.48 2.53
CA ARG G 162 29.12 -9.93 1.13
C ARG G 162 29.13 -8.71 0.23
N VAL G 163 30.29 -8.46 -0.40
CA VAL G 163 30.44 -7.30 -1.25
C VAL G 163 29.69 -7.51 -2.56
N LYS G 164 28.91 -6.52 -2.97
CA LYS G 164 28.22 -6.54 -4.24
C LYS G 164 28.89 -5.70 -5.31
N TYR G 165 29.65 -4.69 -4.88
CA TYR G 165 30.35 -3.81 -5.85
C TYR G 165 31.68 -3.36 -5.23
N SER G 166 32.67 -3.11 -6.08
CA SER G 166 33.96 -2.63 -5.61
C SER G 166 34.46 -1.56 -6.58
N LEU G 167 35.25 -0.63 -6.06
CA LEU G 167 35.72 0.49 -6.85
C LEU G 167 37.04 0.97 -6.25
N THR G 168 38.15 0.61 -6.89
CA THR G 168 39.47 1.01 -6.41
C THR G 168 39.71 2.49 -6.69
N LEU G 169 39.40 3.35 -5.72
CA LEU G 169 39.61 4.78 -5.91
C LEU G 169 41.09 5.10 -6.08
N GLY G 170 41.94 4.48 -5.28
CA GLY G 170 43.36 4.76 -5.34
C GLY G 170 44.09 4.05 -4.22
N ASP G 171 45.38 4.37 -4.11
CA ASP G 171 46.25 3.76 -3.11
C ASP G 171 46.40 4.68 -1.91
N TYR G 172 46.29 4.10 -0.71
CA TYR G 172 46.41 4.83 0.54
C TYR G 172 47.80 4.64 1.11
N ASP G 173 48.53 5.73 1.33
CA ASP G 173 49.90 5.67 1.78
C ASP G 173 50.04 5.64 3.30
N GLY G 174 48.96 5.83 4.04
CA GLY G 174 49.02 5.81 5.49
C GLY G 174 49.03 4.40 6.05
N GLU G 175 49.19 4.33 7.37
CA GLU G 175 49.19 3.06 8.08
C GLU G 175 47.84 2.72 8.70
N ASN G 176 47.00 3.72 8.95
CA ASN G 176 45.71 3.46 9.58
C ASN G 176 44.81 2.67 8.64
N THR G 177 44.09 1.71 9.21
CA THR G 177 43.13 0.89 8.49
C THR G 177 41.73 1.25 8.95
N PHE G 178 40.84 1.54 8.00
CA PHE G 178 39.51 2.03 8.32
C PHE G 178 38.48 1.35 7.42
N ASN G 179 37.25 1.30 7.92
CA ASN G 179 36.10 0.79 7.16
C ASN G 179 34.95 1.76 7.41
N PHE G 180 34.89 2.82 6.61
CA PHE G 180 33.90 3.88 6.79
C PHE G 180 32.62 3.48 6.06
N ILE G 181 31.56 3.23 6.81
CA ILE G 181 30.30 2.76 6.26
C ILE G 181 29.41 3.97 6.03
N ILE G 182 29.23 4.36 4.78
CA ILE G 182 28.41 5.50 4.39
C ILE G 182 27.11 4.97 3.81
N ASN G 183 25.99 5.51 4.27
CA ASN G 183 24.70 5.15 3.70
C ASN G 183 24.60 5.70 2.28
N MET G 184 23.89 4.97 1.42
CA MET G 184 23.70 5.42 0.05
C MET G 184 22.64 6.52 -0.05
N ALA G 185 21.63 6.49 0.82
CA ALA G 185 20.63 7.56 0.79
C ALA G 185 21.26 8.92 1.03
N ASN G 186 22.40 8.97 1.70
CA ASN G 186 23.11 10.22 1.96
C ASN G 186 24.07 10.61 0.84
N MET G 187 24.22 9.77 -0.19
CA MET G 187 25.10 10.08 -1.31
C MET G 187 24.29 10.81 -2.38
N LYS G 188 23.98 12.07 -2.10
CA LYS G 188 23.18 12.91 -2.96
C LYS G 188 24.02 13.91 -3.76
N MET G 189 25.33 13.73 -3.79
CA MET G 189 26.20 14.67 -4.49
C MET G 189 25.91 14.67 -5.98
N GLN G 190 26.02 15.85 -6.59
CA GLN G 190 25.84 15.97 -8.02
C GLN G 190 27.05 15.41 -8.75
N PRO G 191 26.89 15.05 -10.02
CA PRO G 191 28.02 14.50 -10.78
C PRO G 191 29.16 15.51 -10.88
N GLY G 192 30.39 15.00 -10.77
CA GLY G 192 31.55 15.85 -10.86
C GLY G 192 32.74 15.20 -10.20
N ASN G 193 33.92 15.73 -10.53
CA ASN G 193 35.18 15.25 -9.96
C ASN G 193 35.26 15.67 -8.50
N TYR G 194 35.03 14.73 -7.60
CA TYR G 194 35.03 15.01 -6.17
C TYR G 194 36.33 14.57 -5.53
N LYS G 195 36.62 15.16 -4.37
CA LYS G 195 37.80 14.84 -3.57
C LYS G 195 37.32 14.58 -2.15
N LEU G 196 36.90 13.34 -1.89
CA LEU G 196 36.35 13.00 -0.58
C LEU G 196 37.50 12.87 0.42
N LEU G 197 37.43 13.64 1.50
CA LEU G 197 38.45 13.63 2.55
C LEU G 197 37.79 13.23 3.86
N LEU G 198 37.99 11.98 4.25
CA LEU G 198 37.27 11.39 5.38
C LEU G 198 37.81 11.90 6.71
N TRP G 199 37.01 11.74 7.76
CA TRP G 199 37.38 12.13 9.11
C TRP G 199 36.64 11.25 10.09
N ALA G 200 37.36 10.73 11.09
CA ALA G 200 36.75 9.89 12.10
C ALA G 200 37.46 10.12 13.42
N LYS G 201 36.69 10.12 14.51
CA LYS G 201 37.22 10.31 15.85
C LYS G 201 36.34 9.53 16.81
N GLY G 202 36.88 8.47 17.40
CA GLY G 202 36.07 7.65 18.30
C GLY G 202 34.88 7.07 17.56
N LYS G 203 33.70 7.25 18.15
CA LYS G 203 32.46 6.77 17.55
C LYS G 203 31.83 7.78 16.60
N GLN G 204 32.41 8.97 16.46
CA GLN G 204 31.89 10.01 15.60
C GLN G 204 32.79 10.15 14.38
N GLY G 205 32.18 10.13 13.20
CA GLY G 205 32.94 10.28 11.97
C GLY G 205 32.15 11.03 10.92
N ALA G 206 32.86 11.50 9.91
CA ALA G 206 32.24 12.20 8.81
C ALA G 206 33.07 12.01 7.55
N ALA G 207 32.41 12.13 6.40
CA ALA G 207 33.07 12.06 5.11
C ALA G 207 32.61 13.24 4.27
N LYS G 208 33.57 14.01 3.74
CA LYS G 208 33.27 15.23 3.01
C LYS G 208 33.77 15.12 1.59
N PHE G 209 32.87 15.30 0.63
CA PHE G 209 33.22 15.37 -0.79
C PHE G 209 33.29 16.83 -1.19
N GLU G 210 34.45 17.27 -1.63
CA GLU G 210 34.70 18.68 -1.95
C GLU G 210 34.92 18.79 -3.45
N GLY G 211 33.86 19.11 -4.18
CA GLY G 211 33.93 19.33 -5.61
C GLY G 211 34.36 20.74 -5.95
N GLU G 212 34.33 21.03 -7.25
CA GLU G 212 34.68 22.36 -7.73
C GLU G 212 33.48 23.31 -7.75
N HIS G 213 32.28 22.81 -7.46
CA HIS G 213 31.08 23.64 -7.37
C HIS G 213 30.50 23.63 -5.96
N ALA G 214 30.26 22.45 -5.39
CA ALA G 214 29.68 22.33 -4.07
C ALA G 214 30.44 21.30 -3.25
N ASN G 215 30.37 21.43 -1.93
CA ASN G 215 31.01 20.52 -1.00
C ASN G 215 29.93 19.82 -0.19
N TYR G 216 29.95 18.50 -0.18
CA TYR G 216 28.94 17.70 0.50
C TYR G 216 29.60 16.95 1.66
N VAL G 217 29.07 17.13 2.85
CA VAL G 217 29.58 16.48 4.06
C VAL G 217 28.57 15.44 4.51
N VAL G 218 28.95 14.17 4.42
CA VAL G 218 28.08 13.06 4.78
C VAL G 218 28.53 12.50 6.12
N ALA G 219 27.58 11.92 6.83
CA ALA G 219 27.84 11.37 8.16
C ALA G 219 28.01 9.86 8.05
N LEU G 220 29.13 9.36 8.54
CA LEU G 220 29.40 7.93 8.49
C LEU G 220 28.41 7.18 9.37
N GLU G 221 28.03 5.99 8.93
CA GLU G 221 27.06 5.19 9.67
C GLU G 221 27.62 4.81 11.03
N ALA G 222 26.75 4.24 11.86
CA ALA G 222 27.13 3.91 13.23
C ALA G 222 28.13 2.78 13.29
N ASP G 223 28.19 1.95 12.24
CA ASP G 223 29.05 0.77 12.24
C ASP G 223 30.44 1.02 11.69
N SER G 224 30.75 2.27 11.30
CA SER G 224 32.08 2.56 10.78
C SER G 224 33.14 2.26 11.82
N THR G 225 33.98 1.27 11.54
CA THR G 225 35.08 0.91 12.42
C THR G 225 36.39 1.43 11.85
N HIS G 226 37.32 1.75 12.73
CA HIS G 226 38.60 2.31 12.30
C HIS G 226 39.52 2.36 13.50
N ASP G 227 40.80 2.67 13.22
CA ASP G 227 41.84 2.76 14.28
C ASP G 227 42.60 4.08 14.14
N PHE G 228 41.90 5.21 14.27
CA PHE G 228 42.54 6.54 14.14
C PHE G 228 42.90 7.08 15.54
N MET H 1 -9.79 10.52 -47.92
CA MET H 1 -9.06 11.78 -47.94
C MET H 1 -7.57 11.54 -47.73
N LYS H 2 -6.83 12.62 -47.53
CA LYS H 2 -5.43 12.58 -47.14
C LYS H 2 -5.22 13.59 -46.03
N LEU H 3 -4.59 13.16 -44.94
CA LEU H 3 -4.38 14.01 -43.77
C LEU H 3 -2.89 14.35 -43.69
N SER H 4 -2.55 15.57 -44.06
CA SER H 4 -1.17 16.03 -44.01
C SER H 4 -0.71 16.18 -42.56
N LYS H 5 0.61 16.20 -42.37
CA LYS H 5 1.16 16.33 -41.03
C LYS H 5 0.62 17.55 -40.32
N ASP H 6 0.38 18.64 -41.05
CA ASP H 6 -0.20 19.84 -40.44
C ASP H 6 -1.62 19.57 -39.95
N THR H 7 -2.44 18.96 -40.80
CA THR H 7 -3.81 18.65 -40.40
C THR H 7 -3.83 17.64 -39.26
N THR H 8 -2.94 16.66 -39.29
CA THR H 8 -2.90 15.68 -38.21
C THR H 8 -2.46 16.31 -36.90
N ALA H 9 -1.50 17.23 -36.94
CA ALA H 9 -1.11 17.93 -35.72
C ALA H 9 -2.26 18.79 -35.19
N LEU H 10 -2.97 19.47 -36.09
CA LEU H 10 -4.11 20.28 -35.67
C LEU H 10 -5.19 19.41 -35.04
N LEU H 11 -5.47 18.25 -35.63
CA LEU H 11 -6.46 17.34 -35.08
C LEU H 11 -5.99 16.78 -33.74
N LYS H 12 -4.68 16.51 -33.64
CA LYS H 12 -4.10 15.98 -32.37
C LYS H 12 -4.30 17.02 -31.27
N ASN H 13 -4.05 18.29 -31.58
CA ASN H 13 -4.23 19.40 -30.60
C ASN H 13 -5.71 19.49 -30.22
N PHE H 14 -6.60 19.33 -31.19
CA PHE H 14 -8.07 19.40 -30.96
C PHE H 14 -8.48 18.26 -30.03
N ALA H 15 -7.91 17.06 -30.23
CA ALA H 15 -8.22 15.91 -29.41
C ALA H 15 -8.10 16.20 -27.92
N THR H 16 -7.33 17.22 -27.54
CA THR H 16 -7.26 17.58 -26.13
C THR H 16 -8.52 18.28 -25.67
N ILE H 17 -9.24 18.93 -26.59
CA ILE H 17 -10.51 19.58 -26.25
C ILE H 17 -11.63 18.55 -26.14
N ASN H 18 -11.91 17.87 -27.24
CA ASN H 18 -12.92 16.82 -27.30
C ASN H 18 -12.22 15.52 -27.67
N SER H 19 -12.48 14.46 -26.90
CA SER H 19 -11.83 13.19 -27.19
C SER H 19 -12.14 12.73 -28.61
N GLY H 20 -13.31 13.08 -29.14
CA GLY H 20 -13.67 12.72 -30.48
C GLY H 20 -14.10 13.93 -31.29
N ILE H 21 -13.82 13.87 -32.58
CA ILE H 21 -14.09 14.97 -33.50
C ILE H 21 -15.03 14.47 -34.59
N MET H 22 -16.09 15.23 -34.83
CA MET H 22 -17.03 14.91 -35.91
C MET H 22 -16.54 15.58 -37.18
N LEU H 23 -15.69 14.87 -37.92
CA LEU H 23 -15.21 15.38 -39.19
C LEU H 23 -16.36 15.51 -40.19
N LYS H 24 -16.27 16.53 -41.04
CA LYS H 24 -17.31 16.79 -42.03
C LYS H 24 -16.65 17.11 -43.36
N SER H 25 -17.35 16.77 -44.45
CA SER H 25 -16.80 16.97 -45.79
C SER H 25 -16.50 18.43 -46.02
N GLY H 26 -15.34 18.71 -46.59
CA GLY H 26 -14.94 20.08 -46.86
C GLY H 26 -13.53 20.39 -46.41
N GLN H 27 -13.30 21.61 -45.94
CA GLN H 27 -11.99 22.04 -45.46
C GLN H 27 -12.07 22.63 -44.06
N PHE H 28 -13.13 22.32 -43.31
CA PHE H 28 -13.36 22.90 -42.00
C PHE H 28 -13.39 21.78 -40.96
N ILE H 29 -12.60 21.94 -39.91
CA ILE H 29 -12.63 21.06 -38.75
C ILE H 29 -12.90 21.90 -37.52
N MET H 30 -13.89 21.51 -36.73
CA MET H 30 -14.26 22.23 -35.54
C MET H 30 -14.68 21.24 -34.46
N THR H 31 -14.37 21.59 -33.21
CA THR H 31 -14.61 20.70 -32.09
C THR H 31 -14.97 21.53 -30.88
N ARG H 32 -15.85 20.99 -30.05
CA ARG H 32 -16.30 21.67 -28.84
C ARG H 32 -16.13 20.74 -27.65
N ALA H 33 -15.74 21.31 -26.52
CA ALA H 33 -15.70 20.53 -25.30
C ALA H 33 -17.10 20.04 -24.94
N VAL H 34 -17.17 18.86 -24.33
CA VAL H 34 -18.48 18.31 -23.97
C VAL H 34 -19.22 19.27 -23.04
N ASN H 35 -18.50 19.90 -22.12
CA ASN H 35 -19.11 20.92 -21.29
C ASN H 35 -19.64 22.09 -22.12
N GLY H 36 -19.14 22.27 -23.34
CA GLY H 36 -19.47 23.43 -24.14
C GLY H 36 -18.66 24.67 -23.84
N THR H 37 -17.74 24.60 -22.86
CA THR H 37 -16.98 25.77 -22.47
C THR H 37 -15.89 26.13 -23.46
N THR H 38 -15.32 25.14 -24.15
CA THR H 38 -14.24 25.36 -25.10
C THR H 38 -14.71 25.00 -26.50
N TYR H 39 -14.37 25.83 -27.47
CA TYR H 39 -14.66 25.59 -28.87
C TYR H 39 -13.40 25.86 -29.67
N ALA H 40 -13.13 25.03 -30.67
CA ALA H 40 -11.95 25.18 -31.51
C ALA H 40 -12.35 24.95 -32.96
N GLU H 41 -11.71 25.69 -33.87
CA GLU H 41 -12.01 25.58 -35.29
C GLU H 41 -10.76 25.93 -36.07
N ALA H 42 -10.73 25.49 -37.33
CA ALA H 42 -9.56 25.75 -38.15
C ALA H 42 -9.85 25.33 -39.58
N ASN H 43 -9.23 26.04 -40.52
CA ASN H 43 -9.34 25.73 -41.94
C ASN H 43 -8.12 24.93 -42.33
N ILE H 44 -8.32 23.66 -42.68
CA ILE H 44 -7.22 22.78 -43.01
C ILE H 44 -6.88 22.92 -44.49
N SER H 45 -5.67 22.49 -44.85
CA SER H 45 -5.24 22.48 -46.24
C SER H 45 -5.68 21.23 -46.99
N ASP H 46 -6.22 20.23 -46.30
CA ASP H 46 -6.66 19.01 -46.93
C ASP H 46 -8.15 19.10 -47.27
N VAL H 47 -8.69 18.01 -47.80
CA VAL H 47 -10.09 17.95 -48.22
C VAL H 47 -10.71 16.71 -47.60
N ILE H 48 -11.60 16.90 -46.62
CA ILE H 48 -12.36 15.80 -46.04
C ILE H 48 -13.51 15.47 -46.98
N ASP H 49 -13.48 14.27 -47.55
CA ASP H 49 -14.43 13.89 -48.59
C ASP H 49 -15.57 13.02 -48.07
N PHE H 50 -15.70 12.84 -46.76
CA PHE H 50 -16.81 12.08 -46.22
C PHE H 50 -17.00 12.44 -44.76
N ASP H 51 -18.26 12.44 -44.33
CA ASP H 51 -18.63 12.81 -42.97
C ASP H 51 -18.50 11.59 -42.07
N VAL H 52 -17.52 11.61 -41.18
CA VAL H 52 -17.26 10.50 -40.26
C VAL H 52 -17.02 11.07 -38.87
N ALA H 53 -17.54 10.38 -37.86
CA ALA H 53 -17.36 10.77 -36.47
C ALA H 53 -16.43 9.78 -35.79
N ILE H 54 -15.40 10.30 -35.13
CA ILE H 54 -14.40 9.48 -34.47
C ILE H 54 -14.52 9.69 -32.97
N TYR H 55 -14.72 8.60 -32.23
CA TYR H 55 -14.84 8.68 -30.78
C TYR H 55 -13.51 8.66 -30.06
N ASP H 56 -12.42 8.37 -30.77
CA ASP H 56 -11.08 8.36 -30.18
C ASP H 56 -10.15 9.00 -31.21
N LEU H 57 -10.03 10.33 -31.12
CA LEU H 57 -9.18 11.04 -32.07
C LEU H 57 -7.71 10.80 -31.80
N ASN H 58 -7.32 10.68 -30.53
CA ASN H 58 -5.92 10.41 -30.21
C ASN H 58 -5.47 9.09 -30.82
N GLY H 59 -6.27 8.04 -30.66
CA GLY H 59 -5.92 6.76 -31.25
C GLY H 59 -5.92 6.79 -32.76
N PHE H 60 -6.89 7.48 -33.36
CA PHE H 60 -6.94 7.59 -34.81
C PHE H 60 -5.69 8.26 -35.35
N LEU H 61 -5.25 9.35 -34.71
CA LEU H 61 -4.04 10.02 -35.16
C LEU H 61 -2.79 9.21 -34.86
N GLY H 62 -2.79 8.44 -33.77
CA GLY H 62 -1.69 7.54 -33.53
C GLY H 62 -1.55 6.51 -34.62
N ILE H 63 -2.67 5.97 -35.09
CA ILE H 63 -2.64 5.04 -36.21
C ILE H 63 -2.18 5.75 -37.49
N LEU H 64 -2.70 6.96 -37.72
CA LEU H 64 -2.30 7.70 -38.90
C LEU H 64 -0.79 7.97 -38.93
N SER H 65 -0.19 8.15 -37.75
CA SER H 65 1.24 8.42 -37.71
C SER H 65 2.04 7.23 -38.24
N LEU H 66 1.61 6.00 -37.92
CA LEU H 66 2.36 4.83 -38.36
C LEU H 66 2.40 4.73 -39.88
N VAL H 67 1.23 4.82 -40.53
CA VAL H 67 1.18 4.75 -41.98
C VAL H 67 1.86 5.98 -42.57
N ASN H 68 2.44 5.80 -43.76
CA ASN H 68 3.12 6.91 -44.42
C ASN H 68 2.12 7.98 -44.84
N ASP H 69 2.65 9.16 -45.13
CA ASP H 69 1.79 10.28 -45.50
C ASP H 69 0.96 9.99 -46.74
N ASP H 70 1.40 9.06 -47.59
CA ASP H 70 0.62 8.69 -48.78
C ASP H 70 -0.72 8.06 -48.42
N ALA H 71 -0.86 7.56 -47.20
CA ALA H 71 -2.05 6.79 -46.83
C ALA H 71 -3.33 7.56 -47.14
N GLU H 72 -4.28 6.88 -47.77
CA GLU H 72 -5.54 7.47 -48.18
C GLU H 72 -6.64 6.96 -47.26
N ILE H 73 -7.25 7.86 -46.51
CA ILE H 73 -8.31 7.52 -45.56
C ILE H 73 -9.63 7.51 -46.32
N SER H 74 -10.27 6.36 -46.40
CA SER H 74 -11.51 6.20 -47.12
C SER H 74 -12.50 5.44 -46.26
N GLN H 75 -13.78 5.82 -46.33
CA GLN H 75 -14.83 5.13 -45.60
C GLN H 75 -14.91 3.68 -46.04
N SER H 76 -14.97 2.78 -45.06
CA SER H 76 -15.04 1.36 -45.35
C SER H 76 -16.45 0.95 -45.77
N GLU H 77 -16.63 -0.32 -46.09
CA GLU H 77 -17.93 -0.80 -46.52
C GLU H 77 -18.96 -0.64 -45.41
N ASP H 78 -18.59 -0.98 -44.18
CA ASP H 78 -19.49 -0.92 -43.04
C ASP H 78 -19.45 0.42 -42.32
N GLY H 79 -19.01 1.48 -43.00
CA GLY H 79 -18.99 2.80 -42.42
C GLY H 79 -17.75 3.14 -41.62
N ASN H 80 -16.95 2.15 -41.25
CA ASN H 80 -15.75 2.40 -40.48
C ASN H 80 -14.69 3.10 -41.33
N ILE H 81 -13.88 3.93 -40.68
CA ILE H 81 -12.73 4.52 -41.35
C ILE H 81 -11.76 3.43 -41.74
N LYS H 82 -11.08 3.61 -42.87
CA LYS H 82 -10.15 2.61 -43.39
C LYS H 82 -8.90 3.32 -43.90
N ILE H 83 -7.89 3.43 -43.04
CA ILE H 83 -6.61 3.98 -43.46
C ILE H 83 -5.91 2.93 -44.32
N ALA H 84 -5.77 3.20 -45.61
CA ALA H 84 -5.19 2.26 -46.55
C ALA H 84 -3.79 2.72 -46.91
N ASP H 85 -2.78 2.02 -46.41
CA ASP H 85 -1.39 2.34 -46.71
C ASP H 85 -1.00 1.69 -48.04
N ALA H 86 0.28 1.85 -48.41
CA ALA H 86 0.77 1.24 -49.64
C ALA H 86 0.66 -0.28 -49.60
N ARG H 87 1.01 -0.88 -48.47
CA ARG H 87 1.00 -2.33 -48.34
C ARG H 87 0.24 -2.83 -47.13
N SER H 88 -0.19 -1.96 -46.22
CA SER H 88 -0.94 -2.34 -45.04
C SER H 88 -2.22 -1.54 -44.96
N THR H 89 -3.31 -2.21 -44.62
CA THR H 89 -4.62 -1.59 -44.52
C THR H 89 -5.09 -1.63 -43.06
N ILE H 90 -5.50 -0.47 -42.54
CA ILE H 90 -5.94 -0.34 -41.16
C ILE H 90 -7.40 0.11 -41.17
N PHE H 91 -8.23 -0.58 -40.40
CA PHE H 91 -9.64 -0.25 -40.26
C PHE H 91 -9.87 0.38 -38.89
N TRP H 92 -10.46 1.57 -38.87
CA TRP H 92 -10.77 2.24 -37.63
C TRP H 92 -12.28 2.37 -37.46
N PRO H 93 -12.81 2.08 -36.27
CA PRO H 93 -14.26 2.09 -36.07
C PRO H 93 -14.79 3.51 -35.94
N ALA H 94 -15.68 3.89 -36.86
CA ALA H 94 -16.32 5.18 -36.77
C ALA H 94 -17.31 5.19 -35.62
N ALA H 95 -17.25 6.24 -34.79
CA ALA H 95 -18.09 6.30 -33.61
C ALA H 95 -19.55 6.53 -33.98
N ASP H 96 -20.42 6.28 -33.01
CA ASP H 96 -21.84 6.62 -33.17
C ASP H 96 -22.00 8.12 -33.04
N PRO H 97 -22.61 8.80 -34.02
CA PRO H 97 -22.66 10.27 -33.96
C PRO H 97 -23.29 10.79 -32.68
N SER H 98 -24.15 10.01 -32.04
CA SER H 98 -24.73 10.44 -30.77
C SER H 98 -23.69 10.49 -29.66
N THR H 99 -22.75 9.53 -29.67
CA THR H 99 -21.75 9.42 -28.61
C THR H 99 -20.50 10.24 -28.87
N VAL H 100 -20.62 11.30 -29.66
CA VAL H 100 -19.51 12.22 -29.92
C VAL H 100 -20.09 13.62 -29.97
N VAL H 101 -19.79 14.44 -28.96
CA VAL H 101 -20.34 15.78 -28.87
C VAL H 101 -19.56 16.70 -29.80
N ALA H 102 -20.23 17.21 -30.83
CA ALA H 102 -19.65 18.15 -31.76
C ALA H 102 -20.65 19.25 -32.06
N PRO H 103 -20.17 20.47 -32.31
CA PRO H 103 -21.10 21.57 -32.57
C PRO H 103 -21.88 21.36 -33.85
N ASN H 104 -23.13 21.83 -33.86
CA ASN H 104 -23.94 21.73 -35.06
C ASN H 104 -23.47 22.70 -36.13
N LYS H 105 -23.16 23.93 -35.74
CA LYS H 105 -22.70 24.97 -36.66
C LYS H 105 -21.56 25.73 -36.00
N PRO H 106 -20.70 26.34 -36.80
CA PRO H 106 -19.57 27.09 -36.23
C PRO H 106 -20.07 28.22 -35.33
N ILE H 107 -19.32 28.49 -34.27
CA ILE H 107 -19.63 29.60 -33.37
C ILE H 107 -19.27 30.90 -34.08
N PRO H 108 -20.27 31.69 -34.50
CA PRO H 108 -19.97 33.02 -35.08
C PRO H 108 -19.73 34.03 -33.96
N PHE H 109 -18.49 34.43 -33.80
CA PHE H 109 -18.14 35.33 -32.70
C PHE H 109 -18.53 36.76 -33.05
N PRO H 110 -19.30 37.44 -32.21
CA PRO H 110 -19.67 38.83 -32.51
C PRO H 110 -18.46 39.74 -32.48
N VAL H 111 -18.67 41.04 -32.76
CA VAL H 111 -17.58 41.99 -32.69
C VAL H 111 -17.03 42.03 -31.27
N ALA H 112 -15.71 41.92 -31.14
CA ALA H 112 -15.09 41.87 -29.82
C ALA H 112 -15.23 43.21 -29.12
N SER H 113 -15.69 43.18 -27.87
CA SER H 113 -15.73 44.39 -27.08
C SER H 113 -14.34 44.96 -26.86
N ALA H 114 -13.38 44.10 -26.53
CA ALA H 114 -11.98 44.48 -26.39
C ALA H 114 -11.13 43.50 -27.19
N VAL H 115 -10.23 44.03 -28.01
CA VAL H 115 -9.37 43.23 -28.86
C VAL H 115 -7.94 43.40 -28.38
N THR H 116 -7.26 42.27 -28.15
CA THR H 116 -5.90 42.29 -27.62
C THR H 116 -4.99 41.41 -28.47
N GLU H 117 -3.78 41.16 -27.98
CA GLU H 117 -2.85 40.23 -28.62
C GLU H 117 -2.04 39.53 -27.55
N ILE H 118 -1.73 38.25 -27.77
CA ILE H 118 -0.92 37.47 -26.85
C ILE H 118 0.22 36.84 -27.64
N LYS H 119 1.45 37.01 -27.15
CA LYS H 119 2.62 36.45 -27.80
C LYS H 119 2.72 34.96 -27.50
N ALA H 120 3.30 34.21 -28.44
CA ALA H 120 3.40 32.77 -28.28
C ALA H 120 4.21 32.42 -27.04
N GLU H 121 5.34 33.08 -26.83
CA GLU H 121 6.14 32.81 -25.63
C GLU H 121 5.37 33.15 -24.38
N ASP H 122 4.64 34.27 -24.37
CA ASP H 122 3.87 34.66 -23.21
C ASP H 122 2.82 33.60 -22.88
N LEU H 123 2.11 33.12 -23.91
CA LEU H 123 1.06 32.13 -23.68
C LEU H 123 1.65 30.80 -23.22
N GLN H 124 2.77 30.39 -23.81
CA GLN H 124 3.41 29.15 -23.36
C GLN H 124 3.86 29.26 -21.91
N GLN H 125 4.46 30.40 -21.53
CA GLN H 125 4.87 30.58 -20.16
C GLN H 125 3.69 30.60 -19.21
N LEU H 126 2.58 31.21 -19.63
CA LEU H 126 1.37 31.21 -18.80
C LEU H 126 0.88 29.78 -18.59
N LEU H 127 0.82 29.00 -19.66
CA LEU H 127 0.35 27.61 -19.54
C LEU H 127 1.26 26.79 -18.64
N ARG H 128 2.58 26.95 -18.77
CA ARG H 128 3.49 26.20 -17.93
C ARG H 128 3.39 26.63 -16.47
N VAL H 129 3.34 27.94 -16.22
CA VAL H 129 3.24 28.43 -14.86
C VAL H 129 1.96 27.94 -14.21
N SER H 130 0.86 27.92 -14.95
CA SER H 130 -0.41 27.45 -14.40
C SER H 130 -0.25 26.09 -13.75
N ARG H 131 0.43 25.16 -14.44
CA ARG H 131 0.74 23.89 -13.82
C ARG H 131 1.71 24.07 -12.65
N GLY H 132 2.71 24.94 -12.82
CA GLY H 132 3.70 25.10 -11.77
C GLY H 132 3.14 25.70 -10.49
N LEU H 133 2.32 26.75 -10.61
CA LEU H 133 1.80 27.48 -9.47
C LEU H 133 0.44 26.99 -8.99
N GLN H 134 -0.17 26.03 -9.69
CA GLN H 134 -1.54 25.61 -9.40
C GLN H 134 -2.52 26.77 -9.64
N ILE H 135 -2.39 27.40 -10.80
CA ILE H 135 -3.26 28.50 -11.18
C ILE H 135 -4.54 27.94 -11.78
N ASP H 136 -5.58 27.79 -10.96
CA ASP H 136 -6.83 27.23 -11.45
C ASP H 136 -7.48 28.13 -12.49
N THR H 137 -7.52 29.44 -12.23
CA THR H 137 -8.21 30.38 -13.10
C THR H 137 -7.30 31.56 -13.41
N ILE H 138 -7.78 32.42 -14.32
CA ILE H 138 -7.11 33.65 -14.68
C ILE H 138 -8.16 34.73 -14.87
N ALA H 139 -7.71 35.93 -15.22
CA ALA H 139 -8.62 37.05 -15.38
C ALA H 139 -7.97 38.08 -16.29
N ILE H 140 -8.59 38.35 -17.44
CA ILE H 140 -8.05 39.32 -18.40
C ILE H 140 -8.61 40.68 -17.99
N THR H 141 -7.93 41.32 -17.05
CA THR H 141 -8.36 42.59 -16.46
C THR H 141 -7.48 43.71 -17.01
N VAL H 142 -7.85 44.95 -16.66
CA VAL H 142 -7.08 46.13 -17.01
C VAL H 142 -6.44 46.66 -15.74
N LYS H 143 -5.13 46.89 -15.78
CA LYS H 143 -4.39 47.44 -14.66
C LYS H 143 -3.56 48.62 -15.16
N GLU H 144 -3.89 49.82 -14.69
CA GLU H 144 -3.20 51.04 -15.09
C GLU H 144 -3.17 51.18 -16.61
N GLY H 145 -4.36 51.10 -17.21
CA GLY H 145 -4.49 51.29 -18.64
C GLY H 145 -3.74 50.27 -19.48
N LYS H 146 -3.80 49.00 -19.08
CA LYS H 146 -3.18 47.92 -19.84
C LYS H 146 -3.95 46.64 -19.60
N ILE H 147 -3.79 45.70 -20.52
CA ILE H 147 -4.45 44.40 -20.42
C ILE H 147 -3.50 43.44 -19.73
N VAL H 148 -3.96 42.85 -18.62
CA VAL H 148 -3.14 41.96 -17.82
C VAL H 148 -3.93 40.67 -17.55
N ILE H 149 -3.25 39.54 -17.63
CA ILE H 149 -3.83 38.24 -17.32
C ILE H 149 -3.33 37.86 -15.94
N ASN H 150 -4.20 38.00 -14.93
CA ASN H 150 -3.85 37.70 -13.56
C ASN H 150 -4.33 36.30 -13.22
N GLY H 151 -3.40 35.43 -12.80
CA GLY H 151 -3.75 34.07 -12.46
C GLY H 151 -3.97 33.91 -10.96
N PHE H 152 -5.06 33.23 -10.61
CA PHE H 152 -5.43 32.99 -9.23
C PHE H 152 -5.64 31.50 -9.01
N ASN H 153 -5.42 31.06 -7.77
CA ASN H 153 -5.67 29.67 -7.38
C ASN H 153 -7.03 29.61 -6.70
N LYS H 154 -8.08 29.51 -7.51
CA LYS H 154 -9.44 29.64 -7.00
C LYS H 154 -9.74 28.59 -5.94
N VAL H 155 -9.04 27.45 -5.96
CA VAL H 155 -9.30 26.42 -4.96
C VAL H 155 -8.92 26.93 -3.57
N GLU H 156 -7.88 27.74 -3.46
CA GLU H 156 -7.43 28.27 -2.18
C GLU H 156 -8.18 29.55 -1.81
N ASP H 157 -8.07 30.59 -2.63
CA ASP H 157 -8.79 31.84 -2.41
C ASP H 157 -9.95 31.90 -3.39
N SER H 158 -11.17 31.89 -2.84
CA SER H 158 -12.37 31.89 -3.68
C SER H 158 -12.69 33.29 -4.21
N ALA H 159 -12.36 34.34 -3.45
CA ALA H 159 -12.69 35.69 -3.86
C ALA H 159 -11.85 36.17 -5.04
N LEU H 160 -10.80 35.44 -5.42
CA LEU H 160 -9.91 35.84 -6.50
C LEU H 160 -9.28 37.19 -6.19
N THR H 161 -8.60 37.26 -5.04
CA THR H 161 -7.98 38.49 -4.56
C THR H 161 -6.47 38.49 -4.66
N ARG H 162 -5.82 37.33 -4.65
CA ARG H 162 -4.37 37.23 -4.65
C ARG H 162 -3.91 36.76 -6.03
N VAL H 163 -3.06 37.54 -6.67
CA VAL H 163 -2.57 37.23 -8.00
C VAL H 163 -1.26 36.46 -7.85
N LYS H 164 -1.31 35.15 -8.07
CA LYS H 164 -0.11 34.33 -8.04
C LYS H 164 0.73 34.45 -9.30
N TYR H 165 0.21 35.13 -10.33
CA TYR H 165 0.95 35.33 -11.56
C TYR H 165 0.28 36.43 -12.37
N SER H 166 1.06 37.44 -12.78
CA SER H 166 0.53 38.57 -13.52
C SER H 166 1.28 38.72 -14.83
N LEU H 167 0.55 38.72 -15.94
CA LEU H 167 1.12 38.89 -17.26
C LEU H 167 0.54 40.14 -17.90
N THR H 168 1.41 41.00 -18.41
CA THR H 168 0.99 42.23 -19.07
C THR H 168 1.03 42.00 -20.58
N LEU H 169 -0.11 42.22 -21.23
CA LEU H 169 -0.21 41.98 -22.66
C LEU H 169 0.07 43.23 -23.48
N GLY H 170 -0.58 44.33 -23.14
CA GLY H 170 -0.37 45.57 -23.87
C GLY H 170 -1.23 46.68 -23.31
N ASP H 171 -1.13 47.84 -23.94
CA ASP H 171 -1.91 49.00 -23.54
C ASP H 171 -3.33 48.90 -24.08
N TYR H 172 -4.31 49.22 -23.23
CA TYR H 172 -5.71 49.15 -23.60
C TYR H 172 -6.15 50.50 -24.14
N ASP H 173 -6.34 50.58 -25.46
CA ASP H 173 -6.73 51.84 -26.09
C ASP H 173 -8.09 52.31 -25.57
N GLY H 174 -9.04 51.40 -25.41
CA GLY H 174 -10.37 51.76 -24.96
C GLY H 174 -10.38 52.33 -23.56
N GLU H 175 -11.58 52.51 -23.00
CA GLU H 175 -11.73 53.11 -21.68
C GLU H 175 -12.64 52.31 -20.77
N ASN H 176 -13.03 51.10 -21.16
CA ASN H 176 -13.91 50.27 -20.34
C ASN H 176 -13.10 49.44 -19.35
N THR H 177 -13.78 49.00 -18.30
CA THR H 177 -13.18 48.20 -17.25
C THR H 177 -13.86 46.84 -17.18
N PHE H 178 -13.07 45.79 -17.04
CA PHE H 178 -13.62 44.43 -17.04
C PHE H 178 -12.68 43.52 -16.25
N ASN H 179 -13.25 42.41 -15.79
CA ASN H 179 -12.54 41.39 -15.02
C ASN H 179 -12.85 40.01 -15.56
N PHE H 180 -12.70 39.85 -16.87
CA PHE H 180 -13.00 38.58 -17.51
C PHE H 180 -12.22 37.45 -16.86
N ILE H 181 -12.93 36.39 -16.51
CA ILE H 181 -12.35 35.24 -15.81
C ILE H 181 -12.44 34.03 -16.73
N ILE H 182 -11.30 33.45 -17.05
CA ILE H 182 -11.21 32.28 -17.93
C ILE H 182 -10.56 31.16 -17.15
N ASN H 183 -11.27 30.06 -16.96
CA ASN H 183 -10.72 28.92 -16.24
C ASN H 183 -9.55 28.34 -17.01
N MET H 184 -8.50 27.95 -16.28
CA MET H 184 -7.32 27.36 -16.92
C MET H 184 -7.61 26.01 -17.56
N ALA H 185 -8.62 25.28 -17.09
CA ALA H 185 -8.94 24.01 -17.72
C ALA H 185 -9.44 24.18 -19.15
N ASN H 186 -9.83 25.38 -19.53
CA ASN H 186 -10.34 25.66 -20.87
C ASN H 186 -9.29 26.32 -21.77
N MET H 187 -8.04 26.41 -21.32
CA MET H 187 -6.98 27.05 -22.10
C MET H 187 -6.20 25.96 -22.82
N LYS H 188 -6.78 25.48 -23.93
CA LYS H 188 -6.21 24.38 -24.70
C LYS H 188 -5.56 24.85 -25.99
N MET H 189 -5.38 26.16 -26.17
CA MET H 189 -4.80 26.67 -27.40
C MET H 189 -3.38 26.13 -27.60
N GLN H 190 -3.07 25.80 -28.85
CA GLN H 190 -1.74 25.35 -29.19
C GLN H 190 -0.76 26.51 -29.19
N PRO H 191 0.54 26.23 -29.07
CA PRO H 191 1.52 27.33 -29.06
C PRO H 191 1.44 28.15 -30.34
N GLY H 192 1.59 29.46 -30.18
CA GLY H 192 1.54 30.37 -31.30
C GLY H 192 1.13 31.75 -30.84
N ASN H 193 1.05 32.66 -31.81
CA ASN H 193 0.64 34.03 -31.56
C ASN H 193 -0.86 34.13 -31.73
N TYR H 194 -1.54 34.68 -30.73
CA TYR H 194 -3.00 34.65 -30.68
C TYR H 194 -3.51 36.07 -30.46
N LYS H 195 -4.44 36.49 -31.31
CA LYS H 195 -5.05 37.82 -31.20
C LYS H 195 -6.40 37.70 -30.47
N LEU H 196 -6.29 37.37 -29.18
CA LEU H 196 -7.50 37.14 -28.39
C LEU H 196 -8.35 38.39 -28.36
N LEU H 197 -9.64 38.24 -28.62
CA LEU H 197 -10.58 39.35 -28.69
C LEU H 197 -11.80 38.99 -27.88
N LEU H 198 -11.98 39.66 -26.74
CA LEU H 198 -13.00 39.30 -25.78
C LEU H 198 -14.36 39.88 -26.18
N TRP H 199 -15.40 39.41 -25.50
CA TRP H 199 -16.76 39.89 -25.73
C TRP H 199 -17.67 39.43 -24.60
N ALA H 200 -18.45 40.35 -24.02
CA ALA H 200 -19.33 40.00 -22.91
C ALA H 200 -20.50 40.97 -22.91
N LYS H 201 -21.68 40.48 -23.26
CA LYS H 201 -22.92 41.25 -23.22
C LYS H 201 -23.82 40.70 -22.13
N GLY H 202 -24.27 41.58 -21.24
CA GLY H 202 -25.06 41.12 -20.11
C GLY H 202 -24.24 40.21 -19.22
N LYS H 203 -24.79 39.04 -18.92
CA LYS H 203 -24.13 38.06 -18.08
C LYS H 203 -23.47 36.93 -18.87
N GLN H 204 -23.42 37.05 -20.19
CA GLN H 204 -22.84 36.02 -21.05
C GLN H 204 -21.70 36.63 -21.85
N GLY H 205 -20.53 35.98 -21.81
CA GLY H 205 -19.37 36.45 -22.52
C GLY H 205 -18.53 35.30 -23.02
N ALA H 206 -17.59 35.62 -23.90
CA ALA H 206 -16.70 34.61 -24.46
C ALA H 206 -15.43 35.29 -24.94
N ALA H 207 -14.31 34.59 -24.80
CA ALA H 207 -13.02 35.07 -25.26
C ALA H 207 -12.54 34.20 -26.40
N LYS H 208 -12.18 34.83 -27.51
CA LYS H 208 -11.74 34.12 -28.70
C LYS H 208 -10.27 34.41 -28.97
N PHE H 209 -9.52 33.36 -29.31
CA PHE H 209 -8.09 33.46 -29.59
C PHE H 209 -7.88 33.20 -31.07
N GLU H 210 -8.00 34.25 -31.88
CA GLU H 210 -7.88 34.13 -33.32
C GLU H 210 -6.42 33.85 -33.67
N GLY H 211 -6.10 32.59 -33.93
CA GLY H 211 -4.74 32.20 -34.25
C GLY H 211 -4.53 32.01 -35.75
N GLU H 212 -3.27 31.73 -36.10
CA GLU H 212 -2.94 31.53 -37.51
C GLU H 212 -3.61 30.29 -38.06
N HIS H 213 -3.64 29.20 -37.28
CA HIS H 213 -4.23 27.94 -37.72
C HIS H 213 -5.64 27.75 -37.18
N ALA H 214 -5.81 27.80 -35.86
CA ALA H 214 -7.09 27.55 -35.22
C ALA H 214 -7.55 28.79 -34.46
N ASN H 215 -8.85 28.87 -34.23
CA ASN H 215 -9.47 30.01 -33.54
C ASN H 215 -10.27 29.47 -32.35
N TYR H 216 -9.59 29.31 -31.21
CA TYR H 216 -10.25 28.82 -30.01
C TYR H 216 -11.12 29.89 -29.39
N VAL H 217 -12.25 29.44 -28.83
CA VAL H 217 -13.18 30.31 -28.11
C VAL H 217 -13.40 29.70 -26.73
N VAL H 218 -13.25 30.52 -25.70
CA VAL H 218 -13.34 30.06 -24.32
C VAL H 218 -14.46 30.80 -23.61
N ALA H 219 -15.29 30.06 -22.88
CA ALA H 219 -16.40 30.66 -22.15
C ALA H 219 -15.89 31.36 -20.91
N LEU H 220 -16.23 32.63 -20.75
CA LEU H 220 -15.82 33.37 -19.57
C LEU H 220 -16.63 32.93 -18.37
N GLU H 221 -15.96 32.76 -17.23
CA GLU H 221 -16.63 32.28 -16.04
C GLU H 221 -17.73 33.26 -15.61
N ALA H 222 -18.58 32.79 -14.70
CA ALA H 222 -19.73 33.56 -14.28
C ALA H 222 -19.37 34.82 -13.51
N ASP H 223 -18.12 34.96 -13.06
CA ASP H 223 -17.71 36.08 -12.23
C ASP H 223 -17.09 37.21 -13.04
N SER H 224 -17.04 37.10 -14.36
CA SER H 224 -16.58 38.17 -15.21
C SER H 224 -17.67 39.22 -15.38
N THR H 225 -17.27 40.49 -15.46
CA THR H 225 -18.23 41.58 -15.43
C THR H 225 -18.30 42.37 -16.73
N HIS H 226 -17.19 42.98 -17.15
CA HIS H 226 -17.21 43.92 -18.28
C HIS H 226 -18.50 44.75 -18.28
N ASP H 227 -18.76 45.44 -17.17
CA ASP H 227 -19.99 46.21 -17.05
C ASP H 227 -20.00 47.44 -17.97
N PHE H 228 -18.87 47.75 -18.60
CA PHE H 228 -18.77 48.92 -19.48
C PHE H 228 -18.66 50.19 -18.64
PG AGS I . -24.25 -21.76 -14.07
S1G AGS I . -24.03 -20.08 -13.12
O2G AGS I . -23.20 -22.78 -13.53
O3G AGS I . -25.68 -22.30 -13.81
PB AGS I . -22.60 -21.31 -16.16
O1B AGS I . -22.34 -19.87 -16.32
O2B AGS I . -21.65 -21.99 -15.18
O3B AGS I . -24.06 -21.56 -15.60
PA AGS I . -23.63 -22.26 -18.53
O1A AGS I . -24.92 -21.99 -17.88
O2A AGS I . -23.35 -21.38 -19.75
O3A AGS I . -22.40 -22.06 -17.55
O5' AGS I . -23.60 -23.79 -18.95
C5' AGS I . -23.29 -24.14 -20.31
C4' AGS I . -23.50 -25.62 -20.50
O4' AGS I . -24.64 -26.04 -19.71
C3' AGS I . -23.80 -26.04 -21.93
O3' AGS I . -23.26 -27.33 -22.22
C2' AGS I . -25.32 -26.09 -21.96
O2' AGS I . -25.83 -26.99 -22.94
C1' AGS I . -25.64 -26.58 -20.55
N9 AGS I . -26.94 -26.16 -20.05
C8 AGS I . -27.22 -25.57 -18.85
N7 AGS I . -28.49 -25.30 -18.67
C5 AGS I . -29.08 -25.76 -19.84
C6 AGS I . -30.43 -25.77 -20.27
N6 AGS I . -31.44 -25.30 -19.56
N1 AGS I . -30.68 -26.29 -21.49
C2 AGS I . -29.66 -26.77 -22.21
N3 AGS I . -28.37 -26.81 -21.91
C4 AGS I . -28.14 -26.28 -20.69
HOG2 AGS I . -23.29 -23.55 -13.96
H5'1 AGS I . -23.88 -23.66 -20.92
H5'2 AGS I . -22.37 -23.91 -20.51
H4' AGS I . -22.72 -26.09 -20.19
H3' AGS I . -23.47 -25.38 -22.56
HO3' AGS I . -23.28 -27.47 -23.10
H2' AGS I . -25.70 -25.19 -22.10
HO2' AGS I . -25.51 -27.81 -22.76
H1' AGS I . -25.58 -27.55 -20.54
H8 AGS I . -26.54 -25.36 -18.19
HN61 AGS I . -31.29 -24.83 -18.79
HN62 AGS I . -32.30 -25.44 -19.82
H2 AGS I . -29.90 -27.13 -23.08
MG MG J . -22.10 -18.10 -14.70
PG AGS K . 5.18 15.16 36.03
S1G AGS K . 3.36 14.50 36.23
O2G AGS K . 5.74 14.74 34.65
O3G AGS K . 6.07 14.59 37.16
PB AGS K . 6.31 17.52 35.34
O1B AGS K . 7.45 17.81 36.23
O2B AGS K . 6.70 16.64 34.14
O3B AGS K . 5.18 16.72 36.11
PA AGS K . 6.59 19.68 33.72
O1A AGS K . 6.47 19.16 32.35
O2A AGS K . 8.02 19.64 34.29
O3A AGS K . 5.72 18.85 34.74
O5' AGS K . 6.00 21.14 33.74
C5' AGS K . 5.75 21.87 32.53
C4' AGS K . 4.60 22.82 32.79
O4' AGS K . 4.51 23.06 34.21
C3' AGS K . 4.71 24.18 32.14
O3' AGS K . 3.44 24.71 31.83
C2' AGS K . 5.44 25.01 33.20
O2' AGS K . 5.07 26.38 33.14
C1' AGS K . 4.92 24.39 34.50
N9 AGS K . 5.93 24.32 35.56
C8 AGS K . 6.31 23.21 36.25
N7 AGS K . 7.25 23.45 37.15
C5 AGS K . 7.49 24.80 37.02
C6 AGS K . 8.37 25.67 37.70
N6 AGS K . 9.21 25.28 38.66
N1 AGS K . 8.36 26.98 37.34
C2 AGS K . 7.53 27.36 36.37
N3 AGS K . 6.65 26.64 35.67
C4 AGS K . 6.69 25.36 36.04
HOG2 AGS K . 5.56 13.88 34.51
H21 AGS K . 6.23 15.23 37.75
H5'1 AGS K . 6.54 22.38 32.27
H5'2 AGS K . 5.50 21.25 31.81
H4' AGS K . 3.78 22.39 32.49
H3' AGS K . 5.26 24.13 31.33
HO3' AGS K . 3.49 25.23 31.11
H2' AGS K . 6.40 24.91 33.13
HO2' AGS K . 4.90 26.69 33.96
H1' AGS K . 4.16 24.90 34.82
H8 AGS K . 5.93 22.34 36.11
HN61 AGS K . 8.89 24.80 39.36
HN62 AGS K . 10.09 25.50 38.62
H2 AGS K . 7.57 28.31 36.15
MG MG L . 7.44 15.21 33.01
#